data_2YUM
#
_entry.id   2YUM
#
_entity_poly.entity_id   1
_entity_poly.type   'polypeptide(L)'
_entity_poly.pdbx_seq_one_letter_code
;GSSGSSGNQLWTVEEQKKLEQLLIKYPPEEVESRRWQKIADELGNRTAKQVASQVQKYFIKLTKAGIPVSGPSSG
;
_entity_poly.pdbx_strand_id   A
#
# COMPACT_ATOMS: atom_id res chain seq x y z
N GLY A 1 -11.41 -16.74 2.24
CA GLY A 1 -12.19 -16.05 1.24
C GLY A 1 -11.36 -15.61 0.04
N SER A 2 -10.98 -14.35 0.03
CA SER A 2 -10.18 -13.80 -1.06
C SER A 2 -9.14 -14.82 -1.53
N SER A 3 -8.30 -15.27 -0.61
CA SER A 3 -7.26 -16.24 -0.94
C SER A 3 -6.46 -15.79 -2.16
N GLY A 4 -6.15 -14.49 -2.22
CA GLY A 4 -5.39 -13.96 -3.33
C GLY A 4 -6.26 -13.72 -4.55
N SER A 5 -5.79 -12.84 -5.43
CA SER A 5 -6.54 -12.51 -6.65
C SER A 5 -5.59 -12.15 -7.79
N SER A 6 -6.15 -11.93 -8.98
CA SER A 6 -5.35 -11.58 -10.14
C SER A 6 -5.17 -10.07 -10.25
N GLY A 7 -4.41 -9.64 -11.24
CA GLY A 7 -4.17 -8.22 -11.43
C GLY A 7 -3.19 -7.94 -12.55
N ASN A 8 -3.51 -6.95 -13.38
CA ASN A 8 -2.65 -6.58 -14.50
C ASN A 8 -1.35 -5.96 -14.01
N GLN A 9 -1.46 -4.95 -13.15
CA GLN A 9 -0.29 -4.27 -12.62
C GLN A 9 -0.41 -4.12 -11.09
N LEU A 10 -0.90 -5.17 -10.44
CA LEU A 10 -1.05 -5.15 -8.99
C LEU A 10 0.11 -5.84 -8.30
N TRP A 11 0.34 -5.50 -7.04
CA TRP A 11 1.43 -6.09 -6.27
C TRP A 11 1.42 -7.61 -6.39
N THR A 12 2.46 -8.25 -5.86
CA THR A 12 2.58 -9.69 -5.91
C THR A 12 2.64 -10.29 -4.51
N VAL A 13 2.00 -11.44 -4.33
CA VAL A 13 1.99 -12.12 -3.04
C VAL A 13 3.31 -11.92 -2.30
N GLU A 14 4.42 -12.11 -3.02
CA GLU A 14 5.74 -11.94 -2.43
C GLU A 14 5.85 -10.61 -1.69
N GLU A 15 5.55 -9.53 -2.40
CA GLU A 15 5.62 -8.19 -1.80
C GLU A 15 4.49 -7.99 -0.79
N GLN A 16 3.26 -8.25 -1.23
CA GLN A 16 2.10 -8.10 -0.36
C GLN A 16 2.43 -8.50 1.07
N LYS A 17 2.83 -9.75 1.25
CA LYS A 17 3.18 -10.26 2.57
C LYS A 17 4.33 -9.46 3.18
N LYS A 18 5.31 -9.13 2.36
CA LYS A 18 6.47 -8.36 2.82
C LYS A 18 6.03 -7.05 3.44
N LEU A 19 5.34 -6.22 2.66
CA LEU A 19 4.86 -4.93 3.14
C LEU A 19 4.14 -5.08 4.48
N GLU A 20 3.08 -5.89 4.48
CA GLU A 20 2.30 -6.12 5.69
C GLU A 20 3.20 -6.17 6.92
N GLN A 21 4.28 -6.95 6.82
CA GLN A 21 5.21 -7.09 7.93
C GLN A 21 5.94 -5.77 8.20
N LEU A 22 6.64 -5.27 7.18
CA LEU A 22 7.37 -4.02 7.31
C LEU A 22 6.52 -2.95 7.98
N LEU A 23 5.23 -2.94 7.65
CA LEU A 23 4.31 -1.97 8.23
C LEU A 23 4.38 -1.98 9.75
N ILE A 24 4.37 -3.17 10.34
CA ILE A 24 4.45 -3.31 11.79
C ILE A 24 5.79 -2.84 12.31
N LYS A 25 6.87 -3.32 11.69
CA LYS A 25 8.22 -2.95 12.09
C LYS A 25 8.42 -1.44 11.99
N TYR A 26 7.79 -0.83 11.00
CA TYR A 26 7.90 0.62 10.79
C TYR A 26 6.63 1.33 11.24
N PRO A 27 6.62 1.78 12.50
CA PRO A 27 5.48 2.49 13.08
C PRO A 27 5.29 3.88 12.47
N PRO A 28 4.15 4.51 12.79
CA PRO A 28 3.82 5.85 12.29
C PRO A 28 4.71 6.93 12.89
N GLU A 29 4.72 8.10 12.27
CA GLU A 29 5.53 9.22 12.74
C GLU A 29 4.98 10.55 12.23
N GLU A 30 5.62 11.64 12.64
CA GLU A 30 5.19 12.97 12.22
C GLU A 30 5.14 13.07 10.69
N VAL A 31 6.18 12.59 10.03
CA VAL A 31 6.25 12.61 8.58
C VAL A 31 5.94 11.25 7.98
N GLU A 32 4.87 11.19 7.18
CA GLU A 32 4.46 9.95 6.55
C GLU A 32 5.37 9.61 5.37
N SER A 33 5.94 10.64 4.76
CA SER A 33 6.82 10.47 3.61
C SER A 33 8.06 9.66 4.00
N ARG A 34 8.79 10.16 5.00
CA ARG A 34 10.00 9.49 5.47
C ARG A 34 9.71 8.04 5.84
N ARG A 35 8.52 7.80 6.36
CA ARG A 35 8.11 6.46 6.76
C ARG A 35 8.17 5.49 5.57
N TRP A 36 7.47 5.85 4.50
CA TRP A 36 7.44 5.01 3.31
C TRP A 36 8.83 4.81 2.75
N GLN A 37 9.65 5.87 2.80
CA GLN A 37 11.01 5.80 2.30
C GLN A 37 11.78 4.66 2.94
N LYS A 38 11.60 4.51 4.25
CA LYS A 38 12.28 3.45 5.00
C LYS A 38 11.84 2.07 4.49
N ILE A 39 10.55 1.81 4.53
CA ILE A 39 10.00 0.53 4.08
C ILE A 39 10.45 0.22 2.66
N ALA A 40 10.21 1.15 1.74
CA ALA A 40 10.60 0.97 0.35
C ALA A 40 12.05 0.51 0.24
N ASP A 41 12.94 1.19 0.95
CA ASP A 41 14.36 0.84 0.94
C ASP A 41 14.56 -0.66 1.16
N GLU A 42 13.82 -1.20 2.12
CA GLU A 42 13.92 -2.63 2.43
C GLU A 42 13.45 -3.48 1.25
N LEU A 43 12.29 -3.14 0.71
CA LEU A 43 11.73 -3.86 -0.42
C LEU A 43 12.74 -3.95 -1.56
N GLY A 44 13.36 -2.83 -1.88
CA GLY A 44 14.34 -2.79 -2.95
C GLY A 44 13.70 -2.60 -4.31
N ASN A 45 12.58 -3.27 -4.56
CA ASN A 45 11.87 -3.17 -5.82
C ASN A 45 10.90 -2.00 -5.80
N ARG A 46 10.08 -1.94 -4.76
CA ARG A 46 9.08 -0.88 -4.62
C ARG A 46 9.75 0.43 -4.20
N THR A 47 9.01 1.53 -4.29
CA THR A 47 9.53 2.84 -3.93
C THR A 47 8.60 3.54 -2.94
N ALA A 48 9.15 4.49 -2.19
CA ALA A 48 8.36 5.24 -1.22
C ALA A 48 6.95 5.49 -1.72
N LYS A 49 6.84 6.11 -2.90
CA LYS A 49 5.54 6.40 -3.49
C LYS A 49 4.71 5.12 -3.63
N GLN A 50 5.17 4.22 -4.49
CA GLN A 50 4.46 2.97 -4.72
C GLN A 50 3.94 2.39 -3.41
N VAL A 51 4.76 2.47 -2.36
CA VAL A 51 4.39 1.95 -1.05
C VAL A 51 3.30 2.81 -0.42
N ALA A 52 3.43 4.12 -0.56
CA ALA A 52 2.45 5.06 0.00
C ALA A 52 1.04 4.75 -0.52
N SER A 53 0.89 4.71 -1.84
CA SER A 53 -0.40 4.43 -2.46
C SER A 53 -0.97 3.11 -1.96
N GLN A 54 -0.11 2.09 -1.91
CA GLN A 54 -0.52 0.77 -1.46
C GLN A 54 -1.14 0.84 -0.06
N VAL A 55 -0.47 1.55 0.83
CA VAL A 55 -0.94 1.70 2.21
C VAL A 55 -2.38 2.21 2.24
N GLN A 56 -2.68 3.16 1.35
CA GLN A 56 -4.02 3.73 1.28
C GLN A 56 -5.07 2.64 1.10
N LYS A 57 -4.84 1.76 0.13
CA LYS A 57 -5.77 0.66 -0.15
C LYS A 57 -5.51 -0.51 0.78
N TYR A 58 -4.84 -0.24 1.90
CA TYR A 58 -4.53 -1.28 2.87
C TYR A 58 -5.20 -1.00 4.21
N PHE A 59 -5.24 0.29 4.58
CA PHE A 59 -5.84 0.70 5.84
C PHE A 59 -7.21 1.35 5.60
N ILE A 60 -7.29 2.20 4.59
CA ILE A 60 -8.52 2.88 4.25
C ILE A 60 -9.55 1.91 3.66
N LYS A 61 -9.05 0.91 2.93
CA LYS A 61 -9.92 -0.08 2.31
C LYS A 61 -10.30 -1.17 3.32
N LEU A 62 -10.57 -0.75 4.55
CA LEU A 62 -10.94 -1.69 5.60
C LEU A 62 -12.17 -1.19 6.36
N THR A 63 -12.28 0.13 6.49
CA THR A 63 -13.41 0.75 7.19
C THR A 63 -14.71 0.52 6.43
N LYS A 64 -15.20 -0.72 6.47
CA LYS A 64 -16.44 -1.07 5.78
C LYS A 64 -16.60 -0.27 4.50
N ALA A 65 -15.49 -0.02 3.81
CA ALA A 65 -15.51 0.73 2.57
C ALA A 65 -16.45 1.93 2.66
N GLY A 66 -16.31 2.69 3.73
CA GLY A 66 -17.16 3.86 3.93
C GLY A 66 -16.51 5.13 3.42
N ILE A 67 -15.17 5.16 3.45
CA ILE A 67 -14.44 6.34 3.00
C ILE A 67 -14.24 6.32 1.48
N PRO A 68 -14.40 7.49 0.85
CA PRO A 68 -14.25 7.63 -0.60
C PRO A 68 -12.80 7.48 -1.05
N VAL A 69 -12.55 6.49 -1.89
CA VAL A 69 -11.20 6.23 -2.40
C VAL A 69 -11.05 6.74 -3.83
N SER A 70 -12.14 6.72 -4.58
CA SER A 70 -12.12 7.18 -5.97
C SER A 70 -13.45 7.83 -6.34
N GLY A 71 -13.46 8.55 -7.46
CA GLY A 71 -14.67 9.21 -7.91
C GLY A 71 -14.84 9.15 -9.41
N PRO A 72 -14.38 10.21 -10.11
CA PRO A 72 -14.48 10.29 -11.57
C PRO A 72 -13.56 9.30 -12.27
N SER A 73 -14.12 8.16 -12.67
CA SER A 73 -13.35 7.12 -13.35
C SER A 73 -14.18 6.43 -14.43
N SER A 74 -13.55 5.54 -15.17
CA SER A 74 -14.23 4.81 -16.24
C SER A 74 -13.47 3.54 -16.61
N GLY A 75 -14.03 2.77 -17.54
CA GLY A 75 -13.39 1.54 -17.96
C GLY A 75 -13.91 0.33 -17.21
N GLY A 1 -14.18 -12.70 -7.24
CA GLY A 1 -14.22 -11.91 -8.45
C GLY A 1 -13.23 -10.77 -8.44
N SER A 2 -12.12 -10.94 -9.13
CA SER A 2 -11.08 -9.93 -9.18
C SER A 2 -11.01 -9.30 -10.57
N SER A 3 -11.15 -7.98 -10.63
CA SER A 3 -11.11 -7.24 -11.89
C SER A 3 -9.84 -6.42 -11.99
N GLY A 4 -9.54 -5.95 -13.21
CA GLY A 4 -8.36 -5.15 -13.42
C GLY A 4 -8.55 -3.69 -13.04
N SER A 5 -7.75 -3.21 -12.10
CA SER A 5 -7.85 -1.83 -11.64
C SER A 5 -6.88 -0.93 -12.41
N SER A 6 -5.59 -1.23 -12.28
CA SER A 6 -4.56 -0.45 -12.96
C SER A 6 -3.77 -1.32 -13.93
N GLY A 7 -3.33 -0.72 -15.03
CA GLY A 7 -2.58 -1.45 -16.03
C GLY A 7 -1.16 -1.75 -15.57
N ASN A 8 -0.48 -0.73 -15.04
CA ASN A 8 0.89 -0.89 -14.57
C ASN A 8 1.01 -2.11 -13.67
N GLN A 9 2.18 -2.75 -13.70
CA GLN A 9 2.42 -3.94 -12.88
C GLN A 9 1.84 -3.77 -11.48
N LEU A 10 1.33 -4.86 -10.92
CA LEU A 10 0.75 -4.83 -9.58
C LEU A 10 1.68 -5.47 -8.56
N TRP A 11 1.47 -5.15 -7.30
CA TRP A 11 2.29 -5.70 -6.22
C TRP A 11 2.27 -7.23 -6.25
N THR A 12 3.45 -7.83 -6.19
CA THR A 12 3.56 -9.29 -6.20
C THR A 12 3.24 -9.88 -4.84
N VAL A 13 3.02 -11.19 -4.80
CA VAL A 13 2.70 -11.88 -3.55
C VAL A 13 3.81 -11.70 -2.53
N GLU A 14 5.05 -11.71 -3.00
CA GLU A 14 6.21 -11.55 -2.12
C GLU A 14 6.21 -10.18 -1.45
N GLU A 15 5.83 -9.16 -2.23
CA GLU A 15 5.78 -7.80 -1.71
C GLU A 15 4.56 -7.59 -0.81
N GLN A 16 3.39 -8.00 -1.31
CA GLN A 16 2.15 -7.86 -0.56
C GLN A 16 2.33 -8.36 0.87
N LYS A 17 2.89 -9.56 1.00
CA LYS A 17 3.11 -10.16 2.31
C LYS A 17 4.17 -9.39 3.09
N LYS A 18 5.30 -9.14 2.46
CA LYS A 18 6.39 -8.40 3.09
C LYS A 18 5.90 -7.07 3.63
N LEU A 19 5.46 -6.19 2.73
CA LEU A 19 4.96 -4.87 3.12
C LEU A 19 4.21 -4.94 4.45
N GLU A 20 3.23 -5.84 4.53
CA GLU A 20 2.45 -6.02 5.74
C GLU A 20 3.36 -6.08 6.97
N GLN A 21 4.36 -6.96 6.91
CA GLN A 21 5.28 -7.12 8.02
C GLN A 21 6.04 -5.82 8.30
N LEU A 22 6.47 -5.16 7.23
CA LEU A 22 7.20 -3.90 7.36
C LEU A 22 6.36 -2.84 8.06
N LEU A 23 5.18 -2.57 7.51
CA LEU A 23 4.28 -1.57 8.09
C LEU A 23 4.36 -1.59 9.61
N ILE A 24 4.18 -2.77 10.20
CA ILE A 24 4.25 -2.91 11.65
C ILE A 24 5.65 -2.63 12.17
N LYS A 25 6.65 -3.24 11.53
CA LYS A 25 8.04 -3.05 11.93
C LYS A 25 8.34 -1.58 12.17
N TYR A 26 8.08 -0.75 11.16
CA TYR A 26 8.33 0.68 11.25
C TYR A 26 7.12 1.40 11.86
N PRO A 27 7.35 2.11 12.97
CA PRO A 27 6.31 2.86 13.68
C PRO A 27 5.84 4.07 12.89
N PRO A 28 4.57 4.46 13.09
CA PRO A 28 3.97 5.61 12.40
C PRO A 28 4.55 6.94 12.88
N GLU A 29 4.38 7.98 12.07
CA GLU A 29 4.88 9.30 12.42
C GLU A 29 4.20 10.38 11.58
N GLU A 30 4.24 11.61 12.08
CA GLU A 30 3.62 12.74 11.37
C GLU A 30 3.99 12.71 9.89
N VAL A 31 5.28 12.57 9.60
CA VAL A 31 5.76 12.54 8.23
C VAL A 31 5.75 11.11 7.69
N GLU A 32 4.79 10.82 6.82
CA GLU A 32 4.67 9.50 6.22
C GLU A 32 5.65 9.33 5.07
N SER A 33 5.95 10.43 4.39
CA SER A 33 6.87 10.41 3.26
C SER A 33 8.19 9.74 3.65
N ARG A 34 8.69 10.07 4.83
CA ARG A 34 9.94 9.50 5.32
C ARG A 34 9.74 8.06 5.77
N ARG A 35 8.56 7.77 6.31
CA ARG A 35 8.23 6.43 6.79
C ARG A 35 8.27 5.43 5.63
N TRP A 36 7.61 5.77 4.54
CA TRP A 36 7.56 4.90 3.37
C TRP A 36 8.96 4.62 2.84
N GLN A 37 9.77 5.69 2.73
CA GLN A 37 11.13 5.56 2.22
C GLN A 37 11.86 4.40 2.91
N LYS A 38 11.77 4.36 4.24
CA LYS A 38 12.41 3.31 5.01
C LYS A 38 11.91 1.94 4.61
N ILE A 39 10.59 1.79 4.55
CA ILE A 39 9.98 0.52 4.16
C ILE A 39 10.44 0.10 2.77
N ALA A 40 10.26 0.99 1.80
CA ALA A 40 10.66 0.71 0.42
C ALA A 40 12.06 0.09 0.37
N ASP A 41 13.01 0.74 1.03
CA ASP A 41 14.39 0.25 1.05
C ASP A 41 14.42 -1.27 1.20
N GLU A 42 13.70 -1.77 2.20
CA GLU A 42 13.65 -3.21 2.45
C GLU A 42 13.11 -3.95 1.23
N LEU A 43 11.91 -3.59 0.80
CA LEU A 43 11.28 -4.22 -0.35
C LEU A 43 12.25 -4.28 -1.53
N GLY A 44 12.70 -3.12 -1.99
CA GLY A 44 13.62 -3.08 -3.11
C GLY A 44 12.91 -2.88 -4.44
N ASN A 45 11.75 -3.52 -4.58
CA ASN A 45 10.98 -3.42 -5.82
C ASN A 45 10.12 -2.16 -5.82
N ARG A 46 9.36 -1.97 -4.74
CA ARG A 46 8.49 -0.81 -4.62
C ARG A 46 9.26 0.39 -4.06
N THR A 47 8.73 1.59 -4.31
CA THR A 47 9.37 2.81 -3.84
C THR A 47 8.47 3.56 -2.87
N ALA A 48 9.05 4.49 -2.11
CA ALA A 48 8.31 5.27 -1.14
C ALA A 48 6.91 5.62 -1.68
N LYS A 49 6.87 6.30 -2.82
CA LYS A 49 5.60 6.68 -3.43
C LYS A 49 4.70 5.47 -3.63
N GLN A 50 5.11 4.58 -4.54
CA GLN A 50 4.34 3.38 -4.83
C GLN A 50 3.82 2.74 -3.54
N VAL A 51 4.62 2.85 -2.48
CA VAL A 51 4.24 2.28 -1.18
C VAL A 51 3.12 3.08 -0.54
N ALA A 52 3.19 4.40 -0.67
CA ALA A 52 2.18 5.28 -0.10
C ALA A 52 0.78 4.89 -0.58
N SER A 53 0.64 4.75 -1.90
CA SER A 53 -0.65 4.39 -2.49
C SER A 53 -1.14 3.05 -1.94
N GLN A 54 -0.22 2.10 -1.84
CA GLN A 54 -0.56 0.77 -1.33
C GLN A 54 -1.15 0.85 0.08
N VAL A 55 -0.45 1.57 0.95
CA VAL A 55 -0.90 1.73 2.33
C VAL A 55 -2.35 2.19 2.39
N GLN A 56 -2.75 3.00 1.41
CA GLN A 56 -4.11 3.51 1.35
C GLN A 56 -5.12 2.37 1.20
N LYS A 57 -4.82 1.44 0.30
CA LYS A 57 -5.69 0.30 0.06
C LYS A 57 -5.41 -0.81 1.07
N TYR A 58 -4.88 -0.44 2.22
CA TYR A 58 -4.56 -1.42 3.26
C TYR A 58 -5.27 -1.07 4.57
N PHE A 59 -5.40 0.23 4.83
CA PHE A 59 -6.06 0.70 6.04
C PHE A 59 -7.41 1.32 5.73
N ILE A 60 -7.44 2.15 4.68
CA ILE A 60 -8.68 2.81 4.27
C ILE A 60 -9.65 1.81 3.65
N LYS A 61 -9.21 1.14 2.60
CA LYS A 61 -10.04 0.16 1.91
C LYS A 61 -10.94 -0.58 2.89
N LEU A 62 -10.43 -0.81 4.11
CA LEU A 62 -11.19 -1.50 5.14
C LEU A 62 -12.61 -0.95 5.22
N THR A 63 -12.71 0.37 5.41
CA THR A 63 -14.02 1.02 5.51
C THR A 63 -14.86 0.76 4.27
N LYS A 64 -14.19 0.61 3.13
CA LYS A 64 -14.89 0.36 1.87
C LYS A 64 -13.91 -0.12 0.80
N ALA A 65 -14.34 -1.09 0.00
CA ALA A 65 -13.50 -1.64 -1.06
C ALA A 65 -13.69 -0.86 -2.35
N GLY A 66 -14.94 -0.54 -2.67
CA GLY A 66 -15.23 0.20 -3.88
C GLY A 66 -14.96 1.68 -3.74
N ILE A 67 -13.76 2.02 -3.27
CA ILE A 67 -13.38 3.42 -3.08
C ILE A 67 -12.63 3.95 -4.29
N PRO A 68 -12.96 5.20 -4.69
CA PRO A 68 -12.32 5.85 -5.84
C PRO A 68 -10.86 6.21 -5.57
N VAL A 69 -9.98 5.78 -6.47
CA VAL A 69 -8.55 6.06 -6.33
C VAL A 69 -8.12 7.18 -7.26
N SER A 70 -7.20 8.01 -6.79
CA SER A 70 -6.70 9.13 -7.58
C SER A 70 -6.19 8.66 -8.95
N GLY A 71 -5.46 7.55 -8.93
CA GLY A 71 -4.93 7.01 -10.17
C GLY A 71 -3.70 7.76 -10.66
N PRO A 72 -2.76 7.05 -11.29
CA PRO A 72 -1.53 7.64 -11.82
C PRO A 72 -1.78 8.54 -13.02
N SER A 73 -0.73 9.21 -13.48
CA SER A 73 -0.84 10.11 -14.61
C SER A 73 -0.47 9.40 -15.91
N SER A 74 0.73 8.83 -15.95
CA SER A 74 1.20 8.13 -17.13
C SER A 74 1.66 6.72 -16.77
N GLY A 75 1.85 5.88 -17.79
CA GLY A 75 2.29 4.52 -17.56
C GLY A 75 1.89 3.59 -18.69
N GLY A 1 -13.84 -1.03 -16.86
CA GLY A 1 -13.91 -0.38 -15.56
C GLY A 1 -13.18 0.95 -15.54
N SER A 2 -11.90 0.92 -15.89
CA SER A 2 -11.08 2.12 -15.90
C SER A 2 -10.20 2.17 -17.15
N SER A 3 -10.21 3.31 -17.82
CA SER A 3 -9.41 3.49 -19.04
C SER A 3 -8.15 4.28 -18.75
N GLY A 4 -7.05 3.56 -18.50
CA GLY A 4 -5.78 4.22 -18.20
C GLY A 4 -4.77 3.26 -17.62
N SER A 5 -4.63 2.09 -18.25
CA SER A 5 -3.69 1.09 -17.77
C SER A 5 -2.68 0.73 -18.87
N SER A 6 -1.52 1.38 -18.84
CA SER A 6 -0.48 1.13 -19.83
C SER A 6 0.16 -0.23 -19.62
N GLY A 7 0.60 -0.50 -18.39
CA GLY A 7 1.22 -1.77 -18.09
C GLY A 7 2.22 -1.67 -16.94
N ASN A 8 1.72 -1.35 -15.76
CA ASN A 8 2.58 -1.22 -14.59
C ASN A 8 2.78 -2.57 -13.91
N GLN A 9 3.86 -2.68 -13.13
CA GLN A 9 4.17 -3.92 -12.43
C GLN A 9 3.26 -4.10 -11.22
N LEU A 10 2.73 -5.31 -11.06
CA LEU A 10 1.83 -5.61 -9.94
C LEU A 10 2.60 -6.27 -8.81
N TRP A 11 2.07 -6.13 -7.59
CA TRP A 11 2.71 -6.73 -6.42
C TRP A 11 2.57 -8.25 -6.44
N THR A 12 3.57 -8.93 -5.89
CA THR A 12 3.57 -10.39 -5.84
C THR A 12 3.39 -10.89 -4.42
N VAL A 13 2.84 -12.10 -4.28
CA VAL A 13 2.63 -12.70 -2.97
C VAL A 13 3.77 -12.38 -2.02
N GLU A 14 5.00 -12.52 -2.51
CA GLU A 14 6.19 -12.26 -1.71
C GLU A 14 6.17 -10.82 -1.18
N GLU A 15 5.93 -9.87 -2.08
CA GLU A 15 5.89 -8.47 -1.70
C GLU A 15 4.70 -8.17 -0.79
N GLN A 16 3.50 -8.52 -1.27
CA GLN A 16 2.28 -8.29 -0.50
C GLN A 16 2.52 -8.55 0.98
N LYS A 17 2.96 -9.76 1.31
CA LYS A 17 3.22 -10.14 2.69
C LYS A 17 4.33 -9.28 3.28
N LYS A 18 5.38 -9.04 2.50
CA LYS A 18 6.51 -8.23 2.94
C LYS A 18 6.03 -6.88 3.46
N LEU A 19 5.35 -6.13 2.58
CA LEU A 19 4.84 -4.82 2.95
C LEU A 19 4.06 -4.87 4.25
N GLU A 20 3.19 -5.87 4.36
CA GLU A 20 2.37 -6.04 5.56
C GLU A 20 3.24 -6.06 6.82
N GLN A 21 4.22 -6.95 6.83
CA GLN A 21 5.13 -7.08 7.97
C GLN A 21 5.87 -5.77 8.22
N LEU A 22 6.54 -5.27 7.19
CA LEU A 22 7.29 -4.01 7.30
C LEU A 22 6.44 -2.94 7.96
N LEU A 23 5.22 -2.77 7.47
CA LEU A 23 4.31 -1.76 8.01
C LEU A 23 4.39 -1.72 9.54
N ILE A 24 4.27 -2.89 10.15
CA ILE A 24 4.32 -2.99 11.61
C ILE A 24 5.75 -2.75 12.12
N LYS A 25 6.71 -3.39 11.47
CA LYS A 25 8.11 -3.25 11.86
C LYS A 25 8.46 -1.79 12.12
N TYR A 26 8.01 -0.90 11.23
CA TYR A 26 8.27 0.52 11.37
C TYR A 26 7.08 1.24 11.98
N PRO A 27 7.31 1.96 13.09
CA PRO A 27 6.27 2.70 13.80
C PRO A 27 5.79 3.91 13.00
N PRO A 28 4.55 4.34 13.26
CA PRO A 28 3.94 5.48 12.58
C PRO A 28 4.58 6.81 13.01
N GLU A 29 4.50 7.80 12.13
CA GLU A 29 5.07 9.11 12.41
C GLU A 29 4.30 10.21 11.68
N GLU A 30 4.48 11.45 12.13
CA GLU A 30 3.81 12.58 11.51
C GLU A 30 4.09 12.64 10.02
N VAL A 31 5.37 12.54 9.66
CA VAL A 31 5.77 12.58 8.26
C VAL A 31 5.76 11.19 7.65
N GLU A 32 4.58 10.77 7.17
CA GLU A 32 4.44 9.46 6.55
C GLU A 32 5.45 9.27 5.43
N SER A 33 5.77 10.35 4.73
CA SER A 33 6.72 10.30 3.63
C SER A 33 7.93 9.45 3.99
N ARG A 34 8.57 9.78 5.12
CA ARG A 34 9.74 9.05 5.57
C ARG A 34 9.40 7.58 5.79
N ARG A 35 8.41 7.32 6.63
CA ARG A 35 7.99 5.95 6.93
C ARG A 35 8.00 5.10 5.66
N TRP A 36 7.40 5.64 4.60
CA TRP A 36 7.34 4.93 3.33
C TRP A 36 8.73 4.73 2.72
N GLN A 37 9.54 5.78 2.78
CA GLN A 37 10.90 5.72 2.24
C GLN A 37 11.67 4.55 2.85
N LYS A 38 11.55 4.40 4.17
CA LYS A 38 12.24 3.33 4.88
C LYS A 38 11.74 1.96 4.41
N ILE A 39 10.44 1.75 4.50
CA ILE A 39 9.84 0.48 4.08
C ILE A 39 10.21 0.15 2.64
N ALA A 40 9.96 1.09 1.74
CA ALA A 40 10.27 0.90 0.33
C ALA A 40 11.71 0.44 0.14
N ASP A 41 12.64 1.15 0.77
CA ASP A 41 14.06 0.82 0.67
C ASP A 41 14.27 -0.69 0.78
N GLU A 42 13.82 -1.26 1.90
CA GLU A 42 13.95 -2.69 2.14
C GLU A 42 13.53 -3.49 0.91
N LEU A 43 12.30 -3.26 0.46
CA LEU A 43 11.75 -3.96 -0.69
C LEU A 43 12.76 -3.94 -1.85
N GLY A 44 13.32 -2.76 -2.12
CA GLY A 44 14.29 -2.63 -3.20
C GLY A 44 13.63 -2.30 -4.52
N ASN A 45 12.54 -2.98 -4.83
CA ASN A 45 11.81 -2.76 -6.07
C ASN A 45 10.82 -1.61 -5.93
N ARG A 46 10.07 -1.62 -4.82
CA ARG A 46 9.08 -0.59 -4.56
C ARG A 46 9.76 0.72 -4.14
N THR A 47 8.95 1.78 -4.00
CA THR A 47 9.48 3.08 -3.61
C THR A 47 8.50 3.80 -2.69
N ALA A 48 9.02 4.75 -1.91
CA ALA A 48 8.18 5.51 -0.99
C ALA A 48 6.80 5.75 -1.56
N LYS A 49 6.74 6.28 -2.77
CA LYS A 49 5.48 6.56 -3.44
C LYS A 49 4.66 5.27 -3.60
N GLN A 50 5.12 4.39 -4.47
CA GLN A 50 4.43 3.13 -4.71
C GLN A 50 3.90 2.53 -3.40
N VAL A 51 4.66 2.71 -2.33
CA VAL A 51 4.27 2.20 -1.02
C VAL A 51 3.12 3.01 -0.44
N ALA A 52 3.21 4.33 -0.56
CA ALA A 52 2.18 5.22 -0.04
C ALA A 52 0.82 4.89 -0.64
N SER A 53 0.76 4.76 -1.95
CA SER A 53 -0.48 4.44 -2.65
C SER A 53 -0.97 3.05 -2.27
N GLN A 54 -0.03 2.17 -1.92
CA GLN A 54 -0.38 0.80 -1.54
C GLN A 54 -0.90 0.76 -0.11
N VAL A 55 -0.30 1.54 0.77
CA VAL A 55 -0.71 1.60 2.16
C VAL A 55 -2.07 2.28 2.30
N GLN A 56 -2.22 3.42 1.65
CA GLN A 56 -3.47 4.17 1.71
C GLN A 56 -4.66 3.28 1.36
N LYS A 57 -4.46 2.37 0.41
CA LYS A 57 -5.50 1.45 -0.02
C LYS A 57 -5.46 0.16 0.80
N TYR A 58 -4.86 0.22 1.98
CA TYR A 58 -4.74 -0.94 2.85
C TYR A 58 -5.43 -0.68 4.18
N PHE A 59 -5.31 0.54 4.68
CA PHE A 59 -5.91 0.91 5.96
C PHE A 59 -7.17 1.74 5.74
N ILE A 60 -7.14 2.61 4.74
CA ILE A 60 -8.28 3.46 4.42
C ILE A 60 -9.46 2.63 3.92
N LYS A 61 -9.15 1.55 3.20
CA LYS A 61 -10.18 0.67 2.67
C LYS A 61 -10.97 0.01 3.79
N LEU A 62 -10.28 -0.33 4.87
CA LEU A 62 -10.92 -0.97 6.02
C LEU A 62 -11.45 0.08 7.00
N THR A 63 -11.76 1.26 6.48
CA THR A 63 -12.27 2.34 7.31
C THR A 63 -13.60 2.86 6.78
N LYS A 64 -14.44 1.95 6.29
CA LYS A 64 -15.75 2.31 5.75
C LYS A 64 -16.56 1.07 5.42
N ALA A 65 -17.80 1.04 5.89
CA ALA A 65 -18.69 -0.08 5.64
C ALA A 65 -19.48 0.12 4.36
N GLY A 66 -19.44 -0.88 3.48
CA GLY A 66 -20.16 -0.79 2.22
C GLY A 66 -19.24 -0.95 1.02
N ILE A 67 -18.02 -0.48 1.15
CA ILE A 67 -17.04 -0.56 0.06
C ILE A 67 -17.22 -1.85 -0.72
N PRO A 68 -17.13 -1.76 -2.06
CA PRO A 68 -17.27 -2.90 -2.95
C PRO A 68 -16.10 -3.87 -2.86
N VAL A 69 -16.26 -5.05 -3.43
CA VAL A 69 -15.21 -6.06 -3.41
C VAL A 69 -14.41 -6.06 -4.71
N SER A 70 -13.10 -5.85 -4.59
CA SER A 70 -12.23 -5.83 -5.75
C SER A 70 -10.97 -6.65 -5.51
N GLY A 71 -10.67 -7.57 -6.42
CA GLY A 71 -9.49 -8.40 -6.29
C GLY A 71 -9.84 -9.86 -6.06
N PRO A 72 -8.92 -10.75 -6.44
CA PRO A 72 -9.12 -12.20 -6.28
C PRO A 72 -9.06 -12.64 -4.83
N SER A 73 -10.24 -12.74 -4.21
CA SER A 73 -10.34 -13.14 -2.81
C SER A 73 -9.41 -14.32 -2.52
N SER A 74 -9.43 -15.31 -3.40
CA SER A 74 -8.60 -16.49 -3.24
C SER A 74 -8.74 -17.07 -1.84
N GLY A 75 -9.98 -17.12 -1.35
CA GLY A 75 -10.23 -17.66 -0.02
C GLY A 75 -11.13 -16.75 0.80
N GLY A 1 -15.75 -9.27 -0.67
CA GLY A 1 -14.98 -9.53 -1.88
C GLY A 1 -15.50 -8.74 -3.08
N SER A 2 -14.98 -7.54 -3.26
CA SER A 2 -15.39 -6.69 -4.37
C SER A 2 -14.47 -6.87 -5.57
N SER A 3 -14.79 -6.19 -6.66
CA SER A 3 -14.01 -6.27 -7.89
C SER A 3 -13.62 -4.88 -8.39
N GLY A 4 -12.32 -4.62 -8.44
CA GLY A 4 -11.85 -3.32 -8.91
C GLY A 4 -10.36 -3.13 -8.66
N SER A 5 -9.58 -4.16 -8.94
CA SER A 5 -8.14 -4.10 -8.74
C SER A 5 -7.40 -4.35 -10.05
N SER A 6 -7.04 -3.27 -10.73
CA SER A 6 -6.33 -3.37 -12.00
C SER A 6 -5.16 -2.38 -12.05
N GLY A 7 -4.15 -2.71 -12.85
CA GLY A 7 -2.99 -1.85 -12.97
C GLY A 7 -1.98 -2.37 -13.98
N ASN A 8 -0.73 -1.93 -13.86
CA ASN A 8 0.32 -2.35 -14.77
C ASN A 8 1.41 -3.11 -14.02
N GLN A 9 2.06 -2.44 -13.07
CA GLN A 9 3.12 -3.05 -12.29
C GLN A 9 2.61 -3.48 -10.92
N LEU A 10 1.42 -4.06 -10.89
CA LEU A 10 0.82 -4.52 -9.65
C LEU A 10 1.82 -5.32 -8.81
N TRP A 11 1.72 -5.18 -7.50
CA TRP A 11 2.63 -5.88 -6.59
C TRP A 11 2.45 -7.38 -6.71
N THR A 12 3.34 -8.13 -6.06
CA THR A 12 3.28 -9.59 -6.09
C THR A 12 3.08 -10.16 -4.70
N VAL A 13 2.38 -11.30 -4.62
CA VAL A 13 2.12 -11.95 -3.34
C VAL A 13 3.28 -11.75 -2.38
N GLU A 14 4.50 -12.02 -2.84
CA GLU A 14 5.69 -11.87 -2.03
C GLU A 14 5.75 -10.48 -1.40
N GLU A 15 5.82 -9.46 -2.26
CA GLU A 15 5.88 -8.08 -1.79
C GLU A 15 4.70 -7.75 -0.89
N GLN A 16 3.51 -8.22 -1.29
CA GLN A 16 2.30 -7.98 -0.52
C GLN A 16 2.51 -8.30 0.96
N LYS A 17 2.72 -9.58 1.25
CA LYS A 17 2.94 -10.01 2.62
C LYS A 17 4.16 -9.33 3.23
N LYS A 18 5.22 -9.19 2.43
CA LYS A 18 6.44 -8.54 2.89
C LYS A 18 6.16 -7.15 3.42
N LEU A 19 5.32 -6.40 2.72
CA LEU A 19 4.96 -5.05 3.12
C LEU A 19 4.21 -5.07 4.45
N GLU A 20 3.07 -5.75 4.48
CA GLU A 20 2.27 -5.84 5.69
C GLU A 20 3.14 -5.93 6.93
N GLN A 21 4.19 -6.76 6.85
CA GLN A 21 5.11 -6.93 7.97
C GLN A 21 5.86 -5.64 8.26
N LEU A 22 6.60 -5.14 7.28
CA LEU A 22 7.36 -3.91 7.44
C LEU A 22 6.53 -2.84 8.13
N LEU A 23 5.31 -2.63 7.63
CA LEU A 23 4.42 -1.63 8.21
C LEU A 23 4.54 -1.61 9.73
N ILE A 24 4.47 -2.80 10.33
CA ILE A 24 4.57 -2.92 11.78
C ILE A 24 5.95 -2.52 12.28
N LYS A 25 6.98 -3.13 11.70
CA LYS A 25 8.35 -2.84 12.08
C LYS A 25 8.61 -1.33 12.10
N TYR A 26 8.08 -0.65 11.09
CA TYR A 26 8.24 0.80 10.98
C TYR A 26 7.00 1.53 11.47
N PRO A 27 7.06 2.02 12.73
CA PRO A 27 5.95 2.75 13.34
C PRO A 27 5.73 4.12 12.71
N PRO A 28 4.61 4.77 13.07
CA PRO A 28 4.26 6.10 12.54
C PRO A 28 5.19 7.19 13.07
N GLU A 29 5.12 8.37 12.46
CA GLU A 29 5.95 9.49 12.88
C GLU A 29 5.31 10.81 12.45
N GLU A 30 5.99 11.92 12.76
CA GLU A 30 5.50 13.25 12.43
C GLU A 30 5.41 13.41 10.91
N VAL A 31 6.43 12.94 10.20
CA VAL A 31 6.47 13.04 8.75
C VAL A 31 6.00 11.74 8.10
N GLU A 32 4.87 11.81 7.41
CA GLU A 32 4.31 10.64 6.72
C GLU A 32 4.97 10.42 5.38
N SER A 33 6.28 10.64 5.33
CA SER A 33 7.05 10.47 4.10
C SER A 33 8.26 9.56 4.33
N ARG A 34 9.08 9.94 5.30
CA ARG A 34 10.28 9.16 5.62
C ARG A 34 9.92 7.71 5.91
N ARG A 35 8.73 7.50 6.47
CA ARG A 35 8.27 6.16 6.81
C ARG A 35 8.17 5.29 5.56
N TRP A 36 7.62 5.86 4.49
CA TRP A 36 7.47 5.15 3.23
C TRP A 36 8.82 4.86 2.59
N GLN A 37 9.69 5.87 2.61
CA GLN A 37 11.02 5.74 2.02
C GLN A 37 11.76 4.54 2.61
N LYS A 38 11.83 4.50 3.94
CA LYS A 38 12.50 3.40 4.63
C LYS A 38 11.95 2.05 4.18
N ILE A 39 10.64 1.88 4.32
CA ILE A 39 9.99 0.64 3.93
C ILE A 39 10.30 0.28 2.48
N ALA A 40 10.18 1.26 1.60
CA ALA A 40 10.46 1.05 0.19
C ALA A 40 11.81 0.37 -0.01
N ASP A 41 12.85 0.96 0.55
CA ASP A 41 14.20 0.42 0.44
C ASP A 41 14.22 -1.06 0.82
N GLU A 42 13.53 -1.39 1.92
CA GLU A 42 13.48 -2.77 2.39
C GLU A 42 12.78 -3.67 1.37
N LEU A 43 11.66 -3.20 0.84
CA LEU A 43 10.90 -3.96 -0.15
C LEU A 43 11.79 -4.42 -1.29
N GLY A 44 12.72 -3.55 -1.69
CA GLY A 44 13.63 -3.89 -2.78
C GLY A 44 13.60 -2.88 -3.90
N ASN A 45 12.59 -2.99 -4.77
CA ASN A 45 12.44 -2.08 -5.90
C ASN A 45 11.41 -1.01 -5.60
N ARG A 46 10.38 -1.38 -4.83
CA ARG A 46 9.32 -0.44 -4.47
C ARG A 46 9.90 0.85 -3.93
N THR A 47 9.23 1.96 -4.22
CA THR A 47 9.68 3.28 -3.76
C THR A 47 8.68 3.89 -2.79
N ALA A 48 9.14 4.87 -2.01
CA ALA A 48 8.29 5.54 -1.04
C ALA A 48 6.86 5.67 -1.56
N LYS A 49 6.71 6.22 -2.76
CA LYS A 49 5.40 6.40 -3.37
C LYS A 49 4.67 5.07 -3.49
N GLN A 50 5.16 4.21 -4.38
CA GLN A 50 4.56 2.90 -4.59
C GLN A 50 4.07 2.30 -3.27
N VAL A 51 4.83 2.53 -2.21
CA VAL A 51 4.48 2.01 -0.89
C VAL A 51 3.33 2.81 -0.28
N ALA A 52 3.45 4.14 -0.32
CA ALA A 52 2.43 5.01 0.22
C ALA A 52 1.08 4.75 -0.44
N SER A 53 1.08 4.61 -1.76
CA SER A 53 -0.14 4.35 -2.51
C SER A 53 -0.64 2.93 -2.27
N GLN A 54 0.20 2.11 -1.67
CA GLN A 54 -0.15 0.72 -1.37
C GLN A 54 -0.80 0.60 -0.01
N VAL A 55 -0.43 1.50 0.90
CA VAL A 55 -0.97 1.49 2.25
C VAL A 55 -2.41 2.02 2.27
N GLN A 56 -2.63 3.13 1.58
CA GLN A 56 -3.96 3.74 1.51
C GLN A 56 -5.03 2.67 1.34
N LYS A 57 -4.80 1.75 0.42
CA LYS A 57 -5.75 0.68 0.15
C LYS A 57 -5.70 -0.38 1.25
N TYR A 58 -4.48 -0.82 1.57
CA TYR A 58 -4.29 -1.84 2.60
C TYR A 58 -5.22 -1.59 3.79
N PHE A 59 -5.63 -0.32 3.96
CA PHE A 59 -6.51 0.05 5.06
C PHE A 59 -7.85 0.55 4.53
N ILE A 60 -7.80 1.31 3.44
CA ILE A 60 -9.02 1.84 2.83
C ILE A 60 -9.64 0.84 1.87
N LYS A 61 -9.37 -0.43 2.09
CA LYS A 61 -9.91 -1.49 1.24
C LYS A 61 -10.60 -2.56 2.08
N LEU A 62 -10.13 -2.73 3.32
CA LEU A 62 -10.71 -3.72 4.22
C LEU A 62 -11.99 -3.20 4.85
N THR A 63 -12.49 -2.07 4.34
CA THR A 63 -13.72 -1.48 4.84
C THR A 63 -14.95 -2.15 4.25
N LYS A 64 -14.89 -3.47 4.14
CA LYS A 64 -16.01 -4.24 3.60
C LYS A 64 -16.43 -3.70 2.24
N ALA A 65 -15.47 -3.18 1.48
CA ALA A 65 -15.74 -2.64 0.16
C ALA A 65 -17.11 -1.96 0.12
N GLY A 66 -17.41 -1.19 1.17
CA GLY A 66 -18.68 -0.49 1.23
C GLY A 66 -18.55 1.00 1.01
N ILE A 67 -17.63 1.38 0.13
CA ILE A 67 -17.40 2.79 -0.17
C ILE A 67 -16.90 2.98 -1.60
N PRO A 68 -17.42 4.01 -2.28
CA PRO A 68 -17.04 4.32 -3.66
C PRO A 68 -15.60 4.83 -3.76
N VAL A 69 -14.78 4.17 -4.58
CA VAL A 69 -13.40 4.57 -4.77
C VAL A 69 -13.26 5.52 -5.95
N SER A 70 -13.63 5.05 -7.14
CA SER A 70 -13.55 5.86 -8.35
C SER A 70 -14.89 6.49 -8.68
N GLY A 71 -14.85 7.70 -9.23
CA GLY A 71 -16.07 8.40 -9.59
C GLY A 71 -15.87 9.89 -9.73
N PRO A 72 -15.40 10.31 -10.92
CA PRO A 72 -15.15 11.73 -11.20
C PRO A 72 -16.44 12.53 -11.33
N SER A 73 -16.88 13.11 -10.20
CA SER A 73 -18.10 13.90 -10.18
C SER A 73 -17.81 15.36 -10.51
N SER A 74 -16.82 15.94 -9.83
CA SER A 74 -16.44 17.32 -10.05
C SER A 74 -14.92 17.48 -10.01
N GLY A 75 -14.44 18.66 -10.44
CA GLY A 75 -13.02 18.92 -10.45
C GLY A 75 -12.32 18.32 -11.66
N GLY A 1 -9.95 -5.73 -6.48
CA GLY A 1 -11.37 -6.02 -6.50
C GLY A 1 -11.91 -6.22 -7.90
N SER A 2 -13.13 -6.74 -7.99
CA SER A 2 -13.76 -6.99 -9.29
C SER A 2 -14.45 -5.74 -9.81
N SER A 3 -13.79 -4.60 -9.65
CA SER A 3 -14.33 -3.32 -10.10
C SER A 3 -13.22 -2.31 -10.36
N GLY A 4 -13.21 -1.74 -11.57
CA GLY A 4 -12.20 -0.78 -11.93
C GLY A 4 -11.26 -1.27 -13.01
N SER A 5 -10.80 -0.36 -13.86
CA SER A 5 -9.91 -0.72 -14.95
C SER A 5 -8.48 -0.28 -14.65
N SER A 6 -7.53 -1.16 -14.91
CA SER A 6 -6.12 -0.87 -14.65
C SER A 6 -5.22 -1.71 -15.56
N GLY A 7 -4.12 -1.10 -16.01
CA GLY A 7 -3.20 -1.81 -16.88
C GLY A 7 -1.83 -1.95 -16.27
N ASN A 8 -1.78 -2.48 -15.05
CA ASN A 8 -0.52 -2.68 -14.35
C ASN A 8 -0.60 -3.86 -13.39
N GLN A 9 0.23 -4.86 -13.62
CA GLN A 9 0.24 -6.05 -12.77
C GLN A 9 0.13 -5.67 -11.29
N LEU A 10 -0.83 -6.29 -10.60
CA LEU A 10 -1.04 -6.01 -9.19
C LEU A 10 0.10 -6.57 -8.34
N TRP A 11 0.27 -6.01 -7.15
CA TRP A 11 1.33 -6.44 -6.25
C TRP A 11 1.39 -7.97 -6.18
N THR A 12 2.59 -8.50 -5.97
CA THR A 12 2.78 -9.95 -5.87
C THR A 12 2.91 -10.40 -4.43
N VAL A 13 2.45 -11.61 -4.15
CA VAL A 13 2.50 -12.16 -2.80
C VAL A 13 3.83 -11.83 -2.12
N GLU A 14 4.93 -12.17 -2.79
CA GLU A 14 6.26 -11.91 -2.26
C GLU A 14 6.33 -10.53 -1.63
N GLU A 15 5.62 -9.58 -2.22
CA GLU A 15 5.60 -8.20 -1.72
C GLU A 15 4.46 -8.01 -0.73
N GLN A 16 3.25 -8.32 -1.18
CA GLN A 16 2.06 -8.18 -0.34
C GLN A 16 2.31 -8.75 1.06
N LYS A 17 3.18 -9.76 1.13
CA LYS A 17 3.50 -10.39 2.40
C LYS A 17 4.62 -9.62 3.12
N LYS A 18 5.45 -8.94 2.34
CA LYS A 18 6.56 -8.16 2.90
C LYS A 18 6.06 -6.84 3.48
N LEU A 19 5.25 -6.13 2.69
CA LEU A 19 4.71 -4.84 3.13
C LEU A 19 3.96 -4.98 4.44
N GLU A 20 2.95 -5.85 4.45
CA GLU A 20 2.15 -6.07 5.65
C GLU A 20 3.04 -6.17 6.89
N GLN A 21 4.20 -6.81 6.73
CA GLN A 21 5.13 -6.97 7.83
C GLN A 21 5.89 -5.68 8.11
N LEU A 22 6.54 -5.14 7.07
CA LEU A 22 7.29 -3.90 7.20
C LEU A 22 6.46 -2.81 7.86
N LEU A 23 5.15 -2.84 7.61
CA LEU A 23 4.24 -1.87 8.19
C LEU A 23 4.36 -1.83 9.71
N ILE A 24 4.45 -3.01 10.31
CA ILE A 24 4.57 -3.13 11.77
C ILE A 24 5.96 -2.69 12.23
N LYS A 25 6.98 -3.24 11.60
CA LYS A 25 8.36 -2.91 11.94
C LYS A 25 8.60 -1.41 11.87
N TYR A 26 8.04 -0.77 10.84
CA TYR A 26 8.18 0.66 10.65
C TYR A 26 6.90 1.41 11.02
N PRO A 27 6.82 1.83 12.29
CA PRO A 27 5.64 2.56 12.81
C PRO A 27 5.52 3.96 12.22
N PRO A 28 4.37 4.60 12.46
CA PRO A 28 4.10 5.96 11.96
C PRO A 28 4.96 7.01 12.66
N GLU A 29 5.06 8.18 12.05
CA GLU A 29 5.84 9.27 12.62
C GLU A 29 5.34 10.62 12.12
N GLU A 30 6.02 11.69 12.53
CA GLU A 30 5.64 13.03 12.12
C GLU A 30 5.68 13.18 10.60
N VAL A 31 6.77 12.72 10.00
CA VAL A 31 6.94 12.80 8.55
C VAL A 31 6.67 11.45 7.90
N GLU A 32 5.48 11.30 7.34
CA GLU A 32 5.09 10.06 6.68
C GLU A 32 6.02 9.76 5.50
N SER A 33 6.45 10.81 4.82
CA SER A 33 7.33 10.66 3.66
C SER A 33 8.45 9.66 3.96
N ARG A 34 9.09 9.83 5.11
CA ARG A 34 10.18 8.95 5.52
C ARG A 34 9.66 7.54 5.79
N ARG A 35 8.57 7.44 6.53
CA ARG A 35 7.97 6.15 6.86
C ARG A 35 7.89 5.26 5.62
N TRP A 36 7.42 5.83 4.52
CA TRP A 36 7.29 5.09 3.27
C TRP A 36 8.66 4.82 2.65
N GLN A 37 9.60 5.71 2.93
CA GLN A 37 10.96 5.58 2.40
C GLN A 37 11.69 4.42 3.05
N LYS A 38 11.65 4.38 4.38
CA LYS A 38 12.32 3.33 5.14
C LYS A 38 11.85 1.95 4.66
N ILE A 39 10.55 1.81 4.45
CA ILE A 39 9.97 0.55 4.00
C ILE A 39 10.41 0.23 2.58
N ALA A 40 10.22 1.19 1.67
CA ALA A 40 10.60 1.01 0.28
C ALA A 40 12.02 0.47 0.16
N ASP A 41 12.96 1.15 0.79
CA ASP A 41 14.36 0.75 0.75
C ASP A 41 14.48 -0.77 0.92
N GLU A 42 13.96 -1.28 2.03
CA GLU A 42 14.01 -2.71 2.30
C GLU A 42 13.52 -3.53 1.11
N LEU A 43 12.35 -3.15 0.60
CA LEU A 43 11.78 -3.85 -0.55
C LEU A 43 12.74 -3.84 -1.73
N GLY A 44 13.30 -2.67 -2.02
CA GLY A 44 14.23 -2.55 -3.12
C GLY A 44 13.54 -2.41 -4.46
N ASN A 45 12.48 -3.19 -4.65
CA ASN A 45 11.72 -3.14 -5.90
C ASN A 45 10.71 -1.99 -5.88
N ARG A 46 10.00 -1.86 -4.78
CA ARG A 46 9.01 -0.79 -4.63
C ARG A 46 9.66 0.50 -4.15
N THR A 47 8.92 1.61 -4.28
CA THR A 47 9.43 2.91 -3.85
C THR A 47 8.47 3.58 -2.89
N ALA A 48 8.99 4.51 -2.09
CA ALA A 48 8.18 5.23 -1.12
C ALA A 48 6.78 5.49 -1.66
N LYS A 49 6.71 5.99 -2.89
CA LYS A 49 5.43 6.28 -3.52
C LYS A 49 4.56 5.04 -3.60
N GLN A 50 5.01 4.06 -4.37
CA GLN A 50 4.27 2.80 -4.52
C GLN A 50 3.79 2.28 -3.17
N VAL A 51 4.58 2.53 -2.13
CA VAL A 51 4.24 2.09 -0.79
C VAL A 51 3.15 2.97 -0.18
N ALA A 52 3.25 4.26 -0.43
CA ALA A 52 2.28 5.22 0.09
C ALA A 52 0.88 4.95 -0.46
N SER A 53 0.81 4.73 -1.77
CA SER A 53 -0.46 4.46 -2.43
C SER A 53 -1.04 3.13 -1.95
N GLN A 54 -0.21 2.10 -1.89
CA GLN A 54 -0.63 0.78 -1.45
C GLN A 54 -1.26 0.84 -0.06
N VAL A 55 -0.62 1.59 0.84
CA VAL A 55 -1.11 1.74 2.20
C VAL A 55 -2.54 2.26 2.22
N GLN A 56 -2.84 3.18 1.30
CA GLN A 56 -4.17 3.76 1.21
C GLN A 56 -5.23 2.68 1.01
N LYS A 57 -4.97 1.78 0.07
CA LYS A 57 -5.89 0.68 -0.22
C LYS A 57 -5.67 -0.49 0.73
N TYR A 58 -4.97 -0.23 1.83
CA TYR A 58 -4.70 -1.27 2.82
C TYR A 58 -5.34 -0.93 4.15
N PHE A 59 -5.80 0.31 4.29
CA PHE A 59 -6.46 0.75 5.52
C PHE A 59 -7.75 1.49 5.21
N ILE A 60 -7.66 2.49 4.34
CA ILE A 60 -8.83 3.27 3.96
C ILE A 60 -9.92 2.39 3.37
N LYS A 61 -9.52 1.46 2.52
CA LYS A 61 -10.46 0.53 1.89
C LYS A 61 -11.20 -0.30 2.94
N LEU A 62 -10.50 -0.62 4.03
CA LEU A 62 -11.08 -1.41 5.10
C LEU A 62 -11.50 -0.52 6.27
N THR A 63 -12.22 0.56 5.96
CA THR A 63 -12.68 1.49 6.98
C THR A 63 -14.12 1.20 7.38
N LYS A 64 -14.47 1.55 8.62
CA LYS A 64 -15.82 1.32 9.13
C LYS A 64 -16.39 2.60 9.74
N ALA A 65 -15.76 3.07 10.80
CA ALA A 65 -16.20 4.28 11.48
C ALA A 65 -15.17 4.73 12.52
N GLY A 66 -15.25 6.01 12.89
CA GLY A 66 -14.32 6.55 13.87
C GLY A 66 -13.85 7.94 13.53
N ILE A 67 -13.61 8.17 12.24
CA ILE A 67 -13.14 9.48 11.78
C ILE A 67 -14.28 10.50 11.80
N PRO A 68 -13.95 11.73 12.24
CA PRO A 68 -14.92 12.82 12.32
C PRO A 68 -15.35 13.32 10.95
N VAL A 69 -16.63 13.18 10.64
CA VAL A 69 -17.17 13.63 9.36
C VAL A 69 -17.32 15.14 9.32
N SER A 70 -17.94 15.70 10.35
CA SER A 70 -18.15 17.14 10.43
C SER A 70 -17.15 17.78 11.39
N GLY A 71 -15.94 18.01 10.90
CA GLY A 71 -14.91 18.61 11.73
C GLY A 71 -15.48 19.61 12.72
N PRO A 72 -15.70 19.14 13.97
CA PRO A 72 -16.25 19.98 15.03
C PRO A 72 -15.26 21.04 15.51
N SER A 73 -15.77 22.22 15.85
CA SER A 73 -14.93 23.31 16.31
C SER A 73 -15.74 24.32 17.12
N SER A 74 -15.07 25.36 17.60
CA SER A 74 -15.74 26.39 18.39
C SER A 74 -16.94 26.97 17.65
N GLY A 75 -18.13 26.51 18.01
CA GLY A 75 -19.34 26.98 17.37
C GLY A 75 -20.38 25.89 17.20
N GLY A 1 -14.59 -6.03 -5.32
CA GLY A 1 -13.88 -6.61 -6.45
C GLY A 1 -12.63 -5.82 -6.80
N SER A 2 -11.65 -6.49 -7.40
CA SER A 2 -10.41 -5.85 -7.79
C SER A 2 -10.66 -4.47 -8.38
N SER A 3 -9.69 -3.57 -8.21
CA SER A 3 -9.81 -2.22 -8.72
C SER A 3 -8.43 -1.57 -8.90
N GLY A 4 -8.40 -0.47 -9.64
CA GLY A 4 -7.14 0.22 -9.88
C GLY A 4 -6.18 -0.59 -10.73
N SER A 5 -5.55 0.07 -11.69
CA SER A 5 -4.61 -0.60 -12.59
C SER A 5 -3.18 -0.11 -12.33
N SER A 6 -2.47 -0.82 -11.46
CA SER A 6 -1.10 -0.47 -11.14
C SER A 6 -0.16 -0.79 -12.28
N GLY A 7 -0.23 -2.04 -12.76
CA GLY A 7 0.62 -2.47 -13.85
C GLY A 7 0.69 -3.98 -13.99
N ASN A 8 1.63 -4.46 -14.78
CA ASN A 8 1.79 -5.89 -14.99
C ASN A 8 2.50 -6.54 -13.81
N GLN A 9 3.47 -5.84 -13.25
CA GLN A 9 4.22 -6.35 -12.11
C GLN A 9 3.51 -6.02 -10.80
N LEU A 10 2.18 -6.07 -10.83
CA LEU A 10 1.38 -5.77 -9.65
C LEU A 10 1.92 -6.50 -8.42
N TRP A 11 1.82 -5.86 -7.26
CA TRP A 11 2.30 -6.44 -6.02
C TRP A 11 2.05 -7.94 -5.99
N THR A 12 3.12 -8.73 -5.95
CA THR A 12 3.01 -10.18 -5.92
C THR A 12 2.91 -10.69 -4.48
N VAL A 13 2.28 -11.84 -4.32
CA VAL A 13 2.11 -12.44 -3.00
C VAL A 13 3.34 -12.19 -2.12
N GLU A 14 4.52 -12.44 -2.69
CA GLU A 14 5.76 -12.24 -1.96
C GLU A 14 5.82 -10.85 -1.34
N GLU A 15 5.59 -9.83 -2.16
CA GLU A 15 5.61 -8.45 -1.70
C GLU A 15 4.42 -8.17 -0.78
N GLN A 16 3.23 -8.57 -1.22
CA GLN A 16 2.01 -8.36 -0.44
C GLN A 16 2.27 -8.64 1.04
N LYS A 17 2.79 -9.83 1.32
CA LYS A 17 3.06 -10.24 2.70
C LYS A 17 4.27 -9.47 3.24
N LYS A 18 5.23 -9.19 2.39
CA LYS A 18 6.43 -8.46 2.80
C LYS A 18 6.07 -7.09 3.35
N LEU A 19 5.47 -6.26 2.50
CA LEU A 19 5.07 -4.91 2.91
C LEU A 19 4.33 -4.95 4.25
N GLU A 20 3.38 -5.86 4.37
CA GLU A 20 2.60 -5.99 5.59
C GLU A 20 3.51 -6.06 6.81
N GLN A 21 4.52 -6.92 6.73
CA GLN A 21 5.47 -7.08 7.84
C GLN A 21 6.23 -5.78 8.09
N LEU A 22 6.63 -5.11 7.02
CA LEU A 22 7.36 -3.86 7.14
C LEU A 22 6.52 -2.79 7.83
N LEU A 23 5.30 -2.60 7.34
CA LEU A 23 4.39 -1.61 7.91
C LEU A 23 4.51 -1.59 9.43
N ILE A 24 4.38 -2.75 10.05
CA ILE A 24 4.48 -2.86 11.50
C ILE A 24 5.85 -2.42 11.99
N LYS A 25 6.89 -2.91 11.35
CA LYS A 25 8.26 -2.57 11.71
C LYS A 25 8.47 -1.05 11.69
N TYR A 26 7.94 -0.40 10.66
CA TYR A 26 8.06 1.04 10.52
C TYR A 26 6.74 1.74 10.84
N PRO A 27 6.59 2.15 12.11
CA PRO A 27 5.37 2.83 12.58
C PRO A 27 5.23 4.24 12.00
N PRO A 28 4.07 4.85 12.21
CA PRO A 28 3.79 6.21 11.73
C PRO A 28 4.59 7.27 12.47
N GLU A 29 5.50 7.93 11.76
CA GLU A 29 6.33 8.96 12.36
C GLU A 29 5.86 10.35 11.93
N GLU A 30 6.30 11.37 12.65
CA GLU A 30 5.93 12.75 12.35
C GLU A 30 5.87 12.97 10.84
N VAL A 31 6.87 12.46 10.13
CA VAL A 31 6.94 12.62 8.69
C VAL A 31 6.56 11.32 7.98
N GLU A 32 5.30 11.20 7.60
CA GLU A 32 4.80 10.01 6.92
C GLU A 32 5.71 9.65 5.75
N SER A 33 6.08 10.64 4.96
CA SER A 33 6.95 10.42 3.81
C SER A 33 8.14 9.55 4.17
N ARG A 34 8.83 9.92 5.24
CA ARG A 34 9.99 9.16 5.70
C ARG A 34 9.62 7.70 5.94
N ARG A 35 8.54 7.48 6.69
CA ARG A 35 8.09 6.13 6.98
C ARG A 35 8.10 5.25 5.74
N TRP A 36 7.46 5.73 4.68
CA TRP A 36 7.40 4.99 3.41
C TRP A 36 8.80 4.73 2.87
N GLN A 37 9.64 5.76 2.88
CA GLN A 37 11.00 5.64 2.39
C GLN A 37 11.71 4.45 3.03
N LYS A 38 11.57 4.33 4.34
CA LYS A 38 12.20 3.24 5.07
C LYS A 38 11.69 1.89 4.59
N ILE A 39 10.37 1.78 4.45
CA ILE A 39 9.75 0.54 3.99
C ILE A 39 10.25 0.16 2.61
N ALA A 40 10.09 1.07 1.65
CA ALA A 40 10.53 0.83 0.28
C ALA A 40 11.99 0.39 0.24
N ASP A 41 12.87 1.22 0.78
CA ASP A 41 14.29 0.91 0.81
C ASP A 41 14.52 -0.57 1.01
N GLU A 42 13.95 -1.12 2.07
CA GLU A 42 14.10 -2.54 2.38
C GLU A 42 13.63 -3.40 1.21
N LEU A 43 12.43 -3.10 0.70
CA LEU A 43 11.87 -3.84 -0.41
C LEU A 43 12.82 -3.82 -1.62
N GLY A 44 13.36 -2.65 -1.90
CA GLY A 44 14.27 -2.51 -3.02
C GLY A 44 13.55 -2.40 -4.35
N ASN A 45 12.52 -3.22 -4.53
CA ASN A 45 11.74 -3.22 -5.76
C ASN A 45 10.76 -2.06 -5.79
N ARG A 46 10.04 -1.87 -4.68
CA ARG A 46 9.06 -0.79 -4.58
C ARG A 46 9.74 0.50 -4.14
N THR A 47 9.00 1.61 -4.23
CA THR A 47 9.53 2.91 -3.84
C THR A 47 8.61 3.58 -2.82
N ALA A 48 9.18 4.51 -2.04
CA ALA A 48 8.41 5.24 -1.05
C ALA A 48 6.99 5.52 -1.53
N LYS A 49 6.88 6.18 -2.68
CA LYS A 49 5.59 6.51 -3.25
C LYS A 49 4.74 5.27 -3.44
N GLN A 50 5.17 4.39 -4.35
CA GLN A 50 4.45 3.16 -4.62
C GLN A 50 3.90 2.55 -3.34
N VAL A 51 4.70 2.61 -2.28
CA VAL A 51 4.30 2.05 -0.98
C VAL A 51 3.17 2.88 -0.37
N ALA A 52 3.29 4.20 -0.46
CA ALA A 52 2.28 5.10 0.08
C ALA A 52 0.90 4.81 -0.52
N SER A 53 0.84 4.74 -1.84
CA SER A 53 -0.42 4.47 -2.53
C SER A 53 -1.02 3.14 -2.07
N GLN A 54 -0.18 2.11 -2.02
CA GLN A 54 -0.63 0.79 -1.61
C GLN A 54 -1.27 0.84 -0.22
N VAL A 55 -0.66 1.63 0.67
CA VAL A 55 -1.17 1.77 2.03
C VAL A 55 -2.62 2.23 2.03
N GLN A 56 -2.93 3.22 1.20
CA GLN A 56 -4.29 3.75 1.11
C GLN A 56 -5.30 2.61 0.97
N LYS A 57 -5.05 1.71 0.02
CA LYS A 57 -5.94 0.59 -0.21
C LYS A 57 -5.62 -0.57 0.73
N TYR A 58 -5.02 -0.24 1.87
CA TYR A 58 -4.65 -1.25 2.85
C TYR A 58 -5.25 -0.92 4.22
N PHE A 59 -5.32 0.37 4.52
CA PHE A 59 -5.87 0.83 5.79
C PHE A 59 -7.21 1.51 5.59
N ILE A 60 -7.25 2.46 4.67
CA ILE A 60 -8.48 3.19 4.37
C ILE A 60 -9.57 2.26 3.85
N LYS A 61 -9.17 1.30 3.03
CA LYS A 61 -10.11 0.33 2.47
C LYS A 61 -10.92 -0.34 3.57
N LEU A 62 -10.25 -0.71 4.65
CA LEU A 62 -10.91 -1.36 5.78
C LEU A 62 -11.91 -0.42 6.43
N THR A 63 -11.42 0.68 7.00
CA THR A 63 -12.27 1.66 7.65
C THR A 63 -13.54 1.92 6.85
N LYS A 64 -14.66 2.07 7.54
CA LYS A 64 -15.93 2.33 6.89
C LYS A 64 -16.02 1.60 5.55
N ALA A 65 -15.70 0.31 5.57
CA ALA A 65 -15.75 -0.50 4.36
C ALA A 65 -16.89 -0.06 3.45
N GLY A 66 -16.70 -0.25 2.14
CA GLY A 66 -17.71 0.13 1.18
C GLY A 66 -17.44 1.50 0.58
N ILE A 67 -16.19 1.77 0.24
CA ILE A 67 -15.80 3.04 -0.36
C ILE A 67 -15.81 2.97 -1.88
N PRO A 68 -16.48 3.93 -2.52
CA PRO A 68 -16.56 4.00 -3.97
C PRO A 68 -15.23 4.36 -4.62
N VAL A 69 -14.73 3.48 -5.48
CA VAL A 69 -13.46 3.71 -6.17
C VAL A 69 -13.69 4.37 -7.53
N SER A 70 -12.75 5.23 -7.92
CA SER A 70 -12.85 5.93 -9.19
C SER A 70 -11.65 5.61 -10.08
N GLY A 71 -11.92 4.98 -11.23
CA GLY A 71 -10.87 4.62 -12.15
C GLY A 71 -11.38 4.00 -13.42
N PRO A 72 -11.78 4.84 -14.38
CA PRO A 72 -12.30 4.39 -15.67
C PRO A 72 -11.23 3.74 -16.55
N SER A 73 -11.02 2.44 -16.35
CA SER A 73 -10.03 1.71 -17.11
C SER A 73 -10.40 1.66 -18.60
N SER A 74 -11.67 1.37 -18.87
CA SER A 74 -12.16 1.30 -20.24
C SER A 74 -13.69 1.20 -20.28
N GLY A 75 -14.26 1.47 -21.44
CA GLY A 75 -15.71 1.41 -21.58
C GLY A 75 -16.35 2.79 -21.57
N GLY A 1 -7.94 -8.41 -7.20
CA GLY A 1 -9.14 -8.41 -8.01
C GLY A 1 -10.26 -7.62 -7.36
N SER A 2 -11.12 -8.30 -6.61
CA SER A 2 -12.24 -7.66 -5.95
C SER A 2 -12.98 -6.73 -6.90
N SER A 3 -13.17 -7.21 -8.14
CA SER A 3 -13.87 -6.42 -9.15
C SER A 3 -13.25 -5.03 -9.28
N GLY A 4 -11.92 -4.98 -9.25
CA GLY A 4 -11.21 -3.71 -9.37
C GLY A 4 -10.17 -3.73 -10.47
N SER A 5 -9.02 -4.32 -10.18
CA SER A 5 -7.93 -4.40 -11.15
C SER A 5 -8.42 -4.99 -12.47
N SER A 6 -7.78 -4.58 -13.56
CA SER A 6 -8.15 -5.06 -14.89
C SER A 6 -7.43 -6.36 -15.22
N GLY A 7 -6.11 -6.31 -15.27
CA GLY A 7 -5.33 -7.49 -15.56
C GLY A 7 -4.55 -8.00 -14.37
N ASN A 8 -5.20 -8.02 -13.21
CA ASN A 8 -4.57 -8.48 -11.98
C ASN A 8 -3.14 -7.97 -11.89
N GLN A 9 -2.93 -6.72 -12.27
CA GLN A 9 -1.60 -6.12 -12.23
C GLN A 9 -1.34 -5.46 -10.88
N LEU A 10 -1.74 -6.13 -9.81
CA LEU A 10 -1.55 -5.61 -8.46
C LEU A 10 -0.37 -6.28 -7.78
N TRP A 11 0.04 -5.73 -6.64
CA TRP A 11 1.17 -6.27 -5.89
C TRP A 11 1.16 -7.79 -5.93
N THR A 12 2.33 -8.40 -5.75
CA THR A 12 2.47 -9.85 -5.77
C THR A 12 2.66 -10.39 -4.35
N VAL A 13 2.18 -11.60 -4.13
CA VAL A 13 2.29 -12.25 -2.82
C VAL A 13 3.65 -11.95 -2.19
N GLU A 14 4.71 -12.05 -2.98
CA GLU A 14 6.06 -11.79 -2.51
C GLU A 14 6.14 -10.43 -1.81
N GLU A 15 5.50 -9.44 -2.42
CA GLU A 15 5.51 -8.08 -1.86
C GLU A 15 4.45 -7.94 -0.78
N GLN A 16 3.32 -8.61 -0.97
CA GLN A 16 2.23 -8.56 0.00
C GLN A 16 2.73 -8.79 1.42
N LYS A 17 3.24 -9.99 1.66
CA LYS A 17 3.77 -10.35 2.97
C LYS A 17 4.78 -9.32 3.44
N LYS A 18 5.67 -8.90 2.55
CA LYS A 18 6.69 -7.92 2.88
C LYS A 18 6.05 -6.62 3.40
N LEU A 19 5.33 -5.93 2.53
CA LEU A 19 4.67 -4.69 2.89
C LEU A 19 3.94 -4.83 4.21
N GLU A 20 3.06 -5.83 4.30
CA GLU A 20 2.30 -6.08 5.52
C GLU A 20 3.22 -6.09 6.74
N GLN A 21 4.26 -6.92 6.68
CA GLN A 21 5.21 -7.02 7.78
C GLN A 21 5.90 -5.69 8.04
N LEU A 22 6.62 -5.20 7.04
CA LEU A 22 7.33 -3.92 7.16
C LEU A 22 6.43 -2.86 7.78
N LEU A 23 5.17 -2.85 7.37
CA LEU A 23 4.20 -1.88 7.88
C LEU A 23 4.16 -1.90 9.40
N ILE A 24 4.06 -3.10 9.97
CA ILE A 24 4.02 -3.27 11.42
C ILE A 24 5.36 -2.93 12.06
N LYS A 25 6.44 -3.39 11.42
CA LYS A 25 7.79 -3.14 11.91
C LYS A 25 8.11 -1.65 11.88
N TYR A 26 7.54 -0.94 10.92
CA TYR A 26 7.77 0.49 10.78
C TYR A 26 6.58 1.28 11.32
N PRO A 27 6.70 1.75 12.57
CA PRO A 27 5.66 2.53 13.23
C PRO A 27 5.50 3.92 12.62
N PRO A 28 4.44 4.63 13.02
CA PRO A 28 4.15 5.98 12.53
C PRO A 28 5.15 7.01 13.05
N GLU A 29 5.17 8.18 12.41
CA GLU A 29 6.08 9.25 12.81
C GLU A 29 5.53 10.61 12.42
N GLU A 30 6.32 11.65 12.65
CA GLU A 30 5.90 13.01 12.31
C GLU A 30 5.63 13.14 10.82
N VAL A 31 6.58 12.70 10.00
CA VAL A 31 6.44 12.77 8.55
C VAL A 31 5.96 11.44 7.98
N GLU A 32 4.98 11.49 7.08
CA GLU A 32 4.44 10.29 6.46
C GLU A 32 5.22 9.93 5.20
N SER A 33 6.21 10.76 4.86
CA SER A 33 7.02 10.53 3.68
C SER A 33 8.32 9.80 4.03
N ARG A 34 8.77 9.99 5.28
CA ARG A 34 10.00 9.36 5.75
C ARG A 34 9.76 7.89 6.08
N ARG A 35 8.51 7.56 6.42
CA ARG A 35 8.15 6.19 6.77
C ARG A 35 8.21 5.29 5.54
N TRP A 36 7.65 5.77 4.44
CA TRP A 36 7.65 5.00 3.19
C TRP A 36 9.06 4.83 2.64
N GLN A 37 9.83 5.90 2.69
CA GLN A 37 11.22 5.88 2.20
C GLN A 37 11.98 4.69 2.80
N LYS A 38 11.75 4.44 4.08
CA LYS A 38 12.42 3.34 4.77
C LYS A 38 11.90 2.00 4.28
N ILE A 39 10.60 1.77 4.43
CA ILE A 39 9.98 0.53 3.99
C ILE A 39 10.42 0.16 2.58
N ALA A 40 10.45 1.15 1.70
CA ALA A 40 10.86 0.92 0.31
C ALA A 40 12.27 0.35 0.24
N ASP A 41 13.20 1.00 0.95
CA ASP A 41 14.58 0.55 0.97
C ASP A 41 14.68 -0.96 1.15
N GLU A 42 13.92 -1.47 2.12
CA GLU A 42 13.91 -2.90 2.40
C GLU A 42 13.48 -3.70 1.17
N LEU A 43 12.42 -3.24 0.52
CA LEU A 43 11.90 -3.91 -0.67
C LEU A 43 12.94 -3.93 -1.78
N GLY A 44 13.41 -2.75 -2.17
CA GLY A 44 14.41 -2.66 -3.22
C GLY A 44 13.82 -2.34 -4.57
N ASN A 45 12.65 -2.93 -4.86
CA ASN A 45 11.97 -2.69 -6.13
C ASN A 45 10.96 -1.56 -6.00
N ARG A 46 10.18 -1.58 -4.93
CA ARG A 46 9.17 -0.55 -4.70
C ARG A 46 9.81 0.74 -4.19
N THR A 47 9.04 1.82 -4.19
CA THR A 47 9.54 3.11 -3.73
C THR A 47 8.59 3.73 -2.72
N ALA A 48 9.08 4.73 -1.98
CA ALA A 48 8.28 5.40 -0.97
C ALA A 48 6.84 5.60 -1.46
N LYS A 49 6.70 6.16 -2.65
CA LYS A 49 5.40 6.41 -3.24
C LYS A 49 4.63 5.10 -3.43
N GLN A 50 5.07 4.30 -4.39
CA GLN A 50 4.42 3.02 -4.67
C GLN A 50 3.99 2.33 -3.39
N VAL A 51 4.71 2.60 -2.31
CA VAL A 51 4.40 2.01 -1.01
C VAL A 51 3.25 2.73 -0.34
N ALA A 52 3.26 4.05 -0.42
CA ALA A 52 2.20 4.87 0.17
C ALA A 52 0.84 4.56 -0.45
N SER A 53 0.80 4.57 -1.78
CA SER A 53 -0.43 4.28 -2.51
C SER A 53 -1.04 2.96 -2.05
N GLN A 54 -0.19 1.98 -1.80
CA GLN A 54 -0.63 0.66 -1.36
C GLN A 54 -1.28 0.74 0.02
N VAL A 55 -0.57 1.34 0.97
CA VAL A 55 -1.08 1.49 2.32
C VAL A 55 -2.47 2.11 2.33
N GLN A 56 -2.69 3.06 1.41
CA GLN A 56 -3.97 3.74 1.31
C GLN A 56 -5.11 2.74 1.15
N LYS A 57 -4.95 1.83 0.21
CA LYS A 57 -5.97 0.80 -0.05
C LYS A 57 -5.83 -0.36 0.92
N TYR A 58 -5.13 -0.12 2.02
CA TYR A 58 -4.93 -1.16 3.03
C TYR A 58 -5.62 -0.78 4.34
N PHE A 59 -5.55 0.50 4.69
CA PHE A 59 -6.18 1.00 5.92
C PHE A 59 -7.48 1.72 5.61
N ILE A 60 -7.46 2.56 4.59
CA ILE A 60 -8.64 3.32 4.19
C ILE A 60 -9.72 2.40 3.62
N LYS A 61 -9.34 1.59 2.63
CA LYS A 61 -10.26 0.67 2.00
C LYS A 61 -11.15 0.01 3.04
N LEU A 62 -10.60 -0.25 4.22
CA LEU A 62 -11.35 -0.89 5.30
C LEU A 62 -12.79 -0.38 5.32
N THR A 63 -12.96 0.93 5.29
CA THR A 63 -14.29 1.54 5.31
C THR A 63 -15.22 0.83 4.33
N LYS A 64 -16.52 0.99 4.55
CA LYS A 64 -17.52 0.37 3.69
C LYS A 64 -18.27 1.43 2.87
N ALA A 65 -18.63 2.53 3.54
CA ALA A 65 -19.35 3.61 2.88
C ALA A 65 -18.48 4.29 1.82
N GLY A 66 -17.23 4.54 2.17
CA GLY A 66 -16.32 5.19 1.24
C GLY A 66 -15.73 4.20 0.24
N ILE A 67 -16.59 3.43 -0.41
CA ILE A 67 -16.15 2.45 -1.38
C ILE A 67 -16.82 2.67 -2.73
N PRO A 68 -16.04 2.54 -3.81
CA PRO A 68 -16.55 2.72 -5.18
C PRO A 68 -17.48 1.60 -5.60
N VAL A 69 -18.39 1.90 -6.52
CA VAL A 69 -19.35 0.92 -7.02
C VAL A 69 -19.26 0.78 -8.53
N SER A 70 -19.22 -0.46 -9.01
CA SER A 70 -19.15 -0.73 -10.43
C SER A 70 -20.06 -1.88 -10.82
N GLY A 71 -20.26 -2.07 -12.13
CA GLY A 71 -21.11 -3.13 -12.61
C GLY A 71 -20.38 -4.10 -13.51
N PRO A 72 -19.69 -5.08 -12.90
CA PRO A 72 -18.93 -6.10 -13.63
C PRO A 72 -19.84 -7.07 -14.37
N SER A 73 -20.16 -6.73 -15.61
CA SER A 73 -21.04 -7.58 -16.43
C SER A 73 -20.67 -9.05 -16.26
N SER A 74 -19.40 -9.37 -16.47
CA SER A 74 -18.92 -10.74 -16.35
C SER A 74 -17.47 -10.77 -15.87
N GLY A 75 -17.14 -11.77 -15.07
CA GLY A 75 -15.79 -11.89 -14.56
C GLY A 75 -15.39 -13.34 -14.31
N GLY A 1 4.81 -24.04 -10.26
CA GLY A 1 3.80 -24.25 -11.29
C GLY A 1 2.51 -23.53 -10.98
N SER A 2 2.29 -22.39 -11.61
CA SER A 2 1.08 -21.60 -11.40
C SER A 2 0.97 -21.16 -9.94
N SER A 3 2.10 -20.73 -9.37
CA SER A 3 2.13 -20.28 -7.99
C SER A 3 1.87 -18.78 -7.90
N GLY A 4 0.90 -18.30 -8.67
CA GLY A 4 0.57 -16.89 -8.66
C GLY A 4 1.03 -16.19 -9.92
N SER A 5 2.23 -15.62 -9.87
CA SER A 5 2.78 -14.89 -11.02
C SER A 5 1.70 -14.08 -11.72
N SER A 6 0.84 -13.44 -10.93
CA SER A 6 -0.24 -12.63 -11.47
C SER A 6 0.02 -11.15 -11.25
N GLY A 7 -0.35 -10.33 -12.23
CA GLY A 7 -0.16 -8.89 -12.12
C GLY A 7 1.31 -8.52 -11.99
N ASN A 8 1.98 -8.34 -13.12
CA ASN A 8 3.40 -7.98 -13.13
C ASN A 8 3.61 -6.64 -12.45
N GLN A 9 2.96 -5.60 -12.97
CA GLN A 9 3.08 -4.26 -12.41
C GLN A 9 2.31 -4.13 -11.10
N LEU A 10 1.61 -5.20 -10.73
CA LEU A 10 0.82 -5.21 -9.50
C LEU A 10 1.61 -5.87 -8.36
N TRP A 11 1.10 -5.74 -7.14
CA TRP A 11 1.75 -6.31 -5.98
C TRP A 11 1.57 -7.83 -5.95
N THR A 12 2.69 -8.55 -5.84
CA THR A 12 2.65 -10.01 -5.80
C THR A 12 2.63 -10.52 -4.37
N VAL A 13 2.15 -11.75 -4.19
CA VAL A 13 2.09 -12.36 -2.87
C VAL A 13 3.37 -12.12 -2.08
N GLU A 14 4.51 -12.36 -2.73
CA GLU A 14 5.81 -12.17 -2.08
C GLU A 14 5.91 -10.78 -1.48
N GLU A 15 5.56 -9.77 -2.27
CA GLU A 15 5.61 -8.38 -1.81
C GLU A 15 4.57 -8.12 -0.74
N GLN A 16 3.31 -8.41 -1.07
CA GLN A 16 2.21 -8.19 -0.14
C GLN A 16 2.64 -8.53 1.29
N LYS A 17 3.01 -9.77 1.51
CA LYS A 17 3.45 -10.22 2.83
C LYS A 17 4.60 -9.37 3.35
N LYS A 18 5.61 -9.19 2.50
CA LYS A 18 6.78 -8.40 2.87
C LYS A 18 6.37 -7.04 3.41
N LEU A 19 5.65 -6.27 2.60
CA LEU A 19 5.18 -4.94 3.00
C LEU A 19 4.40 -5.01 4.30
N GLU A 20 3.24 -5.66 4.26
CA GLU A 20 2.39 -5.81 5.43
C GLU A 20 3.23 -5.98 6.70
N GLN A 21 4.30 -6.75 6.58
CA GLN A 21 5.19 -7.00 7.71
C GLN A 21 5.99 -5.74 8.07
N LEU A 22 6.64 -5.17 7.06
CA LEU A 22 7.44 -3.96 7.26
C LEU A 22 6.59 -2.83 7.83
N LEU A 23 5.45 -2.57 7.19
CA LEU A 23 4.55 -1.53 7.63
C LEU A 23 4.41 -1.52 9.15
N ILE A 24 4.25 -2.70 9.73
CA ILE A 24 4.11 -2.85 11.17
C ILE A 24 5.46 -2.73 11.86
N LYS A 25 6.49 -3.32 11.25
CA LYS A 25 7.84 -3.28 11.81
C LYS A 25 8.28 -1.85 12.08
N TYR A 26 8.02 -0.96 11.13
CA TYR A 26 8.38 0.43 11.26
C TYR A 26 7.24 1.24 11.87
N PRO A 27 7.51 1.87 13.03
CA PRO A 27 6.52 2.68 13.74
C PRO A 27 6.20 3.98 13.00
N PRO A 28 5.00 4.52 13.27
CA PRO A 28 4.55 5.76 12.64
C PRO A 28 5.32 6.98 13.14
N GLU A 29 5.08 8.13 12.50
CA GLU A 29 5.76 9.37 12.89
C GLU A 29 5.03 10.58 12.32
N GLU A 30 5.47 11.77 12.71
CA GLU A 30 4.87 13.00 12.24
C GLU A 30 4.76 13.01 10.72
N VAL A 31 5.85 12.65 10.06
CA VAL A 31 5.87 12.62 8.60
C VAL A 31 5.80 11.18 8.07
N GLU A 32 4.70 10.84 7.41
CA GLU A 32 4.51 9.51 6.87
C GLU A 32 5.41 9.28 5.65
N SER A 33 5.67 10.36 4.92
CA SER A 33 6.50 10.28 3.72
C SER A 33 7.84 9.62 4.04
N ARG A 34 8.49 10.08 5.11
CA ARG A 34 9.77 9.53 5.52
C ARG A 34 9.63 8.09 5.97
N ARG A 35 8.45 7.74 6.48
CA ARG A 35 8.18 6.39 6.94
C ARG A 35 8.15 5.41 5.78
N TRP A 36 7.47 5.80 4.71
CA TRP A 36 7.35 4.96 3.52
C TRP A 36 8.72 4.71 2.89
N GLN A 37 9.57 5.72 2.92
CA GLN A 37 10.91 5.62 2.36
C GLN A 37 11.68 4.47 2.99
N LYS A 38 11.66 4.40 4.32
CA LYS A 38 12.36 3.35 5.04
C LYS A 38 11.85 1.97 4.62
N ILE A 39 10.53 1.83 4.57
CA ILE A 39 9.92 0.56 4.18
C ILE A 39 10.30 0.18 2.76
N ALA A 40 10.26 1.16 1.85
CA ALA A 40 10.61 0.92 0.46
C ALA A 40 12.01 0.32 0.33
N ASP A 41 13.00 1.01 0.89
CA ASP A 41 14.38 0.54 0.84
C ASP A 41 14.44 -0.98 0.93
N GLU A 42 13.91 -1.53 2.02
CA GLU A 42 13.91 -2.97 2.22
C GLU A 42 13.32 -3.69 1.01
N LEU A 43 12.14 -3.24 0.59
CA LEU A 43 11.46 -3.84 -0.56
C LEU A 43 12.35 -3.81 -1.79
N GLY A 44 13.04 -2.69 -1.99
CA GLY A 44 13.92 -2.55 -3.14
C GLY A 44 13.15 -2.32 -4.44
N ASN A 45 12.12 -3.12 -4.66
CA ASN A 45 11.31 -3.00 -5.86
C ASN A 45 10.40 -1.78 -5.79
N ARG A 46 9.67 -1.65 -4.68
CA ARG A 46 8.76 -0.53 -4.49
C ARG A 46 9.50 0.67 -3.92
N THR A 47 8.94 1.87 -4.12
CA THR A 47 9.55 3.09 -3.63
C THR A 47 8.63 3.80 -2.64
N ALA A 48 9.21 4.63 -1.78
CA ALA A 48 8.43 5.37 -0.79
C ALA A 48 7.11 5.85 -1.38
N LYS A 49 7.10 6.04 -2.70
CA LYS A 49 5.90 6.51 -3.38
C LYS A 49 4.93 5.36 -3.63
N GLN A 50 5.33 4.43 -4.49
CA GLN A 50 4.50 3.26 -4.81
C GLN A 50 3.95 2.62 -3.54
N VAL A 51 4.71 2.70 -2.47
CA VAL A 51 4.30 2.13 -1.19
C VAL A 51 3.14 2.92 -0.58
N ALA A 52 3.24 4.24 -0.66
CA ALA A 52 2.20 5.12 -0.12
C ALA A 52 0.85 4.81 -0.74
N SER A 53 0.82 4.69 -2.07
CA SER A 53 -0.41 4.41 -2.79
C SER A 53 -1.06 3.12 -2.27
N GLN A 54 -0.25 2.08 -2.12
CA GLN A 54 -0.74 0.80 -1.63
C GLN A 54 -1.29 0.93 -0.21
N VAL A 55 -0.56 1.64 0.64
CA VAL A 55 -0.97 1.86 2.02
C VAL A 55 -2.41 2.36 2.10
N GLN A 56 -2.80 3.15 1.10
CA GLN A 56 -4.15 3.71 1.07
C GLN A 56 -5.19 2.60 1.07
N LYS A 57 -4.96 1.54 0.29
CA LYS A 57 -5.87 0.42 0.21
C LYS A 57 -5.52 -0.64 1.26
N TYR A 58 -4.76 -0.25 2.27
CA TYR A 58 -4.35 -1.16 3.33
C TYR A 58 -4.87 -0.68 4.69
N PHE A 59 -5.11 0.61 4.79
CA PHE A 59 -5.60 1.19 6.04
C PHE A 59 -6.95 1.89 5.82
N ILE A 60 -7.04 2.66 4.74
CA ILE A 60 -8.26 3.37 4.41
C ILE A 60 -9.32 2.44 3.82
N LYS A 61 -8.87 1.24 3.43
CA LYS A 61 -9.78 0.26 2.85
C LYS A 61 -10.63 -0.40 3.94
N LEU A 62 -10.00 -0.72 5.06
CA LEU A 62 -10.69 -1.35 6.18
C LEU A 62 -11.58 -0.34 6.91
N THR A 63 -11.07 0.89 7.06
CA THR A 63 -11.81 1.94 7.73
C THR A 63 -13.25 2.01 7.23
N LYS A 64 -14.19 1.95 8.16
CA LYS A 64 -15.61 2.02 7.82
C LYS A 64 -15.91 3.22 6.94
N ALA A 65 -15.67 4.42 7.48
CA ALA A 65 -15.91 5.65 6.75
C ALA A 65 -14.68 6.05 5.93
N GLY A 66 -14.92 6.57 4.73
CA GLY A 66 -13.83 6.98 3.87
C GLY A 66 -13.69 6.08 2.66
N ILE A 67 -14.81 5.67 2.09
CA ILE A 67 -14.80 4.81 0.92
C ILE A 67 -16.02 5.06 0.04
N PRO A 68 -15.80 5.08 -1.29
CA PRO A 68 -16.87 5.31 -2.26
C PRO A 68 -17.84 4.13 -2.35
N VAL A 69 -18.76 4.21 -3.30
CA VAL A 69 -19.75 3.14 -3.48
C VAL A 69 -19.95 2.83 -4.96
N SER A 70 -20.08 1.56 -5.29
CA SER A 70 -20.28 1.12 -6.67
C SER A 70 -20.58 -0.36 -6.74
N GLY A 71 -21.52 -0.74 -7.61
CA GLY A 71 -21.88 -2.13 -7.76
C GLY A 71 -21.53 -2.68 -9.12
N PRO A 72 -21.85 -3.96 -9.35
CA PRO A 72 -21.57 -4.64 -10.63
C PRO A 72 -22.44 -4.12 -11.76
N SER A 73 -23.74 -3.97 -11.48
CA SER A 73 -24.69 -3.50 -12.48
C SER A 73 -25.18 -2.09 -12.12
N SER A 74 -25.78 -1.42 -13.10
CA SER A 74 -26.30 -0.08 -12.90
C SER A 74 -27.73 -0.11 -12.37
N GLY A 75 -27.89 0.23 -11.10
CA GLY A 75 -29.22 0.23 -10.49
C GLY A 75 -30.03 -0.99 -10.89
N GLY A 1 -8.66 -11.27 2.97
CA GLY A 1 -9.24 -11.66 1.69
C GLY A 1 -9.05 -10.59 0.63
N SER A 2 -9.38 -10.93 -0.62
CA SER A 2 -9.25 -9.99 -1.73
C SER A 2 -10.39 -10.15 -2.73
N SER A 3 -10.44 -9.25 -3.70
CA SER A 3 -11.49 -9.30 -4.71
C SER A 3 -10.95 -9.84 -6.04
N GLY A 4 -9.99 -9.13 -6.61
CA GLY A 4 -9.40 -9.55 -7.87
C GLY A 4 -9.27 -8.42 -8.86
N SER A 5 -8.04 -8.14 -9.29
CA SER A 5 -7.79 -7.07 -10.25
C SER A 5 -6.73 -7.48 -11.26
N SER A 6 -6.66 -6.74 -12.36
CA SER A 6 -5.69 -7.03 -13.42
C SER A 6 -5.06 -5.75 -13.95
N GLY A 7 -4.09 -5.90 -14.84
CA GLY A 7 -3.42 -4.75 -15.42
C GLY A 7 -2.21 -5.14 -16.24
N ASN A 8 -1.05 -4.56 -15.91
CA ASN A 8 0.18 -4.84 -16.62
C ASN A 8 1.32 -5.11 -15.66
N GLN A 9 1.47 -4.25 -14.66
CA GLN A 9 2.51 -4.40 -13.66
C GLN A 9 1.97 -4.22 -12.25
N LEU A 10 1.36 -5.28 -11.72
CA LEU A 10 0.78 -5.24 -10.38
C LEU A 10 1.73 -5.85 -9.36
N TRP A 11 1.42 -5.67 -8.08
CA TRP A 11 2.24 -6.21 -7.01
C TRP A 11 2.30 -7.74 -7.07
N THR A 12 3.05 -8.33 -6.16
CA THR A 12 3.17 -9.78 -6.10
C THR A 12 3.16 -10.30 -4.67
N VAL A 13 2.65 -11.51 -4.48
CA VAL A 13 2.58 -12.10 -3.15
C VAL A 13 3.76 -11.68 -2.29
N GLU A 14 4.95 -11.72 -2.88
CA GLU A 14 6.16 -11.35 -2.17
C GLU A 14 5.99 -10.00 -1.46
N GLU A 15 5.88 -8.94 -2.25
CA GLU A 15 5.70 -7.60 -1.71
C GLU A 15 4.40 -7.49 -0.91
N GLN A 16 3.37 -8.17 -1.39
CA GLN A 16 2.07 -8.16 -0.73
C GLN A 16 2.23 -8.37 0.78
N LYS A 17 2.61 -9.58 1.17
CA LYS A 17 2.79 -9.91 2.57
C LYS A 17 4.06 -9.26 3.12
N LYS A 18 5.14 -9.33 2.35
CA LYS A 18 6.41 -8.75 2.75
C LYS A 18 6.23 -7.30 3.20
N LEU A 19 5.25 -6.62 2.60
CA LEU A 19 4.98 -5.23 2.93
C LEU A 19 4.25 -5.12 4.26
N GLU A 20 3.11 -5.80 4.36
CA GLU A 20 2.31 -5.78 5.58
C GLU A 20 3.20 -5.94 6.82
N GLN A 21 4.16 -6.85 6.73
CA GLN A 21 5.07 -7.11 7.83
C GLN A 21 5.92 -5.88 8.13
N LEU A 22 6.52 -5.32 7.09
CA LEU A 22 7.37 -4.14 7.24
C LEU A 22 6.61 -3.02 7.95
N LEU A 23 5.40 -2.73 7.47
CA LEU A 23 4.57 -1.68 8.07
C LEU A 23 4.64 -1.73 9.59
N ILE A 24 4.51 -2.94 10.13
CA ILE A 24 4.56 -3.13 11.58
C ILE A 24 5.93 -2.79 12.13
N LYS A 25 6.97 -3.25 11.44
CA LYS A 25 8.35 -2.98 11.87
C LYS A 25 8.63 -1.48 11.93
N TYR A 26 8.19 -0.76 10.90
CA TYR A 26 8.39 0.68 10.85
C TYR A 26 7.15 1.43 11.33
N PRO A 27 7.23 1.94 12.57
CA PRO A 27 6.13 2.69 13.18
C PRO A 27 5.90 4.05 12.52
N PRO A 28 4.71 4.62 12.75
CA PRO A 28 4.34 5.93 12.18
C PRO A 28 5.13 7.07 12.80
N GLU A 29 5.77 7.87 11.97
CA GLU A 29 6.56 9.00 12.44
C GLU A 29 5.91 10.33 12.04
N GLU A 30 6.52 11.43 12.47
CA GLU A 30 5.99 12.75 12.15
C GLU A 30 5.79 12.92 10.65
N VAL A 31 6.81 12.56 9.87
CA VAL A 31 6.75 12.67 8.42
C VAL A 31 6.29 11.36 7.79
N GLU A 32 5.13 11.40 7.13
CA GLU A 32 4.59 10.21 6.49
C GLU A 32 5.49 9.74 5.35
N SER A 33 5.99 10.68 4.57
CA SER A 33 6.87 10.35 3.45
C SER A 33 8.07 9.54 3.91
N ARG A 34 8.85 10.11 4.84
CA ARG A 34 10.02 9.44 5.37
C ARG A 34 9.72 7.97 5.68
N ARG A 35 8.61 7.74 6.36
CA ARG A 35 8.21 6.38 6.73
C ARG A 35 8.26 5.46 5.51
N TRP A 36 7.43 5.75 4.52
CA TRP A 36 7.37 4.95 3.31
C TRP A 36 8.77 4.67 2.78
N GLN A 37 9.59 5.72 2.70
CA GLN A 37 10.96 5.59 2.22
C GLN A 37 11.70 4.46 2.94
N LYS A 38 11.57 4.44 4.26
CA LYS A 38 12.22 3.42 5.07
C LYS A 38 11.77 2.02 4.67
N ILE A 39 10.46 1.77 4.77
CA ILE A 39 9.91 0.48 4.40
C ILE A 39 10.33 0.08 3.00
N ALA A 40 10.19 1.00 2.05
CA ALA A 40 10.57 0.74 0.67
C ALA A 40 11.99 0.19 0.58
N ASP A 41 12.95 0.95 1.10
CA ASP A 41 14.34 0.54 1.07
C ASP A 41 14.47 -0.96 1.31
N GLU A 42 13.78 -1.45 2.34
CA GLU A 42 13.82 -2.87 2.68
C GLU A 42 13.35 -3.72 1.50
N LEU A 43 12.20 -3.36 0.94
CA LEU A 43 11.64 -4.08 -0.19
C LEU A 43 12.57 -4.04 -1.39
N GLY A 44 12.99 -2.83 -1.77
CA GLY A 44 13.88 -2.67 -2.90
C GLY A 44 13.14 -2.39 -4.19
N ASN A 45 12.25 -3.31 -4.57
CA ASN A 45 11.47 -3.15 -5.80
C ASN A 45 10.50 -1.99 -5.68
N ARG A 46 9.82 -1.90 -4.53
CA ARG A 46 8.86 -0.84 -4.29
C ARG A 46 9.55 0.43 -3.80
N THR A 47 8.87 1.56 -3.93
CA THR A 47 9.41 2.85 -3.51
C THR A 47 8.45 3.58 -2.59
N ALA A 48 8.93 4.64 -1.97
CA ALA A 48 8.12 5.44 -1.06
C ALA A 48 6.77 5.78 -1.69
N LYS A 49 6.73 5.81 -3.02
CA LYS A 49 5.50 6.12 -3.74
C LYS A 49 4.59 4.90 -3.82
N GLN A 50 5.05 3.87 -4.53
CA GLN A 50 4.28 2.64 -4.67
C GLN A 50 3.77 2.15 -3.33
N VAL A 51 4.52 2.47 -2.27
CA VAL A 51 4.14 2.06 -0.92
C VAL A 51 3.08 2.99 -0.34
N ALA A 52 3.22 4.28 -0.63
CA ALA A 52 2.27 5.28 -0.13
C ALA A 52 0.86 4.99 -0.63
N SER A 53 0.73 4.77 -1.95
CA SER A 53 -0.56 4.50 -2.55
C SER A 53 -1.11 3.16 -2.07
N GLN A 54 -0.23 2.15 -1.98
CA GLN A 54 -0.63 0.83 -1.55
C GLN A 54 -1.17 0.87 -0.12
N VAL A 55 -0.44 1.55 0.77
CA VAL A 55 -0.86 1.67 2.16
C VAL A 55 -2.28 2.18 2.27
N GLN A 56 -2.65 3.11 1.39
CA GLN A 56 -3.99 3.68 1.39
C GLN A 56 -5.05 2.58 1.24
N LYS A 57 -4.84 1.71 0.26
CA LYS A 57 -5.79 0.62 0.01
C LYS A 57 -5.49 -0.57 0.93
N TYR A 58 -4.86 -0.29 2.06
CA TYR A 58 -4.51 -1.34 3.02
C TYR A 58 -5.12 -1.04 4.38
N PHE A 59 -5.21 0.24 4.72
CA PHE A 59 -5.78 0.66 6.00
C PHE A 59 -7.12 1.35 5.80
N ILE A 60 -7.17 2.25 4.81
CA ILE A 60 -8.40 2.98 4.51
C ILE A 60 -9.44 2.08 3.87
N LYS A 61 -9.03 1.33 2.85
CA LYS A 61 -9.93 0.42 2.15
C LYS A 61 -10.88 -0.26 3.13
N LEU A 62 -10.34 -0.71 4.26
CA LEU A 62 -11.15 -1.38 5.27
C LEU A 62 -12.52 -0.71 5.41
N THR A 63 -12.50 0.60 5.57
CA THR A 63 -13.75 1.35 5.71
C THR A 63 -14.82 0.82 4.78
N LYS A 64 -16.07 0.84 5.25
CA LYS A 64 -17.20 0.36 4.45
C LYS A 64 -17.04 0.78 2.99
N ALA A 65 -17.29 -0.18 2.08
CA ALA A 65 -17.17 0.09 0.66
C ALA A 65 -18.43 0.78 0.13
N GLY A 66 -18.23 1.75 -0.76
CA GLY A 66 -19.35 2.48 -1.32
C GLY A 66 -19.21 3.97 -1.18
N ILE A 67 -17.99 4.48 -1.40
CA ILE A 67 -17.72 5.90 -1.28
C ILE A 67 -17.18 6.47 -2.60
N PRO A 68 -17.70 7.64 -2.99
CA PRO A 68 -17.27 8.32 -4.22
C PRO A 68 -15.84 8.85 -4.14
N VAL A 69 -15.00 8.38 -5.06
CA VAL A 69 -13.60 8.81 -5.09
C VAL A 69 -13.34 9.72 -6.29
N SER A 70 -12.58 10.79 -6.05
CA SER A 70 -12.25 11.74 -7.11
C SER A 70 -10.78 12.09 -7.07
N GLY A 71 -10.27 12.39 -5.88
CA GLY A 71 -8.87 12.75 -5.73
C GLY A 71 -8.68 14.16 -5.21
N PRO A 72 -8.85 14.34 -3.89
CA PRO A 72 -8.71 15.64 -3.23
C PRO A 72 -7.26 16.12 -3.22
N SER A 73 -7.08 17.44 -3.21
CA SER A 73 -5.74 18.02 -3.19
C SER A 73 -4.86 17.39 -4.25
N SER A 74 -5.43 17.17 -5.44
CA SER A 74 -4.69 16.57 -6.54
C SER A 74 -3.39 17.31 -6.80
N GLY A 75 -3.44 18.64 -6.68
CA GLY A 75 -2.26 19.45 -6.91
C GLY A 75 -1.58 19.13 -8.22
N GLY A 1 -13.31 5.44 -9.76
CA GLY A 1 -12.01 5.62 -9.15
C GLY A 1 -11.07 6.45 -10.00
N SER A 2 -10.01 5.82 -10.50
CA SER A 2 -9.04 6.51 -11.33
C SER A 2 -8.86 5.79 -12.67
N SER A 3 -8.32 6.51 -13.66
CA SER A 3 -8.10 5.94 -14.97
C SER A 3 -6.87 5.04 -14.97
N GLY A 4 -6.85 4.07 -15.89
CA GLY A 4 -5.74 3.14 -15.97
C GLY A 4 -5.95 2.07 -17.01
N SER A 5 -6.00 2.48 -18.28
CA SER A 5 -6.20 1.54 -19.38
C SER A 5 -4.99 0.64 -19.56
N SER A 6 -3.85 1.24 -19.89
CA SER A 6 -2.61 0.49 -20.08
C SER A 6 -1.72 0.58 -18.86
N GLY A 7 -0.91 -0.46 -18.64
CA GLY A 7 -0.02 -0.47 -17.50
C GLY A 7 -0.54 -1.33 -16.37
N ASN A 8 -0.38 -2.65 -16.50
CA ASN A 8 -0.85 -3.58 -15.47
C ASN A 8 0.32 -4.12 -14.66
N GLN A 9 0.78 -3.33 -13.71
CA GLN A 9 1.90 -3.72 -12.86
C GLN A 9 1.50 -3.70 -11.38
N LEU A 10 0.82 -4.76 -10.95
CA LEU A 10 0.38 -4.85 -9.56
C LEU A 10 1.41 -5.59 -8.71
N TRP A 11 1.40 -5.32 -7.41
CA TRP A 11 2.34 -5.94 -6.48
C TRP A 11 2.31 -7.47 -6.64
N THR A 12 3.25 -8.14 -5.98
CA THR A 12 3.32 -9.59 -6.03
C THR A 12 3.14 -10.21 -4.66
N VAL A 13 2.41 -11.32 -4.60
CA VAL A 13 2.16 -12.02 -3.34
C VAL A 13 3.39 -11.96 -2.43
N GLU A 14 4.56 -12.15 -3.03
CA GLU A 14 5.81 -12.12 -2.28
C GLU A 14 5.99 -10.79 -1.56
N GLU A 15 5.70 -9.70 -2.27
CA GLU A 15 5.83 -8.36 -1.71
C GLU A 15 4.62 -8.02 -0.83
N GLN A 16 3.43 -8.16 -1.42
CA GLN A 16 2.19 -7.86 -0.71
C GLN A 16 2.30 -8.27 0.76
N LYS A 17 2.67 -9.53 0.98
CA LYS A 17 2.81 -10.06 2.34
C LYS A 17 4.00 -9.42 3.05
N LYS A 18 5.08 -9.20 2.31
CA LYS A 18 6.28 -8.59 2.88
C LYS A 18 5.97 -7.23 3.48
N LEU A 19 5.21 -6.42 2.75
CA LEU A 19 4.84 -5.09 3.21
C LEU A 19 4.15 -5.16 4.57
N GLU A 20 3.13 -6.01 4.66
CA GLU A 20 2.38 -6.17 5.90
C GLU A 20 3.32 -6.21 7.10
N GLN A 21 4.35 -7.04 7.01
CA GLN A 21 5.32 -7.17 8.09
C GLN A 21 6.07 -5.86 8.31
N LEU A 22 6.50 -5.24 7.20
CA LEU A 22 7.24 -3.98 7.27
C LEU A 22 6.40 -2.90 7.95
N LEU A 23 5.25 -2.59 7.35
CA LEU A 23 4.36 -1.58 7.89
C LEU A 23 4.40 -1.58 9.42
N ILE A 24 4.30 -2.76 10.02
CA ILE A 24 4.33 -2.90 11.46
C ILE A 24 5.69 -2.53 12.02
N LYS A 25 6.74 -2.98 11.35
CA LYS A 25 8.11 -2.69 11.78
C LYS A 25 8.38 -1.19 11.74
N TYR A 26 7.86 -0.53 10.73
CA TYR A 26 8.05 0.92 10.57
C TYR A 26 6.79 1.68 10.96
N PRO A 27 6.71 2.09 12.23
CA PRO A 27 5.56 2.83 12.75
C PRO A 27 5.48 4.25 12.20
N PRO A 28 4.33 4.90 12.40
CA PRO A 28 4.09 6.27 11.92
C PRO A 28 4.93 7.30 12.68
N GLU A 29 5.89 7.89 11.99
CA GLU A 29 6.75 8.90 12.61
C GLU A 29 6.25 10.31 12.30
N GLU A 30 6.97 11.31 12.82
CA GLU A 30 6.59 12.70 12.60
C GLU A 30 6.03 12.90 11.20
N VAL A 31 6.74 12.38 10.20
CA VAL A 31 6.31 12.51 8.81
C VAL A 31 5.89 11.15 8.24
N GLU A 32 4.98 11.18 7.28
CA GLU A 32 4.48 9.96 6.65
C GLU A 32 5.20 9.70 5.33
N SER A 33 5.75 10.77 4.75
CA SER A 33 6.46 10.66 3.47
C SER A 33 7.83 10.02 3.66
N ARG A 34 8.32 10.04 4.90
CA ARG A 34 9.62 9.46 5.20
C ARG A 34 9.50 7.98 5.53
N ARG A 35 8.52 7.65 6.37
CA ARG A 35 8.30 6.26 6.77
C ARG A 35 8.32 5.33 5.56
N TRP A 36 7.71 5.79 4.47
CA TRP A 36 7.66 5.00 3.24
C TRP A 36 9.06 4.78 2.68
N GLN A 37 9.91 5.80 2.77
CA GLN A 37 11.27 5.72 2.28
C GLN A 37 12.02 4.56 2.93
N LYS A 38 11.89 4.45 4.25
CA LYS A 38 12.56 3.38 4.99
C LYS A 38 12.02 2.01 4.58
N ILE A 39 10.70 1.91 4.49
CA ILE A 39 10.07 0.66 4.10
C ILE A 39 10.50 0.23 2.69
N ALA A 40 10.32 1.13 1.73
CA ALA A 40 10.69 0.85 0.35
C ALA A 40 12.08 0.25 0.27
N ASP A 41 13.05 0.89 0.92
CA ASP A 41 14.43 0.42 0.92
C ASP A 41 14.49 -1.08 1.20
N GLU A 42 13.80 -1.50 2.26
CA GLU A 42 13.78 -2.92 2.64
C GLU A 42 13.30 -3.78 1.47
N LEU A 43 12.18 -3.39 0.87
CA LEU A 43 11.62 -4.13 -0.26
C LEU A 43 12.60 -4.17 -1.42
N GLY A 44 12.99 -3.00 -1.91
CA GLY A 44 13.93 -2.93 -3.02
C GLY A 44 13.23 -2.87 -4.36
N ASN A 45 12.05 -3.48 -4.44
CA ASN A 45 11.29 -3.49 -5.69
C ASN A 45 10.39 -2.27 -5.79
N ARG A 46 9.68 -1.97 -4.70
CA ARG A 46 8.79 -0.82 -4.66
C ARG A 46 9.54 0.44 -4.24
N THR A 47 8.82 1.56 -4.15
CA THR A 47 9.42 2.83 -3.77
C THR A 47 8.52 3.58 -2.80
N ALA A 48 9.12 4.49 -2.04
CA ALA A 48 8.37 5.29 -1.07
C ALA A 48 6.97 5.60 -1.58
N LYS A 49 6.90 6.25 -2.74
CA LYS A 49 5.61 6.61 -3.34
C LYS A 49 4.73 5.37 -3.50
N GLN A 50 5.11 4.50 -4.41
CA GLN A 50 4.36 3.28 -4.67
C GLN A 50 3.83 2.68 -3.36
N VAL A 51 4.65 2.73 -2.33
CA VAL A 51 4.28 2.19 -1.02
C VAL A 51 3.18 3.03 -0.39
N ALA A 52 3.31 4.35 -0.47
CA ALA A 52 2.33 5.27 0.10
C ALA A 52 0.95 4.99 -0.46
N SER A 53 0.87 4.74 -1.77
CA SER A 53 -0.40 4.46 -2.43
C SER A 53 -0.94 3.10 -2.01
N GLN A 54 -0.05 2.14 -1.87
CA GLN A 54 -0.45 0.78 -1.47
C GLN A 54 -0.99 0.77 -0.05
N VAL A 55 -0.48 1.69 0.78
CA VAL A 55 -0.91 1.78 2.17
C VAL A 55 -2.39 2.17 2.26
N GLN A 56 -2.77 3.18 1.51
CA GLN A 56 -4.16 3.64 1.51
C GLN A 56 -5.12 2.49 1.26
N LYS A 57 -4.74 1.58 0.36
CA LYS A 57 -5.56 0.43 0.03
C LYS A 57 -5.26 -0.74 0.97
N TYR A 58 -4.68 -0.43 2.12
CA TYR A 58 -4.34 -1.46 3.10
C TYR A 58 -5.04 -1.19 4.43
N PHE A 59 -5.42 0.06 4.65
CA PHE A 59 -6.10 0.44 5.89
C PHE A 59 -7.46 1.06 5.59
N ILE A 60 -7.56 1.73 4.44
CA ILE A 60 -8.81 2.36 4.03
C ILE A 60 -9.67 1.41 3.20
N LYS A 61 -9.02 0.44 2.57
CA LYS A 61 -9.73 -0.53 1.75
C LYS A 61 -10.36 -1.62 2.61
N LEU A 62 -9.58 -2.17 3.54
CA LEU A 62 -10.06 -3.22 4.43
C LEU A 62 -11.13 -2.68 5.36
N THR A 63 -11.39 -1.37 5.29
CA THR A 63 -12.38 -0.74 6.13
C THR A 63 -13.72 -1.48 6.05
N LYS A 64 -14.66 -1.07 6.90
CA LYS A 64 -15.98 -1.69 6.91
C LYS A 64 -17.08 -0.65 6.75
N ALA A 65 -17.26 -0.19 5.51
CA ALA A 65 -18.28 0.80 5.19
C ALA A 65 -19.11 0.39 4.00
N GLY A 66 -20.00 1.27 3.56
CA GLY A 66 -20.86 0.98 2.42
C GLY A 66 -20.13 0.21 1.34
N ILE A 67 -18.81 0.37 1.29
CA ILE A 67 -17.99 -0.30 0.30
C ILE A 67 -18.57 -1.68 -0.05
N PRO A 68 -18.67 -1.96 -1.35
CA PRO A 68 -19.19 -3.24 -1.86
C PRO A 68 -18.26 -4.41 -1.56
N VAL A 69 -18.84 -5.58 -1.31
CA VAL A 69 -18.05 -6.77 -1.02
C VAL A 69 -17.44 -7.34 -2.29
N SER A 70 -16.18 -7.77 -2.19
CA SER A 70 -15.48 -8.34 -3.33
C SER A 70 -15.11 -9.79 -3.08
N GLY A 71 -14.59 -10.45 -4.11
CA GLY A 71 -14.20 -11.85 -3.97
C GLY A 71 -12.82 -12.13 -4.54
N PRO A 72 -11.78 -11.62 -3.86
CA PRO A 72 -10.39 -11.79 -4.28
C PRO A 72 -9.92 -13.23 -4.12
N SER A 73 -9.80 -13.94 -5.24
CA SER A 73 -9.35 -15.33 -5.22
C SER A 73 -10.20 -16.16 -4.24
N SER A 74 -11.50 -15.92 -4.26
CA SER A 74 -12.41 -16.63 -3.37
C SER A 74 -13.29 -17.59 -4.15
N GLY A 75 -13.95 -17.07 -5.20
CA GLY A 75 -14.81 -17.89 -6.01
C GLY A 75 -15.54 -17.10 -7.08
N GLY A 1 -14.22 9.89 -1.82
CA GLY A 1 -14.29 8.76 -2.73
C GLY A 1 -12.95 8.45 -3.37
N SER A 2 -12.95 8.29 -4.69
CA SER A 2 -11.72 7.97 -5.43
C SER A 2 -11.82 8.47 -6.86
N SER A 3 -10.65 8.67 -7.49
CA SER A 3 -10.60 9.15 -8.87
C SER A 3 -10.73 7.99 -9.84
N GLY A 4 -9.79 7.05 -9.77
CA GLY A 4 -9.82 5.90 -10.65
C GLY A 4 -8.63 5.86 -11.59
N SER A 5 -7.43 6.04 -11.04
CA SER A 5 -6.21 6.03 -11.83
C SER A 5 -5.35 4.81 -11.49
N SER A 6 -4.93 4.08 -12.51
CA SER A 6 -4.10 2.90 -12.32
C SER A 6 -3.17 2.69 -13.50
N GLY A 7 -2.04 2.04 -13.25
CA GLY A 7 -1.09 1.78 -14.31
C GLY A 7 -0.32 0.49 -14.10
N ASN A 8 0.97 0.50 -14.44
CA ASN A 8 1.82 -0.68 -14.29
C ASN A 8 2.50 -0.68 -12.93
N GLN A 9 1.73 -0.39 -11.88
CA GLN A 9 2.27 -0.35 -10.52
C GLN A 9 1.70 -1.50 -9.69
N LEU A 10 1.55 -2.66 -10.31
CA LEU A 10 1.02 -3.83 -9.63
C LEU A 10 2.05 -4.43 -8.68
N TRP A 11 1.58 -5.12 -7.66
CA TRP A 11 2.47 -5.74 -6.68
C TRP A 11 2.40 -7.26 -6.78
N THR A 12 3.28 -7.94 -6.03
CA THR A 12 3.32 -9.39 -6.03
C THR A 12 3.03 -9.95 -4.65
N VAL A 13 2.53 -11.18 -4.60
CA VAL A 13 2.20 -11.84 -3.34
C VAL A 13 3.33 -11.66 -2.32
N GLU A 14 4.55 -11.96 -2.75
CA GLU A 14 5.71 -11.84 -1.87
C GLU A 14 5.75 -10.46 -1.21
N GLU A 15 5.55 -9.41 -2.02
CA GLU A 15 5.57 -8.05 -1.52
C GLU A 15 4.36 -7.78 -0.61
N GLN A 16 3.17 -8.14 -1.10
CA GLN A 16 1.95 -7.93 -0.35
C GLN A 16 2.13 -8.35 1.11
N LYS A 17 2.69 -9.53 1.32
CA LYS A 17 2.93 -10.05 2.66
C LYS A 17 4.14 -9.37 3.29
N LYS A 18 5.15 -9.05 2.47
CA LYS A 18 6.36 -8.40 2.96
C LYS A 18 6.04 -7.01 3.52
N LEU A 19 5.61 -6.11 2.63
CA LEU A 19 5.28 -4.75 3.03
C LEU A 19 4.46 -4.75 4.32
N GLU A 20 3.31 -5.42 4.28
CA GLU A 20 2.43 -5.50 5.44
C GLU A 20 3.24 -5.62 6.73
N GLN A 21 4.08 -6.65 6.79
CA GLN A 21 4.91 -6.88 7.97
C GLN A 21 5.83 -5.69 8.23
N LEU A 22 6.43 -5.16 7.16
CA LEU A 22 7.32 -4.01 7.27
C LEU A 22 6.61 -2.81 7.89
N LEU A 23 5.35 -2.63 7.52
CA LEU A 23 4.56 -1.52 8.03
C LEU A 23 4.55 -1.51 9.55
N ILE A 24 4.24 -2.66 10.15
CA ILE A 24 4.19 -2.78 11.60
C ILE A 24 5.60 -2.78 12.19
N LYS A 25 6.50 -3.53 11.55
CA LYS A 25 7.89 -3.61 12.01
C LYS A 25 8.52 -2.22 12.07
N TYR A 26 8.12 -1.35 11.15
CA TYR A 26 8.65 0.01 11.12
C TYR A 26 7.75 0.97 11.87
N PRO A 27 8.32 1.65 12.87
CA PRO A 27 7.58 2.63 13.70
C PRO A 27 7.20 3.88 12.91
N PRO A 28 6.36 4.72 13.53
CA PRO A 28 5.90 5.98 12.91
C PRO A 28 7.02 7.00 12.82
N GLU A 29 6.79 8.06 12.04
CA GLU A 29 7.77 9.12 11.86
C GLU A 29 7.10 10.48 11.84
N GLU A 30 7.90 11.52 11.65
CA GLU A 30 7.39 12.89 11.61
C GLU A 30 6.58 13.13 10.33
N VAL A 31 7.15 12.74 9.20
CA VAL A 31 6.49 12.91 7.91
C VAL A 31 6.21 11.56 7.25
N GLU A 32 4.92 11.27 7.05
CA GLU A 32 4.52 10.01 6.42
C GLU A 32 5.56 9.55 5.40
N SER A 33 5.73 10.33 4.34
CA SER A 33 6.67 10.00 3.29
C SER A 33 7.93 9.35 3.88
N ARG A 34 8.57 10.05 4.80
CA ARG A 34 9.78 9.54 5.44
C ARG A 34 9.65 8.05 5.73
N ARG A 35 8.56 7.67 6.39
CA ARG A 35 8.33 6.27 6.72
C ARG A 35 8.45 5.39 5.49
N TRP A 36 7.52 5.55 4.56
CA TRP A 36 7.51 4.77 3.33
C TRP A 36 8.91 4.68 2.73
N GLN A 37 9.58 5.83 2.66
CA GLN A 37 10.93 5.88 2.10
C GLN A 37 11.82 4.82 2.73
N LYS A 38 11.59 4.52 4.00
CA LYS A 38 12.37 3.53 4.71
C LYS A 38 11.95 2.11 4.31
N ILE A 39 10.67 1.79 4.52
CA ILE A 39 10.15 0.48 4.17
C ILE A 39 10.54 0.09 2.75
N ALA A 40 10.46 1.05 1.83
CA ALA A 40 10.81 0.81 0.45
C ALA A 40 12.22 0.22 0.33
N ASP A 41 13.19 0.90 0.91
CA ASP A 41 14.58 0.44 0.87
C ASP A 41 14.65 -1.07 1.04
N GLU A 42 13.95 -1.59 2.03
CA GLU A 42 13.93 -3.03 2.29
C GLU A 42 13.48 -3.80 1.06
N LEU A 43 12.31 -3.42 0.53
CA LEU A 43 11.76 -4.09 -0.64
C LEU A 43 12.75 -4.03 -1.81
N GLY A 44 13.29 -2.85 -2.07
CA GLY A 44 14.24 -2.69 -3.15
C GLY A 44 13.56 -2.47 -4.49
N ASN A 45 12.38 -3.06 -4.67
CA ASN A 45 11.63 -2.92 -5.91
C ASN A 45 10.64 -1.77 -5.82
N ARG A 46 9.96 -1.66 -4.68
CA ARG A 46 8.98 -0.60 -4.47
C ARG A 46 9.66 0.67 -3.96
N THR A 47 8.97 1.80 -4.10
CA THR A 47 9.50 3.07 -3.65
C THR A 47 8.53 3.77 -2.71
N ALA A 48 9.05 4.69 -1.89
CA ALA A 48 8.23 5.41 -0.94
C ALA A 48 6.84 5.68 -1.50
N LYS A 49 6.80 6.21 -2.72
CA LYS A 49 5.52 6.52 -3.37
C LYS A 49 4.66 5.26 -3.48
N GLN A 50 5.08 4.33 -4.32
CA GLN A 50 4.34 3.08 -4.51
C GLN A 50 3.85 2.52 -3.18
N VAL A 51 4.66 2.70 -2.14
CA VAL A 51 4.31 2.22 -0.80
C VAL A 51 3.21 3.08 -0.18
N ALA A 52 3.31 4.39 -0.39
CA ALA A 52 2.33 5.33 0.15
C ALA A 52 0.92 4.98 -0.32
N SER A 53 0.77 4.77 -1.63
CA SER A 53 -0.52 4.43 -2.20
C SER A 53 -0.97 3.05 -1.74
N GLN A 54 -0.06 2.10 -1.74
CA GLN A 54 -0.36 0.73 -1.33
C GLN A 54 -0.96 0.71 0.07
N VAL A 55 -0.46 1.59 0.94
CA VAL A 55 -0.95 1.67 2.32
C VAL A 55 -2.39 2.17 2.36
N GLN A 56 -2.72 3.08 1.44
CA GLN A 56 -4.07 3.63 1.38
C GLN A 56 -5.09 2.54 1.05
N LYS A 57 -4.68 1.57 0.23
CA LYS A 57 -5.56 0.48 -0.15
C LYS A 57 -5.30 -0.75 0.71
N TYR A 58 -4.60 -0.56 1.82
CA TYR A 58 -4.29 -1.64 2.73
C TYR A 58 -4.98 -1.44 4.08
N PHE A 59 -5.52 -0.24 4.28
CA PHE A 59 -6.21 0.08 5.53
C PHE A 59 -7.56 0.71 5.26
N ILE A 60 -7.55 1.80 4.50
CA ILE A 60 -8.79 2.50 4.16
C ILE A 60 -9.77 1.59 3.43
N LYS A 61 -9.23 0.73 2.58
CA LYS A 61 -10.05 -0.22 1.83
C LYS A 61 -10.69 -1.25 2.75
N LEU A 62 -10.02 -1.54 3.86
CA LEU A 62 -10.51 -2.52 4.82
C LEU A 62 -11.00 -1.82 6.09
N THR A 63 -11.77 -0.75 5.91
CA THR A 63 -12.31 0.01 7.04
C THR A 63 -13.68 -0.53 7.46
N LYS A 64 -14.64 -0.44 6.55
CA LYS A 64 -15.99 -0.91 6.82
C LYS A 64 -16.41 -1.98 5.82
N ALA A 65 -17.12 -2.99 6.30
CA ALA A 65 -17.57 -4.09 5.44
C ALA A 65 -18.35 -3.55 4.24
N GLY A 66 -19.33 -2.69 4.51
CA GLY A 66 -20.13 -2.12 3.45
C GLY A 66 -19.33 -1.88 2.18
N ILE A 67 -18.12 -1.35 2.35
CA ILE A 67 -17.25 -1.08 1.21
C ILE A 67 -16.89 -2.35 0.47
N PRO A 68 -16.89 -2.28 -0.87
CA PRO A 68 -16.56 -3.43 -1.73
C PRO A 68 -15.08 -3.81 -1.65
N VAL A 69 -14.81 -5.05 -1.29
CA VAL A 69 -13.44 -5.54 -1.18
C VAL A 69 -13.08 -6.45 -2.35
N SER A 70 -12.07 -6.05 -3.12
CA SER A 70 -11.64 -6.82 -4.27
C SER A 70 -10.13 -6.73 -4.44
N GLY A 71 -9.46 -7.87 -4.44
CA GLY A 71 -8.02 -7.90 -4.60
C GLY A 71 -7.59 -7.73 -6.04
N PRO A 72 -6.38 -7.19 -6.24
CA PRO A 72 -5.82 -6.97 -7.59
C PRO A 72 -5.48 -8.26 -8.31
N SER A 73 -5.58 -8.24 -9.63
CA SER A 73 -5.29 -9.42 -10.44
C SER A 73 -3.79 -9.72 -10.43
N SER A 74 -3.45 -11.01 -10.50
CA SER A 74 -2.06 -11.44 -10.50
C SER A 74 -1.79 -12.44 -11.62
N GLY A 75 -1.06 -11.99 -12.64
CA GLY A 75 -0.75 -12.86 -13.76
C GLY A 75 0.28 -13.92 -13.40
N GLY A 1 -10.81 -4.44 -8.15
CA GLY A 1 -11.58 -5.65 -8.38
C GLY A 1 -10.79 -6.70 -9.14
N SER A 2 -11.01 -7.96 -8.78
CA SER A 2 -10.31 -9.06 -9.42
C SER A 2 -11.29 -9.93 -10.22
N SER A 3 -11.08 -9.99 -11.54
CA SER A 3 -11.94 -10.78 -12.41
C SER A 3 -11.12 -11.81 -13.18
N GLY A 4 -10.19 -12.46 -12.49
CA GLY A 4 -9.36 -13.46 -13.13
C GLY A 4 -7.90 -13.07 -13.15
N SER A 5 -7.22 -13.39 -14.25
CA SER A 5 -5.81 -13.08 -14.40
C SER A 5 -5.61 -11.82 -15.24
N SER A 6 -5.32 -10.71 -14.57
CA SER A 6 -5.12 -9.44 -15.26
C SER A 6 -4.33 -8.47 -14.39
N GLY A 7 -3.79 -7.43 -15.01
CA GLY A 7 -3.01 -6.45 -14.28
C GLY A 7 -1.61 -6.29 -14.82
N ASN A 8 -1.24 -5.05 -15.15
CA ASN A 8 0.08 -4.76 -15.69
C ASN A 8 1.07 -4.49 -14.57
N GLN A 9 0.84 -3.43 -13.82
CA GLN A 9 1.72 -3.06 -12.72
C GLN A 9 1.04 -3.32 -11.38
N LEU A 10 0.82 -4.59 -11.07
CA LEU A 10 0.18 -4.98 -9.81
C LEU A 10 1.20 -5.59 -8.86
N TRP A 11 0.84 -5.63 -7.57
CA TRP A 11 1.72 -6.20 -6.56
C TRP A 11 1.64 -7.72 -6.54
N THR A 12 2.77 -8.37 -6.29
CA THR A 12 2.82 -9.82 -6.25
C THR A 12 2.69 -10.34 -4.82
N VAL A 13 2.08 -11.51 -4.67
CA VAL A 13 1.89 -12.11 -3.36
C VAL A 13 3.10 -11.89 -2.48
N GLU A 14 4.28 -12.17 -3.01
CA GLU A 14 5.52 -12.01 -2.26
C GLU A 14 5.54 -10.66 -1.55
N GLU A 15 5.63 -9.58 -2.32
CA GLU A 15 5.67 -8.24 -1.77
C GLU A 15 4.54 -8.05 -0.75
N GLN A 16 3.32 -8.31 -1.17
CA GLN A 16 2.16 -8.17 -0.30
C GLN A 16 2.50 -8.57 1.13
N LYS A 17 3.27 -9.65 1.27
CA LYS A 17 3.67 -10.14 2.58
C LYS A 17 4.70 -9.20 3.23
N LYS A 18 5.87 -9.11 2.61
CA LYS A 18 6.93 -8.26 3.12
C LYS A 18 6.37 -6.91 3.58
N LEU A 19 5.48 -6.34 2.77
CA LEU A 19 4.86 -5.06 3.09
C LEU A 19 4.06 -5.15 4.39
N GLU A 20 3.24 -6.19 4.50
CA GLU A 20 2.42 -6.39 5.68
C GLU A 20 3.27 -6.36 6.95
N GLN A 21 4.40 -7.06 6.92
CA GLN A 21 5.29 -7.11 8.06
C GLN A 21 5.98 -5.77 8.28
N LEU A 22 6.57 -5.24 7.22
CA LEU A 22 7.26 -3.94 7.29
C LEU A 22 6.35 -2.88 7.90
N LEU A 23 5.13 -2.80 7.39
CA LEU A 23 4.16 -1.82 7.88
C LEU A 23 4.22 -1.71 9.39
N ILE A 24 4.31 -2.84 10.06
CA ILE A 24 4.38 -2.87 11.52
C ILE A 24 5.77 -2.48 12.01
N LYS A 25 6.79 -3.03 11.38
CA LYS A 25 8.18 -2.73 11.74
C LYS A 25 8.44 -1.23 11.73
N TYR A 26 7.86 -0.55 10.74
CA TYR A 26 8.03 0.90 10.62
C TYR A 26 6.78 1.63 11.08
N PRO A 27 6.78 2.06 12.36
CA PRO A 27 5.65 2.77 12.94
C PRO A 27 5.50 4.19 12.39
N PRO A 28 4.32 4.80 12.61
CA PRO A 28 4.04 6.15 12.13
C PRO A 28 4.85 7.21 12.87
N GLU A 29 5.32 8.21 12.13
CA GLU A 29 6.11 9.29 12.71
C GLU A 29 5.63 10.65 12.21
N GLU A 30 6.19 11.71 12.78
CA GLU A 30 5.80 13.07 12.40
C GLU A 30 5.68 13.19 10.88
N VAL A 31 6.69 12.71 10.16
CA VAL A 31 6.69 12.77 8.71
C VAL A 31 6.32 11.41 8.11
N GLU A 32 5.11 11.33 7.55
CA GLU A 32 4.64 10.09 6.95
C GLU A 32 5.51 9.71 5.75
N SER A 33 5.98 10.72 5.02
CA SER A 33 6.82 10.49 3.85
C SER A 33 7.97 9.56 4.18
N ARG A 34 8.81 9.97 5.12
CA ARG A 34 9.96 9.17 5.53
C ARG A 34 9.54 7.73 5.82
N ARG A 35 8.54 7.56 6.67
CA ARG A 35 8.04 6.24 7.03
C ARG A 35 7.98 5.33 5.80
N TRP A 36 7.46 5.86 4.70
CA TRP A 36 7.34 5.10 3.47
C TRP A 36 8.72 4.85 2.85
N GLN A 37 9.53 5.90 2.78
CA GLN A 37 10.88 5.79 2.22
C GLN A 37 11.65 4.66 2.88
N LYS A 38 11.56 4.60 4.21
CA LYS A 38 12.26 3.57 4.97
C LYS A 38 11.77 2.18 4.58
N ILE A 39 10.46 2.02 4.50
CA ILE A 39 9.87 0.74 4.14
C ILE A 39 10.29 0.31 2.74
N ALA A 40 10.29 1.27 1.81
CA ALA A 40 10.68 1.00 0.43
C ALA A 40 12.06 0.35 0.36
N ASP A 41 13.06 1.05 0.89
CA ASP A 41 14.43 0.53 0.90
C ASP A 41 14.44 -0.98 1.07
N GLU A 42 13.85 -1.45 2.16
CA GLU A 42 13.80 -2.88 2.44
C GLU A 42 13.31 -3.66 1.22
N LEU A 43 12.13 -3.29 0.73
CA LEU A 43 11.55 -3.95 -0.44
C LEU A 43 12.55 -4.02 -1.58
N GLY A 44 13.00 -2.85 -2.03
CA GLY A 44 13.95 -2.79 -3.12
C GLY A 44 13.32 -2.34 -4.42
N ASN A 45 12.29 -3.07 -4.85
CA ASN A 45 11.60 -2.75 -6.10
C ASN A 45 10.65 -1.57 -5.91
N ARG A 46 9.78 -1.66 -4.91
CA ARG A 46 8.82 -0.60 -4.62
C ARG A 46 9.54 0.64 -4.10
N THR A 47 8.81 1.76 -4.05
CA THR A 47 9.38 3.01 -3.57
C THR A 47 8.37 3.78 -2.73
N ALA A 48 8.87 4.68 -1.90
CA ALA A 48 8.02 5.49 -1.03
C ALA A 48 6.72 5.86 -1.73
N LYS A 49 6.79 5.96 -3.06
CA LYS A 49 5.61 6.31 -3.86
C LYS A 49 4.65 5.14 -3.96
N GLN A 50 5.04 4.12 -4.70
CA GLN A 50 4.21 2.93 -4.88
C GLN A 50 3.75 2.38 -3.54
N VAL A 51 4.63 2.46 -2.54
CA VAL A 51 4.31 1.97 -1.20
C VAL A 51 3.16 2.76 -0.59
N ALA A 52 3.27 4.08 -0.62
CA ALA A 52 2.24 4.95 -0.07
C ALA A 52 0.87 4.60 -0.65
N SER A 53 0.79 4.51 -1.97
CA SER A 53 -0.46 4.18 -2.65
C SER A 53 -0.95 2.80 -2.24
N GLN A 54 -0.02 1.93 -1.89
CA GLN A 54 -0.36 0.56 -1.48
C GLN A 54 -0.91 0.54 -0.05
N VAL A 55 -0.31 1.36 0.81
CA VAL A 55 -0.74 1.43 2.20
C VAL A 55 -2.11 2.08 2.32
N GLN A 56 -2.28 3.20 1.62
CA GLN A 56 -3.55 3.93 1.66
C GLN A 56 -4.71 3.02 1.27
N LYS A 57 -4.46 2.12 0.32
CA LYS A 57 -5.49 1.19 -0.13
C LYS A 57 -5.46 -0.10 0.68
N TYR A 58 -4.86 -0.03 1.87
CA TYR A 58 -4.76 -1.18 2.75
C TYR A 58 -5.52 -0.93 4.05
N PHE A 59 -5.29 0.24 4.65
CA PHE A 59 -5.95 0.60 5.90
C PHE A 59 -7.24 1.36 5.64
N ILE A 60 -7.26 2.12 4.55
CA ILE A 60 -8.44 2.90 4.18
C ILE A 60 -9.40 2.07 3.34
N LYS A 61 -8.86 1.12 2.59
CA LYS A 61 -9.67 0.25 1.74
C LYS A 61 -10.66 -0.56 2.58
N LEU A 62 -10.28 -0.84 3.83
CA LEU A 62 -11.13 -1.60 4.73
C LEU A 62 -12.12 -0.70 5.45
N THR A 63 -11.66 0.51 5.80
CA THR A 63 -12.51 1.47 6.50
C THR A 63 -13.88 1.57 5.85
N LYS A 64 -14.93 1.45 6.67
CA LYS A 64 -16.30 1.53 6.18
C LYS A 64 -16.65 2.95 5.78
N ALA A 65 -16.46 3.89 6.70
CA ALA A 65 -16.76 5.29 6.44
C ALA A 65 -15.70 5.92 5.54
N GLY A 66 -15.96 7.14 5.09
CA GLY A 66 -15.02 7.83 4.23
C GLY A 66 -14.63 7.01 3.02
N ILE A 67 -15.63 6.45 2.34
CA ILE A 67 -15.39 5.65 1.16
C ILE A 67 -16.07 6.24 -0.07
N PRO A 68 -15.30 6.43 -1.15
CA PRO A 68 -15.81 7.00 -2.40
C PRO A 68 -16.75 6.04 -3.12
N VAL A 69 -18.04 6.36 -3.11
CA VAL A 69 -19.04 5.53 -3.76
C VAL A 69 -18.49 4.90 -5.05
N SER A 70 -18.84 3.64 -5.28
CA SER A 70 -18.38 2.93 -6.46
C SER A 70 -18.47 3.82 -7.70
N GLY A 71 -17.55 3.61 -8.64
CA GLY A 71 -17.55 4.40 -9.86
C GLY A 71 -17.52 3.54 -11.10
N PRO A 72 -18.07 4.08 -12.21
CA PRO A 72 -18.12 3.36 -13.49
C PRO A 72 -16.74 3.21 -14.12
N SER A 73 -15.80 4.02 -13.66
CA SER A 73 -14.43 3.99 -14.19
C SER A 73 -13.90 2.56 -14.23
N SER A 74 -13.72 2.05 -15.44
CA SER A 74 -13.22 0.69 -15.62
C SER A 74 -12.43 0.57 -16.92
N GLY A 75 -11.88 -0.63 -17.17
CA GLY A 75 -11.11 -0.85 -18.37
C GLY A 75 -11.99 -0.96 -19.61
N GLY A 1 -14.36 14.44 -15.03
CA GLY A 1 -15.10 13.39 -15.72
C GLY A 1 -14.33 12.09 -15.79
N SER A 2 -13.59 11.90 -16.88
CA SER A 2 -12.81 10.69 -17.07
C SER A 2 -11.36 11.03 -17.38
N SER A 3 -10.48 10.82 -16.41
CA SER A 3 -9.06 11.10 -16.58
C SER A 3 -8.31 9.86 -17.04
N GLY A 4 -7.09 10.06 -17.53
CA GLY A 4 -6.28 8.96 -18.00
C GLY A 4 -5.78 8.09 -16.88
N SER A 5 -4.68 8.49 -16.26
CA SER A 5 -4.09 7.74 -15.16
C SER A 5 -4.18 6.24 -15.42
N SER A 6 -3.90 5.84 -16.65
CA SER A 6 -3.95 4.44 -17.03
C SER A 6 -2.59 3.77 -16.84
N GLY A 7 -2.60 2.63 -16.15
CA GLY A 7 -1.36 1.91 -15.90
C GLY A 7 -1.35 1.22 -14.56
N ASN A 8 -2.45 0.53 -14.25
CA ASN A 8 -2.57 -0.18 -12.98
C ASN A 8 -1.28 -0.93 -12.65
N GLN A 9 -0.89 -0.91 -11.38
CA GLN A 9 0.32 -1.59 -10.94
C GLN A 9 -0.01 -2.69 -9.94
N LEU A 10 -0.05 -3.93 -10.42
CA LEU A 10 -0.35 -5.08 -9.57
C LEU A 10 0.83 -5.40 -8.67
N TRP A 11 0.55 -6.09 -7.57
CA TRP A 11 1.59 -6.47 -6.61
C TRP A 11 1.78 -7.98 -6.59
N THR A 12 2.94 -8.42 -6.11
CA THR A 12 3.25 -9.84 -6.04
C THR A 12 3.22 -10.33 -4.59
N VAL A 13 2.72 -11.55 -4.39
CA VAL A 13 2.65 -12.13 -3.06
C VAL A 13 3.82 -11.70 -2.20
N GLU A 14 5.03 -11.89 -2.71
CA GLU A 14 6.24 -11.52 -1.99
C GLU A 14 6.10 -10.13 -1.38
N GLU A 15 5.90 -9.12 -2.23
CA GLU A 15 5.75 -7.75 -1.77
C GLU A 15 4.53 -7.60 -0.88
N GLN A 16 3.40 -8.10 -1.34
CA GLN A 16 2.16 -8.03 -0.57
C GLN A 16 2.43 -8.21 0.92
N LYS A 17 2.85 -9.40 1.30
CA LYS A 17 3.15 -9.70 2.70
C LYS A 17 4.35 -8.90 3.18
N LYS A 18 5.45 -9.01 2.45
CA LYS A 18 6.68 -8.30 2.79
C LYS A 18 6.37 -6.89 3.30
N LEU A 19 5.36 -6.26 2.70
CA LEU A 19 4.96 -4.92 3.09
C LEU A 19 4.22 -4.93 4.42
N GLU A 20 3.12 -5.66 4.46
CA GLU A 20 2.32 -5.76 5.69
C GLU A 20 3.22 -5.92 6.91
N GLN A 21 4.23 -6.77 6.78
CA GLN A 21 5.16 -7.02 7.88
C GLN A 21 6.01 -5.78 8.17
N LEU A 22 6.57 -5.20 7.11
CA LEU A 22 7.40 -4.01 7.24
C LEU A 22 6.64 -2.89 7.95
N LEU A 23 5.38 -2.70 7.56
CA LEU A 23 4.55 -1.66 8.16
C LEU A 23 4.62 -1.71 9.69
N ILE A 24 4.39 -2.89 10.25
CA ILE A 24 4.43 -3.06 11.69
C ILE A 24 5.83 -2.80 12.24
N LYS A 25 6.84 -3.29 11.53
CA LYS A 25 8.23 -3.10 11.93
C LYS A 25 8.53 -1.61 12.15
N TYR A 26 8.30 -0.81 11.11
CA TYR A 26 8.55 0.62 11.18
C TYR A 26 7.40 1.33 11.89
N PRO A 27 7.74 2.04 12.98
CA PRO A 27 6.76 2.79 13.78
C PRO A 27 6.22 4.01 13.04
N PRO A 28 5.06 4.50 13.49
CA PRO A 28 4.40 5.66 12.88
C PRO A 28 5.16 6.96 13.13
N GLU A 29 5.18 7.84 12.15
CA GLU A 29 5.88 9.11 12.27
C GLU A 29 4.96 10.28 11.89
N GLU A 30 5.51 11.47 11.85
CA GLU A 30 4.75 12.67 11.51
C GLU A 30 4.68 12.86 10.01
N VAL A 31 5.74 12.46 9.31
CA VAL A 31 5.80 12.59 7.86
C VAL A 31 5.73 11.22 7.19
N GLU A 32 4.51 10.76 6.93
CA GLU A 32 4.30 9.46 6.29
C GLU A 32 5.38 9.20 5.25
N SER A 33 5.89 10.27 4.64
CA SER A 33 6.92 10.14 3.62
C SER A 33 8.07 9.26 4.10
N ARG A 34 8.84 9.78 5.06
CA ARG A 34 9.97 9.04 5.61
C ARG A 34 9.56 7.63 5.98
N ARG A 35 8.31 7.46 6.40
CA ARG A 35 7.80 6.15 6.79
C ARG A 35 7.76 5.21 5.59
N TRP A 36 7.36 5.73 4.44
CA TRP A 36 7.28 4.93 3.22
C TRP A 36 8.67 4.65 2.66
N GLN A 37 9.53 5.67 2.69
CA GLN A 37 10.89 5.52 2.18
C GLN A 37 11.60 4.36 2.86
N LYS A 38 11.58 4.36 4.19
CA LYS A 38 12.23 3.30 4.96
C LYS A 38 11.74 1.93 4.50
N ILE A 39 10.43 1.75 4.48
CA ILE A 39 9.83 0.48 4.07
C ILE A 39 10.26 0.11 2.66
N ALA A 40 10.23 1.09 1.76
CA ALA A 40 10.61 0.87 0.38
C ALA A 40 12.00 0.25 0.28
N ASP A 41 12.98 0.88 0.92
CA ASP A 41 14.35 0.40 0.92
C ASP A 41 14.38 -1.12 1.09
N GLU A 42 13.73 -1.60 2.16
CA GLU A 42 13.70 -3.03 2.43
C GLU A 42 13.27 -3.82 1.20
N LEU A 43 12.21 -3.36 0.54
CA LEU A 43 11.70 -4.01 -0.65
C LEU A 43 12.73 -3.97 -1.78
N GLY A 44 13.39 -2.83 -1.94
CA GLY A 44 14.39 -2.68 -2.97
C GLY A 44 13.77 -2.39 -4.33
N ASN A 45 12.70 -3.09 -4.66
CA ASN A 45 12.01 -2.90 -5.93
C ASN A 45 10.99 -1.76 -5.85
N ARG A 46 10.21 -1.76 -4.78
CA ARG A 46 9.20 -0.73 -4.57
C ARG A 46 9.83 0.57 -4.08
N THR A 47 9.08 1.66 -4.17
CA THR A 47 9.57 2.96 -3.73
C THR A 47 8.58 3.63 -2.78
N ALA A 48 9.08 4.61 -2.02
CA ALA A 48 8.24 5.33 -1.06
C ALA A 48 6.82 5.52 -1.62
N LYS A 49 6.73 6.13 -2.79
CA LYS A 49 5.44 6.37 -3.42
C LYS A 49 4.65 5.07 -3.57
N GLN A 50 5.12 4.19 -4.45
CA GLN A 50 4.45 2.92 -4.68
C GLN A 50 3.93 2.34 -3.38
N VAL A 51 4.68 2.52 -2.31
CA VAL A 51 4.30 2.02 -1.00
C VAL A 51 3.18 2.86 -0.39
N ALA A 52 3.28 4.18 -0.56
CA ALA A 52 2.28 5.09 -0.03
C ALA A 52 0.89 4.77 -0.59
N SER A 53 0.79 4.69 -1.92
CA SER A 53 -0.47 4.40 -2.57
C SER A 53 -1.04 3.08 -2.08
N GLN A 54 -0.17 2.09 -1.93
CA GLN A 54 -0.58 0.76 -1.47
C GLN A 54 -1.16 0.83 -0.05
N VAL A 55 -0.42 1.48 0.84
CA VAL A 55 -0.85 1.61 2.23
C VAL A 55 -2.26 2.20 2.30
N GLN A 56 -2.57 3.11 1.38
CA GLN A 56 -3.88 3.76 1.34
C GLN A 56 -4.99 2.71 1.25
N LYS A 57 -4.89 1.84 0.25
CA LYS A 57 -5.88 0.79 0.04
C LYS A 57 -5.73 -0.32 1.07
N TYR A 58 -4.82 -0.12 2.02
CA TYR A 58 -4.57 -1.10 3.07
C TYR A 58 -5.26 -0.70 4.37
N PHE A 59 -5.33 0.60 4.61
CA PHE A 59 -5.96 1.12 5.82
C PHE A 59 -7.26 1.84 5.49
N ILE A 60 -7.25 2.60 4.41
CA ILE A 60 -8.43 3.34 3.98
C ILE A 60 -9.46 2.41 3.35
N LYS A 61 -8.98 1.38 2.67
CA LYS A 61 -9.86 0.42 2.01
C LYS A 61 -10.74 -0.29 3.03
N LEU A 62 -10.13 -0.84 4.06
CA LEU A 62 -10.87 -1.54 5.10
C LEU A 62 -11.85 -0.60 5.81
N THR A 63 -11.49 0.67 5.90
CA THR A 63 -12.33 1.67 6.53
C THR A 63 -13.69 1.75 5.86
N LYS A 64 -14.75 1.62 6.65
CA LYS A 64 -16.11 1.68 6.13
C LYS A 64 -16.27 2.83 5.14
N ALA A 65 -15.77 4.00 5.52
CA ALA A 65 -15.84 5.18 4.66
C ALA A 65 -15.12 4.94 3.34
N GLY A 66 -14.00 4.24 3.40
CA GLY A 66 -13.22 3.96 2.20
C GLY A 66 -13.47 2.56 1.68
N ILE A 67 -14.73 2.17 1.59
CA ILE A 67 -15.09 0.85 1.10
C ILE A 67 -15.40 0.88 -0.39
N PRO A 68 -14.76 -0.03 -1.15
CA PRO A 68 -14.95 -0.13 -2.60
C PRO A 68 -16.34 -0.65 -2.97
N VAL A 69 -16.92 -0.07 -4.01
CA VAL A 69 -18.25 -0.48 -4.46
C VAL A 69 -18.27 -1.94 -4.88
N SER A 70 -17.27 -2.33 -5.68
CA SER A 70 -17.17 -3.70 -6.16
C SER A 70 -16.22 -4.51 -5.29
N GLY A 71 -16.28 -5.83 -5.43
CA GLY A 71 -15.41 -6.70 -4.64
C GLY A 71 -14.51 -7.55 -5.51
N PRO A 72 -13.42 -6.95 -6.02
CA PRO A 72 -12.46 -7.65 -6.87
C PRO A 72 -11.65 -8.70 -6.12
N SER A 73 -11.33 -9.79 -6.78
CA SER A 73 -10.57 -10.87 -6.17
C SER A 73 -11.02 -11.11 -4.73
N SER A 74 -12.33 -11.07 -4.51
CA SER A 74 -12.89 -11.28 -3.18
C SER A 74 -12.88 -12.76 -2.80
N GLY A 75 -11.91 -13.15 -1.99
CA GLY A 75 -11.81 -14.53 -1.57
C GLY A 75 -11.42 -15.45 -2.70
N GLY A 1 -10.97 -12.62 -1.57
CA GLY A 1 -12.10 -12.96 -2.42
C GLY A 1 -12.21 -12.02 -3.62
N SER A 2 -12.99 -10.95 -3.45
CA SER A 2 -13.19 -9.98 -4.53
C SER A 2 -11.89 -9.23 -4.81
N SER A 3 -11.87 -8.54 -5.95
CA SER A 3 -10.69 -7.78 -6.36
C SER A 3 -11.04 -6.30 -6.57
N GLY A 4 -12.04 -6.05 -7.39
CA GLY A 4 -12.46 -4.69 -7.66
C GLY A 4 -11.57 -4.00 -8.68
N SER A 5 -10.83 -3.00 -8.23
CA SER A 5 -9.94 -2.25 -9.11
C SER A 5 -8.80 -3.14 -9.61
N SER A 6 -8.22 -2.77 -10.74
CA SER A 6 -7.12 -3.53 -11.32
C SER A 6 -5.96 -2.60 -11.72
N GLY A 7 -6.28 -1.58 -12.50
CA GLY A 7 -5.25 -0.64 -12.93
C GLY A 7 -4.31 -1.25 -13.94
N ASN A 8 -3.01 -1.04 -13.74
CA ASN A 8 -1.99 -1.57 -14.65
C ASN A 8 -1.32 -2.81 -14.06
N GLN A 9 -0.80 -2.67 -12.85
CA GLN A 9 -0.14 -3.77 -12.17
C GLN A 9 -0.30 -3.68 -10.66
N LEU A 10 -0.72 -4.78 -10.04
CA LEU A 10 -0.92 -4.81 -8.59
C LEU A 10 0.19 -5.59 -7.90
N TRP A 11 0.47 -5.24 -6.65
CA TRP A 11 1.51 -5.91 -5.89
C TRP A 11 1.35 -7.41 -5.94
N THR A 12 2.47 -8.13 -5.81
CA THR A 12 2.44 -9.59 -5.84
C THR A 12 2.21 -10.17 -4.45
N VAL A 13 2.10 -11.49 -4.38
CA VAL A 13 1.88 -12.17 -3.11
C VAL A 13 3.05 -11.96 -2.16
N GLU A 14 4.26 -12.17 -2.67
CA GLU A 14 5.47 -12.00 -1.87
C GLU A 14 5.60 -10.56 -1.38
N GLU A 15 5.54 -9.62 -2.32
CA GLU A 15 5.66 -8.21 -1.98
C GLU A 15 4.53 -7.77 -1.03
N GLN A 16 3.30 -8.08 -1.41
CA GLN A 16 2.15 -7.74 -0.59
C GLN A 16 2.41 -8.04 0.88
N LYS A 17 2.49 -9.32 1.21
CA LYS A 17 2.73 -9.75 2.59
C LYS A 17 3.97 -9.05 3.16
N LYS A 18 4.94 -8.77 2.29
CA LYS A 18 6.16 -8.11 2.71
C LYS A 18 5.88 -6.70 3.22
N LEU A 19 5.03 -5.98 2.51
CA LEU A 19 4.66 -4.61 2.88
C LEU A 19 4.04 -4.59 4.28
N GLU A 20 3.02 -5.41 4.48
CA GLU A 20 2.33 -5.48 5.76
C GLU A 20 3.35 -5.64 6.91
N GLN A 21 4.23 -6.63 6.77
CA GLN A 21 5.25 -6.88 7.78
C GLN A 21 6.12 -5.65 8.00
N LEU A 22 6.49 -5.00 6.91
CA LEU A 22 7.33 -3.80 6.98
C LEU A 22 6.63 -2.68 7.74
N LEU A 23 5.39 -2.39 7.33
CA LEU A 23 4.61 -1.34 7.97
C LEU A 23 4.60 -1.52 9.49
N ILE A 24 4.34 -2.73 9.94
CA ILE A 24 4.30 -3.03 11.37
C ILE A 24 5.68 -2.86 12.00
N LYS A 25 6.71 -3.35 11.30
CA LYS A 25 8.08 -3.25 11.78
C LYS A 25 8.48 -1.79 12.00
N TYR A 26 8.39 -0.99 10.95
CA TYR A 26 8.74 0.42 11.02
C TYR A 26 7.63 1.23 11.67
N PRO A 27 7.92 1.83 12.83
CA PRO A 27 6.96 2.65 13.58
C PRO A 27 6.63 3.95 12.87
N PRO A 28 5.40 4.45 13.08
CA PRO A 28 4.93 5.70 12.47
C PRO A 28 5.64 6.92 13.05
N GLU A 29 6.35 7.64 12.19
CA GLU A 29 7.08 8.83 12.61
C GLU A 29 6.29 10.09 12.26
N GLU A 30 6.70 11.21 12.86
CA GLU A 30 6.02 12.49 12.62
C GLU A 30 5.58 12.61 11.17
N VAL A 31 6.51 12.35 10.24
CA VAL A 31 6.21 12.43 8.83
C VAL A 31 5.70 11.10 8.30
N GLU A 32 4.86 11.16 7.26
CA GLU A 32 4.29 9.96 6.66
C GLU A 32 5.12 9.50 5.47
N SER A 33 5.66 10.46 4.72
CA SER A 33 6.47 10.15 3.55
C SER A 33 7.72 9.36 3.95
N ARG A 34 8.44 9.87 4.93
CA ARG A 34 9.66 9.21 5.40
C ARG A 34 9.38 7.75 5.75
N ARG A 35 8.33 7.52 6.52
CA ARG A 35 7.96 6.16 6.93
C ARG A 35 8.02 5.21 5.74
N TRP A 36 7.50 5.65 4.60
CA TRP A 36 7.49 4.84 3.39
C TRP A 36 8.91 4.67 2.84
N GLN A 37 9.72 5.72 2.97
CA GLN A 37 11.09 5.68 2.47
C GLN A 37 11.88 4.56 3.13
N LYS A 38 11.80 4.49 4.46
CA LYS A 38 12.49 3.46 5.23
C LYS A 38 12.05 2.07 4.79
N ILE A 39 10.74 1.89 4.65
CA ILE A 39 10.18 0.60 4.23
C ILE A 39 10.69 0.21 2.84
N ALA A 40 10.48 1.09 1.87
CA ALA A 40 10.92 0.84 0.50
C ALA A 40 12.34 0.30 0.47
N ASP A 41 13.25 1.01 1.13
CA ASP A 41 14.65 0.61 1.18
C ASP A 41 14.78 -0.91 1.24
N GLU A 42 14.14 -1.52 2.23
CA GLU A 42 14.18 -2.96 2.41
C GLU A 42 13.75 -3.67 1.13
N LEU A 43 12.56 -3.36 0.65
CA LEU A 43 12.02 -3.96 -0.56
C LEU A 43 13.02 -3.85 -1.71
N GLY A 44 13.46 -2.63 -1.99
CA GLY A 44 14.41 -2.41 -3.06
C GLY A 44 13.73 -2.15 -4.39
N ASN A 45 12.73 -2.96 -4.71
CA ASN A 45 12.00 -2.81 -5.97
C ASN A 45 10.99 -1.67 -5.89
N ARG A 46 10.25 -1.63 -4.78
CA ARG A 46 9.25 -0.59 -4.58
C ARG A 46 9.89 0.70 -4.08
N THR A 47 9.10 1.77 -4.02
CA THR A 47 9.59 3.06 -3.56
C THR A 47 8.58 3.75 -2.66
N ALA A 48 9.06 4.68 -1.84
CA ALA A 48 8.19 5.41 -0.93
C ALA A 48 6.82 5.64 -1.55
N LYS A 49 6.80 6.22 -2.74
CA LYS A 49 5.56 6.50 -3.44
C LYS A 49 4.76 5.22 -3.66
N GLN A 50 5.26 4.36 -4.54
CA GLN A 50 4.59 3.10 -4.84
C GLN A 50 4.07 2.44 -3.56
N VAL A 51 4.78 2.66 -2.47
CA VAL A 51 4.39 2.08 -1.18
C VAL A 51 3.20 2.83 -0.58
N ALA A 52 3.22 4.15 -0.71
CA ALA A 52 2.15 4.99 -0.19
C ALA A 52 0.80 4.58 -0.77
N SER A 53 0.74 4.43 -2.09
CA SER A 53 -0.49 4.04 -2.75
C SER A 53 -1.03 2.73 -2.18
N GLN A 54 -0.15 1.76 -2.02
CA GLN A 54 -0.54 0.46 -1.47
C GLN A 54 -1.09 0.60 -0.06
N VAL A 55 -0.38 1.36 0.77
CA VAL A 55 -0.78 1.57 2.16
C VAL A 55 -2.23 2.04 2.23
N GLN A 56 -2.60 2.93 1.31
CA GLN A 56 -3.97 3.46 1.29
C GLN A 56 -4.99 2.33 1.21
N LYS A 57 -4.76 1.39 0.29
CA LYS A 57 -5.66 0.25 0.12
C LYS A 57 -5.33 -0.86 1.10
N TYR A 58 -4.75 -0.48 2.24
CA TYR A 58 -4.38 -1.45 3.27
C TYR A 58 -4.97 -1.07 4.62
N PHE A 59 -5.09 0.24 4.85
CA PHE A 59 -5.63 0.75 6.10
C PHE A 59 -6.97 1.45 5.88
N ILE A 60 -7.04 2.25 4.83
CA ILE A 60 -8.26 2.98 4.50
C ILE A 60 -9.33 2.03 3.96
N LYS A 61 -8.92 1.06 3.17
CA LYS A 61 -9.84 0.09 2.60
C LYS A 61 -10.71 -0.55 3.68
N LEU A 62 -10.07 -0.90 4.80
CA LEU A 62 -10.78 -1.52 5.91
C LEU A 62 -11.83 -0.57 6.49
N THR A 63 -11.47 0.71 6.61
CA THR A 63 -12.39 1.71 7.13
C THR A 63 -13.61 1.85 6.24
N LYS A 64 -13.40 2.18 4.97
CA LYS A 64 -14.49 2.34 4.02
C LYS A 64 -15.64 3.12 4.66
N ALA A 65 -15.32 4.26 5.26
CA ALA A 65 -16.33 5.10 5.89
C ALA A 65 -16.59 6.36 5.07
N GLY A 66 -17.41 7.25 5.62
CA GLY A 66 -17.73 8.49 4.92
C GLY A 66 -16.53 9.07 4.19
N ILE A 67 -15.33 8.75 4.68
CA ILE A 67 -14.11 9.24 4.08
C ILE A 67 -14.25 9.38 2.56
N PRO A 68 -13.82 10.54 2.04
CA PRO A 68 -13.89 10.82 0.60
C PRO A 68 -12.92 9.97 -0.21
N VAL A 69 -12.98 10.11 -1.53
CA VAL A 69 -12.10 9.36 -2.42
C VAL A 69 -11.33 10.29 -3.34
N SER A 70 -10.01 10.28 -3.22
CA SER A 70 -9.15 11.12 -4.04
C SER A 70 -8.46 10.29 -5.13
N GLY A 71 -8.17 10.94 -6.26
CA GLY A 71 -7.52 10.26 -7.36
C GLY A 71 -6.02 10.51 -7.38
N PRO A 72 -5.25 9.48 -7.80
CA PRO A 72 -3.79 9.57 -7.88
C PRO A 72 -3.33 10.51 -9.00
N SER A 73 -3.98 10.41 -10.16
CA SER A 73 -3.62 11.24 -11.30
C SER A 73 -3.44 12.69 -10.88
N SER A 74 -4.53 13.34 -10.51
CA SER A 74 -4.49 14.74 -10.09
C SER A 74 -5.16 14.92 -8.74
N GLY A 75 -6.26 14.19 -8.53
CA GLY A 75 -6.99 14.28 -7.28
C GLY A 75 -8.23 15.13 -7.40
N GLY A 1 -12.61 -5.22 -9.09
CA GLY A 1 -11.77 -5.31 -10.26
C GLY A 1 -12.40 -6.14 -11.37
N SER A 2 -11.59 -6.57 -12.32
CA SER A 2 -12.08 -7.37 -13.44
C SER A 2 -11.79 -8.85 -13.22
N SER A 3 -12.00 -9.32 -11.99
CA SER A 3 -11.76 -10.71 -11.65
C SER A 3 -10.42 -11.18 -12.22
N GLY A 4 -9.40 -10.33 -12.09
CA GLY A 4 -8.08 -10.67 -12.59
C GLY A 4 -7.93 -10.39 -14.07
N SER A 5 -6.82 -9.77 -14.45
CA SER A 5 -6.56 -9.45 -15.84
C SER A 5 -5.20 -9.99 -16.29
N SER A 6 -4.22 -9.88 -15.41
CA SER A 6 -2.87 -10.35 -15.69
C SER A 6 -2.26 -9.57 -16.86
N GLY A 7 -2.45 -8.26 -16.84
CA GLY A 7 -1.92 -7.41 -17.90
C GLY A 7 -1.51 -6.04 -17.40
N ASN A 8 -0.76 -6.01 -16.30
CA ASN A 8 -0.31 -4.75 -15.73
C ASN A 8 0.67 -5.00 -14.59
N GLN A 9 1.37 -3.95 -14.17
CA GLN A 9 2.34 -4.05 -13.08
C GLN A 9 1.64 -4.18 -11.74
N LEU A 10 1.30 -5.41 -11.38
CA LEU A 10 0.63 -5.68 -10.11
C LEU A 10 1.63 -6.11 -9.04
N TRP A 11 1.17 -6.16 -7.79
CA TRP A 11 2.01 -6.56 -6.68
C TRP A 11 2.16 -8.08 -6.62
N THR A 12 3.35 -8.54 -6.24
CA THR A 12 3.62 -9.97 -6.14
C THR A 12 3.45 -10.47 -4.72
N VAL A 13 2.90 -11.67 -4.58
CA VAL A 13 2.68 -12.26 -3.26
C VAL A 13 3.78 -11.85 -2.29
N GLU A 14 4.97 -12.41 -2.47
CA GLU A 14 6.11 -12.10 -1.61
C GLU A 14 6.06 -10.65 -1.15
N GLU A 15 5.78 -9.74 -2.08
CA GLU A 15 5.70 -8.32 -1.76
C GLU A 15 4.46 -8.01 -0.92
N GLN A 16 3.31 -8.50 -1.38
CA GLN A 16 2.06 -8.28 -0.67
C GLN A 16 2.24 -8.46 0.83
N LYS A 17 2.73 -9.63 1.23
CA LYS A 17 2.96 -9.93 2.64
C LYS A 17 4.13 -9.13 3.19
N LYS A 18 5.23 -9.12 2.44
CA LYS A 18 6.43 -8.39 2.85
C LYS A 18 6.06 -6.98 3.33
N LEU A 19 5.19 -6.32 2.58
CA LEU A 19 4.76 -4.96 2.93
C LEU A 19 4.02 -4.96 4.27
N GLU A 20 3.05 -5.86 4.40
CA GLU A 20 2.26 -5.96 5.62
C GLU A 20 3.17 -6.03 6.85
N GLN A 21 4.22 -6.84 6.75
CA GLN A 21 5.17 -7.00 7.85
C GLN A 21 5.93 -5.70 8.11
N LEU A 22 6.62 -5.21 7.08
CA LEU A 22 7.39 -3.98 7.20
C LEU A 22 6.58 -2.90 7.89
N LEU A 23 5.37 -2.65 7.38
CA LEU A 23 4.50 -1.63 7.95
C LEU A 23 4.61 -1.60 9.47
N ILE A 24 4.57 -2.79 10.08
CA ILE A 24 4.67 -2.90 11.53
C ILE A 24 6.12 -2.79 11.99
N LYS A 25 7.03 -3.39 11.23
CA LYS A 25 8.45 -3.35 11.56
C LYS A 25 8.90 -1.92 11.83
N TYR A 26 8.64 -1.04 10.87
CA TYR A 26 9.03 0.36 11.00
C TYR A 26 7.96 1.16 11.74
N PRO A 27 8.36 1.79 12.85
CA PRO A 27 7.45 2.59 13.67
C PRO A 27 7.04 3.89 12.98
N PRO A 28 6.02 4.57 13.53
CA PRO A 28 5.51 5.83 12.99
C PRO A 28 6.49 6.97 13.14
N GLU A 29 6.26 8.05 12.41
CA GLU A 29 7.13 9.22 12.47
C GLU A 29 6.33 10.50 12.26
N GLU A 30 7.03 11.63 12.20
CA GLU A 30 6.39 12.92 12.00
C GLU A 30 6.10 13.17 10.53
N VAL A 31 6.96 12.64 9.66
CA VAL A 31 6.79 12.81 8.22
C VAL A 31 6.36 11.51 7.57
N GLU A 32 5.05 11.31 7.44
CA GLU A 32 4.52 10.09 6.84
C GLU A 32 5.35 9.69 5.61
N SER A 33 5.96 10.67 4.97
CA SER A 33 6.78 10.42 3.79
C SER A 33 8.01 9.59 4.15
N ARG A 34 8.92 10.19 4.90
CA ARG A 34 10.14 9.50 5.31
C ARG A 34 9.84 8.06 5.73
N ARG A 35 8.66 7.86 6.30
CA ARG A 35 8.25 6.52 6.75
C ARG A 35 8.25 5.54 5.59
N TRP A 36 7.47 5.85 4.56
CA TRP A 36 7.38 4.98 3.38
C TRP A 36 8.76 4.69 2.82
N GLN A 37 9.67 5.65 2.94
CA GLN A 37 11.04 5.49 2.43
C GLN A 37 11.74 4.35 3.15
N LYS A 38 11.68 4.35 4.48
CA LYS A 38 12.32 3.31 5.28
C LYS A 38 11.82 1.93 4.86
N ILE A 39 10.52 1.83 4.63
CA ILE A 39 9.92 0.56 4.22
C ILE A 39 10.33 0.17 2.80
N ALA A 40 10.09 1.08 1.86
CA ALA A 40 10.46 0.83 0.46
C ALA A 40 11.89 0.33 0.35
N ASP A 41 12.82 1.03 0.98
CA ASP A 41 14.22 0.65 0.96
C ASP A 41 14.38 -0.85 1.13
N GLU A 42 13.73 -1.39 2.16
CA GLU A 42 13.80 -2.82 2.44
C GLU A 42 13.33 -3.65 1.25
N LEU A 43 12.20 -3.24 0.68
CA LEU A 43 11.64 -3.94 -0.47
C LEU A 43 12.62 -3.93 -1.65
N GLY A 44 13.20 -2.76 -1.93
CA GLY A 44 14.14 -2.65 -3.02
C GLY A 44 13.46 -2.50 -4.37
N ASN A 45 12.37 -3.24 -4.55
CA ASN A 45 11.62 -3.19 -5.80
C ASN A 45 10.61 -2.05 -5.80
N ARG A 46 10.00 -1.82 -4.64
CA ARG A 46 9.00 -0.75 -4.50
C ARG A 46 9.68 0.56 -4.10
N THR A 47 8.88 1.62 -4.03
CA THR A 47 9.39 2.94 -3.65
C THR A 47 8.45 3.63 -2.68
N ALA A 48 8.97 4.63 -1.97
CA ALA A 48 8.17 5.38 -1.01
C ALA A 48 6.80 5.72 -1.60
N LYS A 49 6.77 6.00 -2.89
CA LYS A 49 5.52 6.35 -3.56
C LYS A 49 4.64 5.12 -3.72
N GLN A 50 5.09 4.16 -4.53
CA GLN A 50 4.34 2.94 -4.77
C GLN A 50 3.74 2.41 -3.47
N VAL A 51 4.50 2.53 -2.39
CA VAL A 51 4.05 2.07 -1.08
C VAL A 51 2.96 2.97 -0.52
N ALA A 52 3.12 4.28 -0.72
CA ALA A 52 2.15 5.25 -0.23
C ALA A 52 0.74 4.92 -0.71
N SER A 53 0.62 4.57 -1.99
CA SER A 53 -0.67 4.24 -2.57
C SER A 53 -1.11 2.85 -2.12
N GLN A 54 -0.14 1.97 -1.86
CA GLN A 54 -0.43 0.61 -1.43
C GLN A 54 -0.97 0.60 0.00
N VAL A 55 -0.43 1.48 0.83
CA VAL A 55 -0.85 1.58 2.23
C VAL A 55 -2.27 2.14 2.35
N GLN A 56 -2.50 3.26 1.67
CA GLN A 56 -3.81 3.90 1.69
C GLN A 56 -4.91 2.91 1.27
N LYS A 57 -4.56 2.02 0.36
CA LYS A 57 -5.51 1.01 -0.12
C LYS A 57 -5.47 -0.24 0.73
N TYR A 58 -4.86 -0.13 1.91
CA TYR A 58 -4.74 -1.26 2.82
C TYR A 58 -5.45 -0.97 4.15
N PHE A 59 -5.56 0.31 4.48
CA PHE A 59 -6.22 0.73 5.71
C PHE A 59 -7.47 1.55 5.41
N ILE A 60 -7.36 2.43 4.43
CA ILE A 60 -8.48 3.29 4.04
C ILE A 60 -9.48 2.53 3.17
N LYS A 61 -9.01 1.47 2.53
CA LYS A 61 -9.85 0.66 1.66
C LYS A 61 -10.70 -0.30 2.49
N LEU A 62 -10.05 -1.09 3.33
CA LEU A 62 -10.75 -2.05 4.17
C LEU A 62 -12.09 -1.50 4.65
N THR A 63 -12.13 -0.18 4.87
CA THR A 63 -13.34 0.48 5.32
C THR A 63 -14.58 -0.08 4.63
N LYS A 64 -15.71 -0.07 5.31
CA LYS A 64 -16.95 -0.57 4.76
C LYS A 64 -17.16 -0.06 3.34
N ALA A 65 -17.81 -0.87 2.52
CA ALA A 65 -18.07 -0.51 1.12
C ALA A 65 -19.28 0.42 1.03
N GLY A 66 -19.36 1.38 1.94
CA GLY A 66 -20.47 2.31 1.94
C GLY A 66 -20.01 3.75 1.87
N ILE A 67 -19.03 4.02 1.01
CA ILE A 67 -18.50 5.36 0.84
C ILE A 67 -18.16 5.65 -0.62
N PRO A 68 -18.54 6.86 -1.09
CA PRO A 68 -18.29 7.28 -2.46
C PRO A 68 -16.81 7.53 -2.74
N VAL A 69 -16.44 7.57 -4.02
CA VAL A 69 -15.06 7.80 -4.42
C VAL A 69 -14.98 8.57 -5.73
N SER A 70 -13.98 9.42 -5.84
CA SER A 70 -13.78 10.22 -7.05
C SER A 70 -12.31 10.33 -7.41
N GLY A 71 -12.04 10.81 -8.61
CA GLY A 71 -10.66 10.94 -9.06
C GLY A 71 -10.43 12.22 -9.85
N PRO A 72 -10.14 13.32 -9.14
CA PRO A 72 -9.90 14.62 -9.76
C PRO A 72 -8.59 14.66 -10.54
N SER A 73 -7.75 13.65 -10.32
CA SER A 73 -6.47 13.57 -11.02
C SER A 73 -6.63 13.86 -12.50
N SER A 74 -5.79 14.77 -13.00
CA SER A 74 -5.83 15.15 -14.41
C SER A 74 -4.66 16.06 -14.77
N GLY A 75 -4.19 15.95 -16.01
CA GLY A 75 -3.08 16.76 -16.45
C GLY A 75 -1.73 16.11 -16.18
N GLY A 1 -14.29 10.79 -6.83
CA GLY A 1 -14.10 10.45 -5.42
C GLY A 1 -12.79 9.74 -5.17
N SER A 2 -12.50 8.73 -5.99
CA SER A 2 -11.27 7.96 -5.83
C SER A 2 -10.33 8.20 -7.02
N SER A 3 -9.05 8.36 -6.73
CA SER A 3 -8.06 8.58 -7.77
C SER A 3 -6.85 7.68 -7.58
N GLY A 4 -5.99 7.64 -8.60
CA GLY A 4 -4.80 6.80 -8.52
C GLY A 4 -5.11 5.34 -8.82
N SER A 5 -5.38 5.05 -10.09
CA SER A 5 -5.70 3.68 -10.50
C SER A 5 -4.76 3.22 -11.62
N SER A 6 -4.55 4.09 -12.59
CA SER A 6 -3.68 3.77 -13.72
C SER A 6 -2.43 3.04 -13.25
N GLY A 7 -2.00 2.05 -14.04
CA GLY A 7 -0.82 1.29 -13.69
C GLY A 7 -1.07 -0.21 -13.74
N ASN A 8 -0.67 -0.85 -14.84
CA ASN A 8 -0.87 -2.28 -15.00
C ASN A 8 0.25 -3.06 -14.30
N GLN A 9 0.56 -2.65 -13.08
CA GLN A 9 1.61 -3.31 -12.30
C GLN A 9 1.11 -3.67 -10.91
N LEU A 10 0.67 -4.91 -10.75
CA LEU A 10 0.17 -5.39 -9.46
C LEU A 10 1.31 -5.81 -8.54
N TRP A 11 0.98 -6.06 -7.27
CA TRP A 11 1.98 -6.48 -6.30
C TRP A 11 2.10 -7.99 -6.26
N THR A 12 3.33 -8.48 -6.15
CA THR A 12 3.58 -9.92 -6.10
C THR A 12 3.41 -10.46 -4.69
N VAL A 13 2.81 -11.66 -4.58
CA VAL A 13 2.58 -12.28 -3.29
C VAL A 13 3.70 -11.95 -2.32
N GLU A 14 4.94 -12.11 -2.76
CA GLU A 14 6.10 -11.84 -1.93
C GLU A 14 6.04 -10.41 -1.38
N GLU A 15 5.87 -9.45 -2.28
CA GLU A 15 5.80 -8.05 -1.89
C GLU A 15 4.57 -7.79 -1.02
N GLN A 16 3.42 -8.22 -1.50
CA GLN A 16 2.17 -8.03 -0.76
C GLN A 16 2.35 -8.32 0.73
N LYS A 17 2.57 -9.58 1.05
CA LYS A 17 2.76 -10.00 2.44
C LYS A 17 3.95 -9.25 3.06
N LYS A 18 5.05 -9.17 2.33
CA LYS A 18 6.24 -8.48 2.81
C LYS A 18 5.88 -7.13 3.40
N LEU A 19 5.32 -6.25 2.59
CA LEU A 19 4.93 -4.92 3.04
C LEU A 19 4.18 -4.99 4.36
N GLU A 20 3.11 -5.77 4.38
CA GLU A 20 2.31 -5.93 5.59
C GLU A 20 3.19 -5.99 6.83
N GLN A 21 4.27 -6.76 6.74
CA GLN A 21 5.20 -6.91 7.85
C GLN A 21 5.98 -5.62 8.09
N LEU A 22 6.58 -5.09 7.02
CA LEU A 22 7.35 -3.85 7.12
C LEU A 22 6.54 -2.75 7.80
N LEU A 23 5.28 -2.62 7.40
CA LEU A 23 4.40 -1.60 7.98
C LEU A 23 4.45 -1.64 9.50
N ILE A 24 4.36 -2.84 10.07
CA ILE A 24 4.41 -3.01 11.51
C ILE A 24 5.76 -2.58 12.07
N LYS A 25 6.83 -3.04 11.44
CA LYS A 25 8.18 -2.70 11.88
C LYS A 25 8.40 -1.18 11.85
N TYR A 26 7.88 -0.54 10.81
CA TYR A 26 8.02 0.91 10.67
C TYR A 26 6.71 1.62 11.00
N PRO A 27 6.56 2.01 12.27
CA PRO A 27 5.35 2.70 12.75
C PRO A 27 5.24 4.12 12.18
N PRO A 28 4.06 4.73 12.36
CA PRO A 28 3.80 6.09 11.87
C PRO A 28 4.56 7.14 12.67
N GLU A 29 4.98 8.21 11.98
CA GLU A 29 5.72 9.29 12.63
C GLU A 29 5.22 10.64 12.15
N GLU A 30 5.89 11.70 12.62
CA GLU A 30 5.51 13.06 12.25
C GLU A 30 5.44 13.21 10.72
N VAL A 31 6.43 12.63 10.03
CA VAL A 31 6.49 12.70 8.58
C VAL A 31 6.18 11.34 7.95
N GLU A 32 5.00 11.24 7.35
CA GLU A 32 4.59 9.99 6.72
C GLU A 32 5.49 9.66 5.54
N SER A 33 5.94 10.69 4.83
CA SER A 33 6.81 10.50 3.68
C SER A 33 8.01 9.62 4.03
N ARG A 34 8.77 10.04 5.03
CA ARG A 34 9.95 9.29 5.47
C ARG A 34 9.59 7.84 5.76
N ARG A 35 8.56 7.65 6.58
CA ARG A 35 8.12 6.31 6.94
C ARG A 35 8.15 5.38 5.72
N TRP A 36 7.46 5.78 4.66
CA TRP A 36 7.41 4.99 3.44
C TRP A 36 8.83 4.69 2.92
N GLN A 37 9.63 5.74 2.82
CA GLN A 37 11.00 5.59 2.34
C GLN A 37 11.70 4.43 3.03
N LYS A 38 11.54 4.35 4.35
CA LYS A 38 12.15 3.28 5.14
C LYS A 38 11.66 1.91 4.67
N ILE A 39 10.34 1.77 4.53
CA ILE A 39 9.76 0.51 4.09
C ILE A 39 10.25 0.13 2.70
N ALA A 40 10.17 1.08 1.76
CA ALA A 40 10.60 0.85 0.40
C ALA A 40 12.02 0.27 0.36
N ASP A 41 12.96 1.00 0.95
CA ASP A 41 14.35 0.56 0.98
C ASP A 41 14.44 -0.96 1.14
N GLU A 42 13.74 -1.48 2.13
CA GLU A 42 13.74 -2.93 2.38
C GLU A 42 13.26 -3.70 1.17
N LEU A 43 12.09 -3.32 0.66
CA LEU A 43 11.52 -3.99 -0.51
C LEU A 43 12.49 -3.96 -1.68
N GLY A 44 13.02 -2.77 -1.97
CA GLY A 44 13.96 -2.63 -3.06
C GLY A 44 13.28 -2.48 -4.41
N ASN A 45 12.36 -3.40 -4.70
CA ASN A 45 11.62 -3.37 -5.96
C ASN A 45 10.68 -2.17 -6.01
N ARG A 46 9.99 -1.92 -4.90
CA ARG A 46 9.05 -0.81 -4.82
C ARG A 46 9.75 0.46 -4.34
N THR A 47 9.03 1.57 -4.38
CA THR A 47 9.59 2.86 -3.95
C THR A 47 8.64 3.56 -2.98
N ALA A 48 9.21 4.44 -2.17
CA ALA A 48 8.42 5.19 -1.19
C ALA A 48 7.02 5.48 -1.72
N LYS A 49 6.95 6.16 -2.86
CA LYS A 49 5.67 6.51 -3.47
C LYS A 49 4.78 5.28 -3.60
N GLN A 50 5.20 4.34 -4.43
CA GLN A 50 4.43 3.10 -4.64
C GLN A 50 3.86 2.59 -3.32
N VAL A 51 4.73 2.48 -2.31
CA VAL A 51 4.31 2.00 -1.00
C VAL A 51 3.15 2.81 -0.46
N ALA A 52 3.24 4.13 -0.58
CA ALA A 52 2.20 5.02 -0.11
C ALA A 52 0.85 4.67 -0.72
N SER A 53 0.84 4.48 -2.04
CA SER A 53 -0.38 4.14 -2.75
C SER A 53 -0.99 2.85 -2.21
N GLN A 54 -0.13 1.87 -1.94
CA GLN A 54 -0.58 0.59 -1.42
C GLN A 54 -1.11 0.73 0.00
N VAL A 55 -0.42 1.54 0.80
CA VAL A 55 -0.82 1.77 2.18
C VAL A 55 -2.27 2.22 2.27
N GLN A 56 -2.69 3.05 1.31
CA GLN A 56 -4.04 3.56 1.28
C GLN A 56 -5.06 2.42 1.23
N LYS A 57 -4.80 1.45 0.36
CA LYS A 57 -5.68 0.30 0.20
C LYS A 57 -5.40 -0.75 1.28
N TYR A 58 -4.70 -0.34 2.33
CA TYR A 58 -4.36 -1.24 3.42
C TYR A 58 -5.02 -0.78 4.73
N PHE A 59 -5.29 0.52 4.82
CA PHE A 59 -5.91 1.10 6.01
C PHE A 59 -7.26 1.72 5.66
N ILE A 60 -7.41 2.14 4.41
CA ILE A 60 -8.65 2.76 3.97
C ILE A 60 -9.55 1.74 3.28
N LYS A 61 -8.96 0.62 2.87
CA LYS A 61 -9.71 -0.44 2.21
C LYS A 61 -10.32 -1.40 3.22
N LEU A 62 -9.55 -1.73 4.25
CA LEU A 62 -10.02 -2.63 5.29
C LEU A 62 -11.03 -1.95 6.21
N THR A 63 -11.37 -0.70 5.87
CA THR A 63 -12.32 0.07 6.66
C THR A 63 -13.65 -0.65 6.78
N LYS A 64 -14.46 -0.23 7.74
CA LYS A 64 -15.78 -0.83 7.96
C LYS A 64 -16.70 -0.56 6.78
N ALA A 65 -17.68 -1.44 6.58
CA ALA A 65 -18.63 -1.29 5.49
C ALA A 65 -19.84 -0.46 5.92
N GLY A 66 -20.11 -0.48 7.22
CA GLY A 66 -21.24 0.27 7.74
C GLY A 66 -21.38 1.64 7.10
N ILE A 67 -20.25 2.25 6.79
CA ILE A 67 -20.23 3.57 6.16
C ILE A 67 -21.33 3.69 5.10
N PRO A 68 -22.00 4.85 5.07
CA PRO A 68 -23.07 5.11 4.12
C PRO A 68 -22.55 5.27 2.70
N VAL A 69 -23.38 4.90 1.72
CA VAL A 69 -23.00 5.00 0.32
C VAL A 69 -21.49 4.86 0.14
N SER A 70 -20.90 3.94 0.90
CA SER A 70 -19.46 3.71 0.83
C SER A 70 -18.94 3.90 -0.60
N GLY A 71 -17.69 4.31 -0.71
CA GLY A 71 -17.10 4.52 -2.02
C GLY A 71 -17.64 3.57 -3.07
N PRO A 72 -18.64 4.03 -3.83
CA PRO A 72 -19.27 3.23 -4.88
C PRO A 72 -18.34 2.99 -6.06
N SER A 73 -18.85 2.32 -7.09
CA SER A 73 -18.07 2.03 -8.28
C SER A 73 -18.55 2.85 -9.47
N SER A 74 -17.79 2.82 -10.56
CA SER A 74 -18.15 3.57 -11.76
C SER A 74 -19.05 2.73 -12.67
N GLY A 75 -19.71 3.39 -13.61
CA GLY A 75 -20.60 2.71 -14.53
C GLY A 75 -20.82 3.48 -15.82
N GLY A 1 -11.64 13.56 -0.26
CA GLY A 1 -11.40 12.25 -0.85
C GLY A 1 -11.10 12.33 -2.33
N SER A 2 -10.52 11.26 -2.87
CA SER A 2 -10.17 11.22 -4.29
C SER A 2 -9.77 9.81 -4.71
N SER A 3 -9.85 9.54 -6.01
CA SER A 3 -9.49 8.22 -6.54
C SER A 3 -8.75 8.36 -7.86
N GLY A 4 -7.63 7.65 -7.97
CA GLY A 4 -6.84 7.70 -9.18
C GLY A 4 -7.67 7.43 -10.43
N SER A 5 -7.38 8.16 -11.50
CA SER A 5 -8.11 8.00 -12.75
C SER A 5 -7.41 7.01 -13.67
N SER A 6 -6.15 7.29 -13.99
CA SER A 6 -5.37 6.43 -14.86
C SER A 6 -3.98 6.17 -14.26
N GLY A 7 -3.67 4.89 -14.07
CA GLY A 7 -2.37 4.53 -13.52
C GLY A 7 -2.50 3.73 -12.24
N ASN A 8 -2.24 2.42 -12.33
CA ASN A 8 -2.34 1.54 -11.17
C ASN A 8 -1.45 0.32 -11.34
N GLN A 9 -0.38 0.25 -10.55
CA GLN A 9 0.56 -0.87 -10.62
C GLN A 9 0.23 -1.91 -9.55
N LEU A 10 -0.10 -3.12 -9.99
CA LEU A 10 -0.43 -4.21 -9.07
C LEU A 10 0.82 -4.69 -8.34
N TRP A 11 0.61 -5.40 -7.23
CA TRP A 11 1.71 -5.93 -6.44
C TRP A 11 1.77 -7.45 -6.52
N THR A 12 2.88 -8.03 -6.09
CA THR A 12 3.06 -9.47 -6.12
C THR A 12 3.05 -10.05 -4.71
N VAL A 13 2.46 -11.24 -4.57
CA VAL A 13 2.39 -11.90 -3.28
C VAL A 13 3.62 -11.60 -2.44
N GLU A 14 4.80 -11.93 -2.97
CA GLU A 14 6.05 -11.70 -2.26
C GLU A 14 6.03 -10.35 -1.56
N GLU A 15 6.00 -9.27 -2.34
CA GLU A 15 5.98 -7.93 -1.78
C GLU A 15 4.78 -7.73 -0.87
N GLN A 16 3.61 -8.12 -1.36
CA GLN A 16 2.37 -7.98 -0.58
C GLN A 16 2.61 -8.33 0.89
N LYS A 17 2.87 -9.61 1.14
CA LYS A 17 3.12 -10.09 2.50
C LYS A 17 4.37 -9.44 3.08
N LYS A 18 5.40 -9.30 2.24
CA LYS A 18 6.66 -8.71 2.67
C LYS A 18 6.44 -7.29 3.19
N LEU A 19 5.39 -6.64 2.69
CA LEU A 19 5.06 -5.28 3.11
C LEU A 19 4.27 -5.29 4.42
N GLU A 20 3.20 -6.06 4.45
CA GLU A 20 2.36 -6.16 5.64
C GLU A 20 3.20 -6.21 6.91
N GLN A 21 4.29 -6.97 6.86
CA GLN A 21 5.18 -7.10 8.01
C GLN A 21 5.89 -5.78 8.29
N LEU A 22 6.55 -5.24 7.27
CA LEU A 22 7.27 -3.98 7.41
C LEU A 22 6.36 -2.89 7.97
N LEU A 23 5.18 -2.76 7.36
CA LEU A 23 4.22 -1.74 7.80
C LEU A 23 4.19 -1.64 9.32
N ILE A 24 4.11 -2.78 9.99
CA ILE A 24 4.08 -2.82 11.44
C ILE A 24 5.42 -2.41 12.03
N LYS A 25 6.50 -3.00 11.50
CA LYS A 25 7.84 -2.69 11.96
C LYS A 25 8.08 -1.19 12.01
N TYR A 26 7.77 -0.51 10.91
CA TYR A 26 7.95 0.93 10.82
C TYR A 26 6.68 1.66 11.22
N PRO A 27 6.70 2.27 12.41
CA PRO A 27 5.56 3.03 12.94
C PRO A 27 5.30 4.32 12.16
N PRO A 28 4.08 4.86 12.29
CA PRO A 28 3.69 6.09 11.61
C PRO A 28 4.39 7.32 12.19
N GLU A 29 4.57 8.34 11.36
CA GLU A 29 5.22 9.57 11.79
C GLU A 29 4.60 10.78 11.11
N GLU A 30 4.73 11.94 11.76
CA GLU A 30 4.17 13.18 11.21
C GLU A 30 4.25 13.19 9.69
N VAL A 31 5.44 12.90 9.16
CA VAL A 31 5.64 12.87 7.72
C VAL A 31 5.62 11.45 7.18
N GLU A 32 4.45 11.01 6.72
CA GLU A 32 4.30 9.67 6.18
C GLU A 32 5.39 9.37 5.15
N SER A 33 5.73 10.38 4.36
CA SER A 33 6.75 10.22 3.33
C SER A 33 7.96 9.46 3.86
N ARG A 34 8.51 9.95 4.96
CA ARG A 34 9.68 9.31 5.58
C ARG A 34 9.42 7.82 5.82
N ARG A 35 8.24 7.51 6.35
CA ARG A 35 7.88 6.13 6.63
C ARG A 35 7.98 5.28 5.37
N TRP A 36 7.21 5.63 4.35
CA TRP A 36 7.22 4.89 3.09
C TRP A 36 8.64 4.71 2.58
N GLN A 37 9.47 5.73 2.77
CA GLN A 37 10.85 5.68 2.32
C GLN A 37 11.62 4.56 3.02
N LYS A 38 11.43 4.45 4.33
CA LYS A 38 12.09 3.42 5.11
C LYS A 38 11.71 2.02 4.62
N ILE A 39 10.41 1.81 4.43
CA ILE A 39 9.92 0.52 3.95
C ILE A 39 10.40 0.23 2.54
N ALA A 40 10.17 1.18 1.63
CA ALA A 40 10.59 1.03 0.25
C ALA A 40 12.00 0.44 0.15
N ASP A 41 12.89 0.95 0.99
CA ASP A 41 14.28 0.48 1.01
C ASP A 41 14.33 -1.05 1.18
N GLU A 42 13.61 -1.55 2.18
CA GLU A 42 13.58 -2.98 2.44
C GLU A 42 13.02 -3.74 1.25
N LEU A 43 11.87 -3.28 0.75
CA LEU A 43 11.23 -3.92 -0.40
C LEU A 43 12.18 -4.00 -1.59
N GLY A 44 12.88 -2.91 -1.86
CA GLY A 44 13.81 -2.88 -2.97
C GLY A 44 13.12 -2.74 -4.31
N ASN A 45 12.12 -3.56 -4.55
CA ASN A 45 11.38 -3.53 -5.81
C ASN A 45 10.46 -2.32 -5.85
N ARG A 46 9.73 -2.09 -4.76
CA ARG A 46 8.81 -0.95 -4.67
C ARG A 46 9.51 0.28 -4.10
N THR A 47 9.04 1.45 -4.51
CA THR A 47 9.62 2.71 -4.04
C THR A 47 8.69 3.40 -3.05
N ALA A 48 9.25 4.36 -2.30
CA ALA A 48 8.47 5.11 -1.32
C ALA A 48 7.06 5.38 -1.83
N LYS A 49 6.96 5.89 -3.05
CA LYS A 49 5.68 6.20 -3.65
C LYS A 49 4.75 4.98 -3.62
N GLN A 50 5.09 3.98 -4.43
CA GLN A 50 4.31 2.75 -4.49
C GLN A 50 3.83 2.33 -3.11
N VAL A 51 4.71 2.47 -2.12
CA VAL A 51 4.38 2.11 -0.74
C VAL A 51 3.32 3.05 -0.17
N ALA A 52 3.45 4.33 -0.48
CA ALA A 52 2.50 5.32 0.01
C ALA A 52 1.08 4.99 -0.43
N SER A 53 0.88 4.88 -1.74
CA SER A 53 -0.44 4.57 -2.29
C SER A 53 -0.92 3.20 -1.80
N GLN A 54 0.00 2.26 -1.71
CA GLN A 54 -0.32 0.91 -1.27
C GLN A 54 -0.86 0.92 0.17
N VAL A 55 -0.16 1.64 1.04
CA VAL A 55 -0.57 1.73 2.44
C VAL A 55 -1.99 2.29 2.56
N GLN A 56 -2.34 3.21 1.67
CA GLN A 56 -3.66 3.81 1.68
C GLN A 56 -4.75 2.75 1.52
N LYS A 57 -4.60 1.91 0.50
CA LYS A 57 -5.57 0.85 0.24
C LYS A 57 -5.34 -0.33 1.19
N TYR A 58 -4.51 -0.13 2.20
CA TYR A 58 -4.21 -1.17 3.16
C TYR A 58 -4.90 -0.89 4.49
N PHE A 59 -5.06 0.39 4.82
CA PHE A 59 -5.70 0.79 6.06
C PHE A 59 -7.06 1.44 5.78
N ILE A 60 -7.11 2.23 4.71
CA ILE A 60 -8.35 2.92 4.34
C ILE A 60 -9.40 1.92 3.84
N LYS A 61 -8.93 0.82 3.25
CA LYS A 61 -9.83 -0.20 2.75
C LYS A 61 -10.54 -0.93 3.88
N LEU A 62 -9.83 -1.10 5.00
CA LEU A 62 -10.41 -1.77 6.16
C LEU A 62 -11.14 -0.77 7.06
N THR A 63 -11.74 0.23 6.45
CA THR A 63 -12.48 1.25 7.19
C THR A 63 -13.92 0.84 7.42
N LYS A 64 -14.62 1.56 8.28
CA LYS A 64 -16.01 1.26 8.59
C LYS A 64 -16.78 0.92 7.31
N ALA A 65 -17.93 0.28 7.48
CA ALA A 65 -18.77 -0.10 6.33
C ALA A 65 -18.87 1.04 5.33
N GLY A 66 -19.14 0.69 4.08
CA GLY A 66 -19.26 1.69 3.04
C GLY A 66 -18.14 1.60 2.00
N ILE A 67 -17.85 0.38 1.58
CA ILE A 67 -16.80 0.15 0.59
C ILE A 67 -17.36 -0.47 -0.68
N PRO A 68 -16.89 0.03 -1.84
CA PRO A 68 -17.34 -0.47 -3.15
C PRO A 68 -16.84 -1.89 -3.43
N VAL A 69 -17.51 -2.56 -4.35
CA VAL A 69 -17.13 -3.92 -4.72
C VAL A 69 -16.65 -3.99 -6.16
N SER A 70 -17.53 -3.62 -7.10
CA SER A 70 -17.19 -3.64 -8.51
C SER A 70 -16.36 -4.87 -8.86
N GLY A 71 -16.80 -6.03 -8.38
CA GLY A 71 -16.09 -7.27 -8.65
C GLY A 71 -16.85 -8.49 -8.17
N PRO A 72 -16.73 -9.60 -8.92
CA PRO A 72 -17.41 -10.85 -8.60
C PRO A 72 -16.82 -11.52 -7.35
N SER A 73 -17.62 -12.37 -6.71
CA SER A 73 -17.18 -13.07 -5.52
C SER A 73 -16.92 -14.55 -5.80
N SER A 74 -16.21 -15.20 -4.90
CA SER A 74 -15.88 -16.62 -5.06
C SER A 74 -16.21 -17.40 -3.80
N GLY A 75 -15.58 -17.01 -2.69
CA GLY A 75 -15.82 -17.68 -1.42
C GLY A 75 -15.08 -19.01 -1.32
N GLY A 1 -21.26 0.14 -6.64
CA GLY A 1 -20.42 0.51 -7.78
C GLY A 1 -19.49 -0.62 -8.18
N SER A 2 -19.90 -1.40 -9.17
CA SER A 2 -19.09 -2.51 -9.65
C SER A 2 -18.58 -2.25 -11.06
N SER A 3 -17.27 -2.13 -11.20
CA SER A 3 -16.65 -1.87 -12.50
C SER A 3 -15.36 -2.67 -12.66
N GLY A 4 -14.84 -2.70 -13.88
CA GLY A 4 -13.61 -3.43 -14.14
C GLY A 4 -12.37 -2.65 -13.74
N SER A 5 -11.28 -3.37 -13.49
CA SER A 5 -10.02 -2.74 -13.10
C SER A 5 -8.85 -3.34 -13.86
N SER A 6 -8.01 -2.48 -14.42
CA SER A 6 -6.84 -2.93 -15.18
C SER A 6 -5.64 -2.04 -14.90
N GLY A 7 -4.60 -2.64 -14.32
CA GLY A 7 -3.40 -1.89 -14.00
C GLY A 7 -2.13 -2.60 -14.44
N ASN A 8 -1.00 -1.92 -14.34
CA ASN A 8 0.28 -2.49 -14.74
C ASN A 8 1.22 -2.59 -13.54
N GLN A 9 2.07 -3.61 -13.53
CA GLN A 9 3.02 -3.80 -12.45
C GLN A 9 2.31 -3.92 -11.11
N LEU A 10 1.25 -4.72 -11.08
CA LEU A 10 0.48 -4.92 -9.85
C LEU A 10 1.33 -5.57 -8.77
N TRP A 11 0.92 -5.40 -7.52
CA TRP A 11 1.64 -5.98 -6.40
C TRP A 11 1.63 -7.51 -6.45
N THR A 12 2.71 -8.12 -6.00
CA THR A 12 2.83 -9.58 -6.01
C THR A 12 2.83 -10.13 -4.59
N VAL A 13 2.23 -11.30 -4.42
CA VAL A 13 2.16 -11.94 -3.11
C VAL A 13 3.45 -11.72 -2.32
N GLU A 14 4.57 -11.72 -3.02
CA GLU A 14 5.87 -11.51 -2.38
C GLU A 14 5.90 -10.17 -1.65
N GLU A 15 5.42 -9.12 -2.30
CA GLU A 15 5.40 -7.79 -1.71
C GLU A 15 4.20 -7.64 -0.78
N GLN A 16 3.06 -8.21 -1.18
CA GLN A 16 1.85 -8.13 -0.39
C GLN A 16 2.09 -8.62 1.04
N LYS A 17 2.80 -9.73 1.16
CA LYS A 17 3.11 -10.29 2.47
C LYS A 17 4.26 -9.54 3.13
N LYS A 18 5.33 -9.31 2.38
CA LYS A 18 6.49 -8.60 2.89
C LYS A 18 6.09 -7.26 3.48
N LEU A 19 5.46 -6.41 2.66
CA LEU A 19 5.03 -5.10 3.11
C LEU A 19 4.30 -5.19 4.45
N GLU A 20 3.28 -6.05 4.50
CA GLU A 20 2.50 -6.23 5.72
C GLU A 20 3.41 -6.26 6.95
N GLN A 21 4.52 -6.98 6.85
CA GLN A 21 5.47 -7.09 7.94
C GLN A 21 6.15 -5.76 8.20
N LEU A 22 6.55 -5.07 7.14
CA LEU A 22 7.21 -3.78 7.25
C LEU A 22 6.29 -2.75 7.90
N LEU A 23 5.11 -2.57 7.30
CA LEU A 23 4.13 -1.62 7.81
C LEU A 23 4.11 -1.62 9.34
N ILE A 24 4.06 -2.81 9.92
CA ILE A 24 4.05 -2.95 11.36
C ILE A 24 5.40 -2.59 11.97
N LYS A 25 6.46 -3.17 11.43
CA LYS A 25 7.82 -2.91 11.91
C LYS A 25 8.07 -1.41 12.02
N TYR A 26 7.64 -0.66 11.01
CA TYR A 26 7.82 0.78 11.00
C TYR A 26 6.54 1.50 11.42
N PRO A 27 6.49 1.94 12.68
CA PRO A 27 5.33 2.64 13.23
C PRO A 27 5.17 4.04 12.66
N PRO A 28 4.00 4.65 12.89
CA PRO A 28 3.69 5.99 12.39
C PRO A 28 4.51 7.07 13.09
N GLU A 29 5.22 7.88 12.31
CA GLU A 29 6.04 8.95 12.85
C GLU A 29 5.59 10.31 12.32
N GLU A 30 5.95 11.36 13.04
CA GLU A 30 5.58 12.71 12.65
C GLU A 30 5.55 12.85 11.13
N VAL A 31 6.62 12.42 10.48
CA VAL A 31 6.74 12.49 9.03
C VAL A 31 6.24 11.20 8.38
N GLU A 32 5.45 11.33 7.32
CA GLU A 32 4.91 10.18 6.61
C GLU A 32 5.81 9.79 5.45
N SER A 33 6.46 10.79 4.85
CA SER A 33 7.34 10.55 3.72
C SER A 33 8.47 9.59 4.10
N ARG A 34 9.30 10.00 5.04
CA ARG A 34 10.41 9.17 5.49
C ARG A 34 9.94 7.76 5.82
N ARG A 35 8.77 7.66 6.43
CA ARG A 35 8.21 6.37 6.80
C ARG A 35 8.11 5.45 5.59
N TRP A 36 7.68 6.01 4.46
CA TRP A 36 7.55 5.23 3.23
C TRP A 36 8.92 4.96 2.62
N GLN A 37 9.83 5.92 2.74
CA GLN A 37 11.17 5.78 2.19
C GLN A 37 11.87 4.55 2.77
N LYS A 38 11.64 4.30 4.06
CA LYS A 38 12.24 3.16 4.74
C LYS A 38 11.65 1.85 4.23
N ILE A 39 10.34 1.68 4.42
CA ILE A 39 9.65 0.48 3.98
C ILE A 39 10.07 0.10 2.56
N ALA A 40 10.06 1.08 1.66
CA ALA A 40 10.43 0.84 0.27
C ALA A 40 11.89 0.42 0.16
N ASP A 41 12.80 1.35 0.45
CA ASP A 41 14.22 1.07 0.38
C ASP A 41 14.55 -0.27 1.02
N GLU A 42 13.72 -0.68 1.98
CA GLU A 42 13.92 -1.95 2.68
C GLU A 42 13.59 -3.13 1.76
N LEU A 43 12.51 -2.99 0.99
CA LEU A 43 12.10 -4.05 0.07
C LEU A 43 13.15 -4.29 -0.98
N GLY A 44 13.51 -3.25 -1.72
CA GLY A 44 14.51 -3.37 -2.77
C GLY A 44 13.95 -3.09 -4.15
N ASN A 45 12.66 -3.37 -4.33
CA ASN A 45 12.01 -3.14 -5.62
C ASN A 45 11.05 -1.95 -5.53
N ARG A 46 10.10 -2.03 -4.61
CA ARG A 46 9.12 -0.96 -4.42
C ARG A 46 9.81 0.34 -4.06
N THR A 47 9.03 1.43 -4.07
CA THR A 47 9.56 2.76 -3.74
C THR A 47 8.64 3.50 -2.77
N ALA A 48 9.21 4.44 -2.03
CA ALA A 48 8.43 5.22 -1.08
C ALA A 48 7.03 5.50 -1.59
N LYS A 49 6.94 5.85 -2.88
CA LYS A 49 5.66 6.14 -3.50
C LYS A 49 4.77 4.90 -3.52
N GLN A 50 5.14 3.92 -4.34
CA GLN A 50 4.36 2.69 -4.44
C GLN A 50 3.80 2.28 -3.09
N VAL A 51 4.64 2.36 -2.06
CA VAL A 51 4.24 1.99 -0.71
C VAL A 51 3.05 2.85 -0.24
N ALA A 52 3.23 4.16 -0.32
CA ALA A 52 2.17 5.09 0.10
C ALA A 52 0.83 4.68 -0.50
N SER A 53 0.74 4.68 -1.82
CA SER A 53 -0.49 4.33 -2.50
C SER A 53 -1.09 3.04 -1.93
N GLN A 54 -0.26 2.00 -1.87
CA GLN A 54 -0.69 0.71 -1.35
C GLN A 54 -1.28 0.86 0.06
N VAL A 55 -0.48 1.42 0.96
CA VAL A 55 -0.92 1.63 2.34
C VAL A 55 -2.39 2.00 2.40
N GLN A 56 -2.77 3.03 1.64
CA GLN A 56 -4.16 3.48 1.61
C GLN A 56 -5.09 2.36 1.19
N LYS A 57 -4.66 1.57 0.21
CA LYS A 57 -5.45 0.45 -0.29
C LYS A 57 -5.39 -0.73 0.67
N TYR A 58 -4.80 -0.50 1.84
CA TYR A 58 -4.68 -1.55 2.84
C TYR A 58 -5.49 -1.21 4.09
N PHE A 59 -5.32 0.01 4.58
CA PHE A 59 -6.02 0.47 5.78
C PHE A 59 -7.33 1.16 5.39
N ILE A 60 -7.26 2.11 4.48
CA ILE A 60 -8.43 2.83 4.03
C ILE A 60 -9.36 1.93 3.22
N LYS A 61 -8.77 1.03 2.44
CA LYS A 61 -9.55 0.11 1.62
C LYS A 61 -10.63 -0.57 2.45
N LEU A 62 -10.37 -0.72 3.74
CA LEU A 62 -11.33 -1.36 4.65
C LEU A 62 -12.69 -0.69 4.56
N THR A 63 -12.70 0.61 4.29
CA THR A 63 -13.94 1.36 4.17
C THR A 63 -14.99 0.59 3.39
N LYS A 64 -14.52 -0.34 2.55
CA LYS A 64 -15.42 -1.16 1.75
C LYS A 64 -16.39 -0.29 0.95
N ALA A 65 -15.86 0.76 0.33
CA ALA A 65 -16.67 1.67 -0.47
C ALA A 65 -15.86 2.26 -1.61
N GLY A 66 -16.41 2.19 -2.82
CA GLY A 66 -15.73 2.72 -3.99
C GLY A 66 -14.80 1.71 -4.63
N ILE A 67 -14.12 0.93 -3.79
CA ILE A 67 -13.19 -0.08 -4.30
C ILE A 67 -13.83 -0.91 -5.41
N PRO A 68 -13.06 -1.15 -6.49
CA PRO A 68 -13.53 -1.93 -7.63
C PRO A 68 -13.68 -3.41 -7.30
N VAL A 69 -14.90 -3.93 -7.45
CA VAL A 69 -15.18 -5.33 -7.17
C VAL A 69 -14.01 -6.22 -7.60
N SER A 70 -13.75 -7.26 -6.81
CA SER A 70 -12.66 -8.18 -7.11
C SER A 70 -13.08 -9.62 -6.84
N GLY A 71 -12.39 -10.56 -7.48
CA GLY A 71 -12.71 -11.97 -7.30
C GLY A 71 -11.92 -12.60 -6.18
N PRO A 72 -12.54 -13.57 -5.49
CA PRO A 72 -11.91 -14.28 -4.38
C PRO A 72 -10.77 -15.19 -4.84
N SER A 73 -9.61 -15.06 -4.20
CA SER A 73 -8.45 -15.87 -4.54
C SER A 73 -8.83 -17.35 -4.65
N SER A 74 -8.20 -18.05 -5.60
CA SER A 74 -8.48 -19.46 -5.81
C SER A 74 -7.34 -20.32 -5.25
N GLY A 75 -7.72 -21.37 -4.52
CA GLY A 75 -6.72 -22.26 -3.95
C GLY A 75 -6.99 -23.72 -4.28
N GLY A 1 -10.54 -18.16 -1.11
CA GLY A 1 -9.55 -17.13 -0.91
C GLY A 1 -9.65 -16.02 -1.93
N SER A 2 -10.12 -14.87 -1.50
CA SER A 2 -10.28 -13.71 -2.40
C SER A 2 -9.01 -13.51 -3.23
N SER A 3 -9.19 -13.37 -4.54
CA SER A 3 -8.07 -13.15 -5.45
C SER A 3 -8.55 -12.71 -6.81
N GLY A 4 -7.61 -12.29 -7.67
CA GLY A 4 -7.96 -11.84 -8.99
C GLY A 4 -6.79 -11.87 -9.95
N SER A 5 -6.80 -12.82 -10.87
CA SER A 5 -5.72 -12.96 -11.84
C SER A 5 -5.98 -12.10 -13.08
N SER A 6 -5.70 -10.81 -12.95
CA SER A 6 -5.90 -9.87 -14.05
C SER A 6 -5.22 -8.54 -13.77
N GLY A 7 -4.35 -8.12 -14.68
CA GLY A 7 -3.64 -6.86 -14.51
C GLY A 7 -2.15 -7.00 -14.74
N ASN A 8 -1.45 -5.86 -14.80
CA ASN A 8 -0.02 -5.85 -15.04
C ASN A 8 0.71 -5.03 -13.96
N GLN A 9 1.99 -5.31 -13.78
CA GLN A 9 2.79 -4.60 -12.79
C GLN A 9 2.03 -4.45 -11.48
N LEU A 10 1.44 -5.55 -11.02
CA LEU A 10 0.68 -5.54 -9.77
C LEU A 10 1.44 -6.26 -8.66
N TRP A 11 1.45 -5.65 -7.48
CA TRP A 11 2.15 -6.22 -6.34
C TRP A 11 2.07 -7.74 -6.36
N THR A 12 3.21 -8.40 -6.11
CA THR A 12 3.26 -9.85 -6.10
C THR A 12 3.19 -10.39 -4.68
N VAL A 13 2.60 -11.58 -4.54
CA VAL A 13 2.47 -12.22 -3.23
C VAL A 13 3.67 -11.89 -2.34
N GLU A 14 4.87 -12.20 -2.85
CA GLU A 14 6.08 -11.94 -2.09
C GLU A 14 6.07 -10.55 -1.48
N GLU A 15 5.92 -9.53 -2.33
CA GLU A 15 5.90 -8.15 -1.88
C GLU A 15 4.71 -7.91 -0.94
N GLN A 16 3.53 -8.27 -1.40
CA GLN A 16 2.32 -8.09 -0.61
C GLN A 16 2.59 -8.36 0.87
N LYS A 17 2.83 -9.63 1.19
CA LYS A 17 3.11 -10.03 2.56
C LYS A 17 4.32 -9.29 3.12
N LYS A 18 5.37 -9.21 2.32
CA LYS A 18 6.60 -8.52 2.72
C LYS A 18 6.28 -7.16 3.31
N LEU A 19 5.33 -6.46 2.70
CA LEU A 19 4.93 -5.14 3.17
C LEU A 19 4.20 -5.23 4.50
N GLU A 20 3.05 -5.92 4.50
CA GLU A 20 2.26 -6.09 5.71
C GLU A 20 3.15 -6.19 6.94
N GLN A 21 4.28 -6.89 6.79
CA GLN A 21 5.22 -7.05 7.89
C GLN A 21 6.01 -5.77 8.14
N LEU A 22 6.48 -5.16 7.06
CA LEU A 22 7.25 -3.93 7.15
C LEU A 22 6.44 -2.82 7.83
N LEU A 23 5.15 -2.77 7.51
CA LEU A 23 4.26 -1.77 8.09
C LEU A 23 4.41 -1.73 9.61
N ILE A 24 4.34 -2.90 10.23
CA ILE A 24 4.45 -2.99 11.68
C ILE A 24 5.85 -2.56 12.15
N LYS A 25 6.87 -3.08 11.49
CA LYS A 25 8.25 -2.75 11.82
C LYS A 25 8.48 -1.25 11.79
N TYR A 26 7.93 -0.60 10.76
CA TYR A 26 8.07 0.84 10.60
C TYR A 26 6.78 1.56 10.97
N PRO A 27 6.67 1.97 12.24
CA PRO A 27 5.50 2.68 12.75
C PRO A 27 5.38 4.09 12.19
N PRO A 28 4.20 4.70 12.36
CA PRO A 28 3.92 6.05 11.87
C PRO A 28 4.70 7.12 12.65
N GLU A 29 4.98 8.23 11.99
CA GLU A 29 5.72 9.33 12.62
C GLU A 29 5.24 10.68 12.09
N GLU A 30 5.74 11.75 12.70
CA GLU A 30 5.37 13.10 12.28
C GLU A 30 5.24 13.19 10.77
N VAL A 31 6.21 12.64 10.05
CA VAL A 31 6.20 12.66 8.60
C VAL A 31 6.10 11.24 8.03
N GLU A 32 5.00 10.95 7.35
CA GLU A 32 4.78 9.64 6.76
C GLU A 32 5.66 9.44 5.53
N SER A 33 6.03 10.55 4.90
CA SER A 33 6.86 10.50 3.70
C SER A 33 8.13 9.69 3.95
N ARG A 34 8.87 10.08 4.98
CA ARG A 34 10.12 9.39 5.34
C ARG A 34 9.83 7.94 5.71
N ARG A 35 8.72 7.71 6.40
CA ARG A 35 8.35 6.36 6.82
C ARG A 35 8.30 5.42 5.63
N TRP A 36 7.61 5.83 4.57
CA TRP A 36 7.49 5.01 3.37
C TRP A 36 8.86 4.76 2.74
N GLN A 37 9.72 5.76 2.80
CA GLN A 37 11.07 5.64 2.25
C GLN A 37 11.83 4.48 2.89
N LYS A 38 11.70 4.37 4.22
CA LYS A 38 12.38 3.31 4.95
C LYS A 38 11.88 1.93 4.51
N ILE A 39 10.56 1.80 4.37
CA ILE A 39 9.96 0.55 3.94
C ILE A 39 10.38 0.18 2.53
N ALA A 40 10.21 1.14 1.62
CA ALA A 40 10.58 0.92 0.21
C ALA A 40 12.00 0.40 0.08
N ASP A 41 12.96 1.15 0.63
CA ASP A 41 14.35 0.76 0.58
C ASP A 41 14.53 -0.70 0.98
N GLU A 42 13.71 -1.15 1.94
CA GLU A 42 13.78 -2.53 2.41
C GLU A 42 13.24 -3.49 1.36
N LEU A 43 12.06 -3.17 0.83
CA LEU A 43 11.42 -4.00 -0.18
C LEU A 43 12.40 -4.35 -1.29
N GLY A 44 13.25 -3.39 -1.66
CA GLY A 44 14.23 -3.61 -2.71
C GLY A 44 14.08 -2.64 -3.86
N ASN A 45 13.01 -2.80 -4.63
CA ASN A 45 12.75 -1.92 -5.77
C ASN A 45 11.67 -0.91 -5.45
N ARG A 46 10.62 -1.36 -4.76
CA ARG A 46 9.51 -0.50 -4.38
C ARG A 46 10.03 0.82 -3.79
N THR A 47 9.34 1.91 -4.11
CA THR A 47 9.72 3.22 -3.62
C THR A 47 8.69 3.77 -2.64
N ALA A 48 9.07 4.78 -1.88
CA ALA A 48 8.18 5.40 -0.91
C ALA A 48 6.78 5.58 -1.49
N LYS A 49 6.71 5.93 -2.76
CA LYS A 49 5.43 6.13 -3.44
C LYS A 49 4.60 4.85 -3.43
N GLN A 50 5.04 3.87 -4.23
CA GLN A 50 4.33 2.59 -4.31
C GLN A 50 3.79 2.18 -2.95
N VAL A 51 4.62 2.29 -1.92
CA VAL A 51 4.21 1.93 -0.56
C VAL A 51 3.12 2.87 -0.05
N ALA A 52 3.28 4.16 -0.33
CA ALA A 52 2.32 5.16 0.10
C ALA A 52 0.92 4.85 -0.45
N SER A 53 0.83 4.73 -1.77
CA SER A 53 -0.44 4.44 -2.43
C SER A 53 -1.03 3.13 -1.90
N GLN A 54 -0.19 2.11 -1.83
CA GLN A 54 -0.64 0.80 -1.35
C GLN A 54 -1.27 0.91 0.04
N VAL A 55 -0.54 1.56 0.95
CA VAL A 55 -1.03 1.74 2.32
C VAL A 55 -2.46 2.28 2.32
N GLN A 56 -2.78 3.08 1.31
CA GLN A 56 -4.11 3.67 1.21
C GLN A 56 -5.17 2.59 1.03
N LYS A 57 -4.99 1.74 0.02
CA LYS A 57 -5.94 0.65 -0.24
C LYS A 57 -5.84 -0.43 0.82
N TYR A 58 -4.95 -0.22 1.79
CA TYR A 58 -4.76 -1.19 2.87
C TYR A 58 -5.45 -0.74 4.14
N PHE A 59 -5.47 0.58 4.36
CA PHE A 59 -6.09 1.15 5.55
C PHE A 59 -7.34 1.93 5.18
N ILE A 60 -7.17 2.97 4.37
CA ILE A 60 -8.29 3.80 3.93
C ILE A 60 -9.41 2.94 3.35
N LYS A 61 -9.05 2.00 2.49
CA LYS A 61 -10.03 1.12 1.86
C LYS A 61 -11.09 0.69 2.87
N LEU A 62 -10.66 0.38 4.09
CA LEU A 62 -11.57 -0.04 5.14
C LEU A 62 -12.90 0.71 5.05
N THR A 63 -12.82 2.03 4.91
CA THR A 63 -14.01 2.86 4.81
C THR A 63 -15.12 2.14 4.05
N LYS A 64 -16.36 2.45 4.40
CA LYS A 64 -17.52 1.83 3.76
C LYS A 64 -18.47 2.89 3.19
N ALA A 65 -17.90 3.85 2.46
CA ALA A 65 -18.69 4.92 1.88
C ALA A 65 -18.19 5.27 0.47
N GLY A 66 -19.11 5.63 -0.41
CA GLY A 66 -18.74 5.97 -1.77
C GLY A 66 -18.09 4.81 -2.50
N ILE A 67 -18.50 3.60 -2.17
CA ILE A 67 -17.96 2.40 -2.80
C ILE A 67 -19.07 1.45 -3.22
N PRO A 68 -18.91 0.87 -4.42
CA PRO A 68 -19.90 -0.06 -4.98
C PRO A 68 -19.93 -1.39 -4.23
N VAL A 69 -21.07 -1.71 -3.63
CA VAL A 69 -21.22 -2.95 -2.88
C VAL A 69 -20.66 -4.13 -3.66
N SER A 70 -19.88 -4.96 -2.98
CA SER A 70 -19.27 -6.13 -3.60
C SER A 70 -18.99 -7.22 -2.57
N GLY A 71 -19.39 -8.45 -2.89
CA GLY A 71 -19.16 -9.55 -1.97
C GLY A 71 -20.22 -9.63 -0.88
N PRO A 72 -20.55 -10.86 -0.46
CA PRO A 72 -21.55 -11.08 0.59
C PRO A 72 -21.06 -10.64 1.96
N SER A 73 -19.76 -10.43 2.08
CA SER A 73 -19.17 -10.00 3.34
C SER A 73 -19.48 -8.53 3.62
N SER A 74 -18.84 -7.64 2.86
CA SER A 74 -19.06 -6.21 3.03
C SER A 74 -20.50 -5.84 2.74
N GLY A 75 -20.97 -6.17 1.54
CA GLY A 75 -22.33 -5.87 1.15
C GLY A 75 -23.35 -6.73 1.88
N GLY A 1 -7.27 -19.12 -5.55
CA GLY A 1 -6.50 -18.44 -6.58
C GLY A 1 -7.35 -17.52 -7.43
N SER A 2 -6.80 -17.06 -8.54
CA SER A 2 -7.51 -16.17 -9.44
C SER A 2 -7.72 -16.81 -10.80
N SER A 3 -8.45 -16.13 -11.68
CA SER A 3 -8.72 -16.63 -13.02
C SER A 3 -7.83 -15.95 -14.05
N GLY A 4 -7.91 -16.41 -15.29
CA GLY A 4 -7.11 -15.83 -16.36
C GLY A 4 -7.65 -14.49 -16.83
N SER A 5 -6.78 -13.49 -16.89
CA SER A 5 -7.19 -12.16 -17.33
C SER A 5 -5.96 -11.32 -17.71
N SER A 6 -6.15 -10.42 -18.67
CA SER A 6 -5.06 -9.57 -19.13
C SER A 6 -4.71 -8.53 -18.06
N GLY A 7 -3.42 -8.22 -17.96
CA GLY A 7 -2.97 -7.25 -16.97
C GLY A 7 -2.58 -7.90 -15.65
N ASN A 8 -3.26 -7.51 -14.59
CA ASN A 8 -2.98 -8.05 -13.26
C ASN A 8 -1.61 -7.58 -12.76
N GLN A 9 -1.31 -6.31 -13.01
CA GLN A 9 -0.03 -5.74 -12.58
C GLN A 9 -0.13 -5.18 -11.17
N LEU A 10 -0.80 -5.92 -10.30
CA LEU A 10 -0.97 -5.50 -8.91
C LEU A 10 -0.02 -6.26 -7.99
N TRP A 11 0.24 -5.69 -6.81
CA TRP A 11 1.12 -6.31 -5.85
C TRP A 11 0.92 -7.83 -5.81
N THR A 12 2.02 -8.57 -5.75
CA THR A 12 1.97 -10.02 -5.71
C THR A 12 2.03 -10.55 -4.29
N VAL A 13 1.77 -11.83 -4.12
CA VAL A 13 1.78 -12.46 -2.80
C VAL A 13 3.09 -12.14 -2.06
N GLU A 14 4.21 -12.26 -2.77
CA GLU A 14 5.51 -11.99 -2.18
C GLU A 14 5.55 -10.58 -1.58
N GLU A 15 5.40 -9.58 -2.43
CA GLU A 15 5.43 -8.19 -1.99
C GLU A 15 4.42 -7.97 -0.86
N GLN A 16 3.19 -8.42 -1.07
CA GLN A 16 2.13 -8.27 -0.08
C GLN A 16 2.68 -8.48 1.33
N LYS A 17 3.09 -9.70 1.63
CA LYS A 17 3.63 -10.03 2.95
C LYS A 17 4.88 -9.20 3.24
N LYS A 18 5.65 -8.91 2.19
CA LYS A 18 6.87 -8.12 2.33
C LYS A 18 6.56 -6.72 2.86
N LEU A 19 5.39 -6.21 2.52
CA LEU A 19 4.98 -4.88 2.96
C LEU A 19 4.24 -4.96 4.29
N GLU A 20 3.34 -5.94 4.42
CA GLU A 20 2.58 -6.13 5.65
C GLU A 20 3.50 -6.26 6.85
N GLN A 21 4.58 -7.03 6.67
CA GLN A 21 5.55 -7.26 7.74
C GLN A 21 6.29 -5.96 8.08
N LEU A 22 6.83 -5.31 7.05
CA LEU A 22 7.56 -4.06 7.24
C LEU A 22 6.68 -3.01 7.91
N LEU A 23 5.44 -2.90 7.45
CA LEU A 23 4.50 -1.94 8.02
C LEU A 23 4.50 -1.98 9.54
N ILE A 24 4.53 -3.20 10.09
CA ILE A 24 4.54 -3.38 11.53
C ILE A 24 5.83 -2.85 12.14
N LYS A 25 6.97 -3.29 11.61
CA LYS A 25 8.27 -2.85 12.10
C LYS A 25 8.38 -1.33 12.07
N TYR A 26 7.82 -0.72 11.03
CA TYR A 26 7.85 0.72 10.89
C TYR A 26 6.50 1.35 11.23
N PRO A 27 6.33 1.75 12.49
CA PRO A 27 5.10 2.37 12.98
C PRO A 27 4.88 3.76 12.41
N PRO A 28 3.63 4.24 12.50
CA PRO A 28 3.26 5.57 12.00
C PRO A 28 3.88 6.69 12.82
N GLU A 29 4.60 7.59 12.14
CA GLU A 29 5.23 8.72 12.82
C GLU A 29 4.60 10.04 12.39
N GLU A 30 5.17 11.14 12.86
CA GLU A 30 4.67 12.47 12.52
C GLU A 30 4.44 12.60 11.01
N VAL A 31 5.45 12.22 10.24
CA VAL A 31 5.37 12.30 8.78
C VAL A 31 5.28 10.91 8.18
N GLU A 32 4.64 10.83 7.01
CA GLU A 32 4.48 9.54 6.32
C GLU A 32 5.50 9.41 5.19
N SER A 33 5.89 10.54 4.61
CA SER A 33 6.86 10.55 3.52
C SER A 33 8.08 9.72 3.88
N ARG A 34 8.84 10.19 4.86
CA ARG A 34 10.04 9.48 5.30
C ARG A 34 9.71 8.04 5.69
N ARG A 35 8.61 7.86 6.39
CA ARG A 35 8.19 6.53 6.83
C ARG A 35 8.13 5.56 5.64
N TRP A 36 7.70 6.07 4.49
CA TRP A 36 7.59 5.25 3.29
C TRP A 36 8.98 4.96 2.72
N GLN A 37 9.93 5.85 2.98
CA GLN A 37 11.29 5.68 2.48
C GLN A 37 11.97 4.49 3.16
N LYS A 38 11.76 4.35 4.47
CA LYS A 38 12.35 3.26 5.23
C LYS A 38 11.82 1.92 4.75
N ILE A 39 10.50 1.78 4.74
CA ILE A 39 9.86 0.54 4.29
C ILE A 39 10.27 0.20 2.87
N ALA A 40 10.19 1.17 1.98
CA ALA A 40 10.54 0.97 0.58
C ALA A 40 11.95 0.40 0.46
N ASP A 41 12.93 1.11 1.01
CA ASP A 41 14.32 0.66 0.96
C ASP A 41 14.41 -0.86 1.15
N GLU A 42 13.73 -1.36 2.19
CA GLU A 42 13.74 -2.78 2.46
C GLU A 42 13.23 -3.59 1.27
N LEU A 43 12.02 -3.28 0.83
CA LEU A 43 11.41 -3.96 -0.31
C LEU A 43 12.44 -4.17 -1.42
N GLY A 44 13.12 -3.09 -1.81
CA GLY A 44 14.11 -3.18 -2.85
C GLY A 44 13.55 -2.85 -4.22
N ASN A 45 12.29 -3.21 -4.44
CA ASN A 45 11.62 -2.96 -5.71
C ASN A 45 10.73 -1.73 -5.62
N ARG A 46 9.76 -1.77 -4.72
CA ARG A 46 8.83 -0.65 -4.54
C ARG A 46 9.58 0.58 -4.02
N THR A 47 8.89 1.72 -4.06
CA THR A 47 9.48 2.97 -3.60
C THR A 47 8.58 3.66 -2.58
N ALA A 48 9.13 4.64 -1.87
CA ALA A 48 8.37 5.38 -0.87
C ALA A 48 6.98 5.74 -1.40
N LYS A 49 6.92 6.15 -2.66
CA LYS A 49 5.65 6.52 -3.28
C LYS A 49 4.76 5.29 -3.47
N GLN A 50 5.15 4.43 -4.40
CA GLN A 50 4.39 3.21 -4.68
C GLN A 50 3.88 2.58 -3.39
N VAL A 51 4.67 2.70 -2.33
CA VAL A 51 4.29 2.14 -1.04
C VAL A 51 3.18 2.95 -0.38
N ALA A 52 3.28 4.28 -0.49
CA ALA A 52 2.29 5.17 0.08
C ALA A 52 0.89 4.88 -0.48
N SER A 53 0.80 4.74 -1.79
CA SER A 53 -0.47 4.46 -2.45
C SER A 53 -1.04 3.13 -1.97
N GLN A 54 -0.22 2.09 -1.99
CA GLN A 54 -0.64 0.77 -1.56
C GLN A 54 -1.29 0.82 -0.18
N VAL A 55 -0.64 1.51 0.75
CA VAL A 55 -1.17 1.64 2.10
C VAL A 55 -2.59 2.17 2.09
N GLN A 56 -2.85 3.14 1.22
CA GLN A 56 -4.17 3.74 1.12
C GLN A 56 -5.24 2.67 0.93
N LYS A 57 -5.02 1.79 -0.04
CA LYS A 57 -5.96 0.71 -0.31
C LYS A 57 -5.72 -0.48 0.61
N TYR A 58 -5.08 -0.21 1.74
CA TYR A 58 -4.79 -1.26 2.72
C TYR A 58 -5.41 -0.95 4.07
N PHE A 59 -5.41 0.33 4.43
CA PHE A 59 -5.97 0.78 5.70
C PHE A 59 -7.30 1.49 5.48
N ILE A 60 -7.29 2.48 4.59
CA ILE A 60 -8.49 3.24 4.29
C ILE A 60 -9.60 2.34 3.76
N LYS A 61 -9.24 1.42 2.87
CA LYS A 61 -10.20 0.50 2.29
C LYS A 61 -11.03 -0.18 3.37
N LEU A 62 -10.39 -0.57 4.45
CA LEU A 62 -11.07 -1.22 5.56
C LEU A 62 -12.08 -0.28 6.21
N THR A 63 -11.66 0.97 6.41
CA THR A 63 -12.53 1.98 7.03
C THR A 63 -13.95 1.87 6.50
N LYS A 64 -14.10 2.01 5.18
CA LYS A 64 -15.41 1.92 4.55
C LYS A 64 -16.32 3.05 5.01
N ALA A 65 -15.76 4.26 5.12
CA ALA A 65 -16.51 5.42 5.55
C ALA A 65 -15.69 6.70 5.42
N GLY A 66 -16.37 7.83 5.25
CA GLY A 66 -15.68 9.09 5.11
C GLY A 66 -14.67 9.08 3.98
N ILE A 67 -15.03 8.46 2.87
CA ILE A 67 -14.14 8.38 1.71
C ILE A 67 -14.69 9.18 0.54
N PRO A 68 -13.80 9.90 -0.16
CA PRO A 68 -14.18 10.72 -1.31
C PRO A 68 -14.58 9.87 -2.53
N VAL A 69 -15.44 10.43 -3.37
CA VAL A 69 -15.91 9.72 -4.55
C VAL A 69 -15.50 10.46 -5.82
N SER A 70 -15.63 11.78 -5.81
CA SER A 70 -15.27 12.60 -6.96
C SER A 70 -14.23 13.63 -6.58
N GLY A 71 -13.26 13.85 -7.47
CA GLY A 71 -12.21 14.82 -7.22
C GLY A 71 -11.66 15.42 -8.49
N PRO A 72 -12.34 16.45 -9.01
CA PRO A 72 -11.93 17.14 -10.24
C PRO A 72 -10.65 17.95 -10.04
N SER A 73 -10.56 18.64 -8.91
CA SER A 73 -9.39 19.46 -8.61
C SER A 73 -8.13 18.61 -8.58
N SER A 74 -7.10 19.07 -9.30
CA SER A 74 -5.83 18.36 -9.36
C SER A 74 -5.04 18.53 -8.07
N GLY A 75 -4.98 19.77 -7.59
CA GLY A 75 -4.25 20.06 -6.37
C GLY A 75 -2.79 20.38 -6.62
#